data_4OAJ
# 
_entry.id   4OAJ 
# 
_audit_conform.dict_name       mmcif_pdbx.dic 
_audit_conform.dict_version    5.387 
_audit_conform.dict_location   http://mmcif.pdb.org/dictionaries/ascii/mmcif_pdbx.dic 
# 
loop_
_database_2.database_id 
_database_2.database_code 
_database_2.pdbx_database_accession 
_database_2.pdbx_DOI 
PDB   4OAJ         pdb_00004oaj 10.2210/pdb4oaj/pdb 
RCSB  RCSB084248   ?            ?                   
WWPDB D_1000084248 ?            ?                   
# 
loop_
_pdbx_audit_revision_history.ordinal 
_pdbx_audit_revision_history.data_content_type 
_pdbx_audit_revision_history.major_revision 
_pdbx_audit_revision_history.minor_revision 
_pdbx_audit_revision_history.revision_date 
1 'Structure model' 1 0 2014-01-29 
2 'Structure model' 1 1 2018-01-24 
3 'Structure model' 1 2 2024-02-28 
# 
_pdbx_audit_revision_details.ordinal             1 
_pdbx_audit_revision_details.revision_ordinal    1 
_pdbx_audit_revision_details.data_content_type   'Structure model' 
_pdbx_audit_revision_details.provider            repository 
_pdbx_audit_revision_details.type                'Initial release' 
_pdbx_audit_revision_details.description         ? 
_pdbx_audit_revision_details.details             ? 
# 
loop_
_pdbx_audit_revision_group.ordinal 
_pdbx_audit_revision_group.revision_ordinal 
_pdbx_audit_revision_group.data_content_type 
_pdbx_audit_revision_group.group 
1 2 'Structure model' 'Database references' 
2 2 'Structure model' 'Structure summary'   
3 3 'Structure model' 'Data collection'     
4 3 'Structure model' 'Database references' 
# 
loop_
_pdbx_audit_revision_category.ordinal 
_pdbx_audit_revision_category.revision_ordinal 
_pdbx_audit_revision_category.data_content_type 
_pdbx_audit_revision_category.category 
1 2 'Structure model' audit_author       
2 2 'Structure model' citation_author    
3 3 'Structure model' chem_comp_atom     
4 3 'Structure model' chem_comp_bond     
5 3 'Structure model' database_2         
6 3 'Structure model' struct_ref_seq_dif 
# 
loop_
_pdbx_audit_revision_item.ordinal 
_pdbx_audit_revision_item.revision_ordinal 
_pdbx_audit_revision_item.data_content_type 
_pdbx_audit_revision_item.item 
1 2 'Structure model' '_audit_author.name'                  
2 2 'Structure model' '_citation_author.name'               
3 3 'Structure model' '_database_2.pdbx_DOI'                
4 3 'Structure model' '_database_2.pdbx_database_accession' 
5 3 'Structure model' '_struct_ref_seq_dif.details'         
# 
_pdbx_database_status.status_code                     REL 
_pdbx_database_status.entry_id                        4OAJ 
_pdbx_database_status.recvd_initial_deposition_date   2014-01-04 
_pdbx_database_status.deposit_site                    RCSB 
_pdbx_database_status.process_site                    RCSB 
_pdbx_database_status.status_code_sf                  REL 
_pdbx_database_status.status_code_mr                  ? 
_pdbx_database_status.SG_entry                        ? 
_pdbx_database_status.status_code_cs                  ? 
_pdbx_database_status.methods_development_category    ? 
_pdbx_database_status.pdb_format_compatible           Y 
_pdbx_database_status.status_code_nmr_data            ? 
# 
loop_
_audit_author.name 
_audit_author.pdbx_ordinal 
'Pandalaneni, S.' 1 
'Dorr, L.'        2 
'Mayans, O.'      3 
'Lian, L.-Y.'     4 
# 
_citation.id                        primary 
_citation.title                     'Crystal structure of the complex between SAP97 PDZ2 and 5HT2A receptor peptide' 
_citation.journal_abbrev            'To be Published' 
_citation.journal_volume            ? 
_citation.page_first                ? 
_citation.page_last                 ? 
_citation.year                      ? 
_citation.journal_id_ASTM           ? 
_citation.country                   ? 
_citation.journal_id_ISSN           ? 
_citation.journal_id_CSD            0353 
_citation.book_publisher            ? 
_citation.pdbx_database_id_PubMed   ? 
_citation.pdbx_database_id_DOI      ? 
# 
loop_
_citation_author.citation_id 
_citation_author.name 
_citation_author.ordinal 
_citation_author.identifier_ORCID 
primary 'Pandalaneni, S.' 1 ? 
primary 'Dorr, L.'        2 ? 
primary 'Mayans, O.'      3 ? 
primary 'Lian, L.-Y.'     4 ? 
# 
loop_
_entity.id 
_entity.type 
_entity.src_method 
_entity.pdbx_description 
_entity.formula_weight 
_entity.pdbx_number_of_molecules 
_entity.pdbx_ec 
_entity.pdbx_mutation 
_entity.pdbx_fragment 
_entity.details 
1 polymer man 'Disks large homolog 1'                   9656.164 1  ? ? 'PDZ 2 domain'         ? 
2 polymer syn '5-hydroxytryptamine receptor 2A peptide' 778.894  1  ? ? 'UNP residues 465-471' ? 
3 water   nat water                                     18.015   14 ? ? ?                      ? 
# 
_entity_name_com.entity_id   1 
_entity_name_com.name        'Embryo-dlg/synapse-associated protein 97, E-dlg/SAP97, Synapse-associated protein 97, SAP-97, SAP97' 
# 
loop_
_entity_poly.entity_id 
_entity_poly.type 
_entity_poly.nstd_linkage 
_entity_poly.nstd_monomer 
_entity_poly.pdbx_seq_one_letter_code 
_entity_poly.pdbx_seq_one_letter_code_can 
_entity_poly.pdbx_strand_id 
_entity_poly.pdbx_target_identifier 
1 'polypeptide(L)' no no 
;AAIMEIKLIKGPKGLGFSIAGGVGNQHIPGDNSIYVTKIIEGGAAHKDGKLQIGDKLLAVNSVCLEEVTHEEAVTALKNT
SDFVYLKVAKPT
;
;AAIMEIKLIKGPKGLGFSIAGGVGNQHIPGDNSIYVTKIIEGGAAHKDGKLQIGDKLLAVNSVCLEEVTHEEAVTALKNT
SDFVYLKVAKPT
;
A ? 
2 'polypeptide(L)' no no NEKVSCV                                                                                         NEKVSCV B 
? 
# 
_pdbx_entity_nonpoly.entity_id   3 
_pdbx_entity_nonpoly.name        water 
_pdbx_entity_nonpoly.comp_id     HOH 
# 
loop_
_entity_poly_seq.entity_id 
_entity_poly_seq.num 
_entity_poly_seq.mon_id 
_entity_poly_seq.hetero 
1 1  ALA n 
1 2  ALA n 
1 3  ILE n 
1 4  MET n 
1 5  GLU n 
1 6  ILE n 
1 7  LYS n 
1 8  LEU n 
1 9  ILE n 
1 10 LYS n 
1 11 GLY n 
1 12 PRO n 
1 13 LYS n 
1 14 GLY n 
1 15 LEU n 
1 16 GLY n 
1 17 PHE n 
1 18 SER n 
1 19 ILE n 
1 20 ALA n 
1 21 GLY n 
1 22 GLY n 
1 23 VAL n 
1 24 GLY n 
1 25 ASN n 
1 26 GLN n 
1 27 HIS n 
1 28 ILE n 
1 29 PRO n 
1 30 GLY n 
1 31 ASP n 
1 32 ASN n 
1 33 SER n 
1 34 ILE n 
1 35 TYR n 
1 36 VAL n 
1 37 THR n 
1 38 LYS n 
1 39 ILE n 
1 40 ILE n 
1 41 GLU n 
1 42 GLY n 
1 43 GLY n 
1 44 ALA n 
1 45 ALA n 
1 46 HIS n 
1 47 LYS n 
1 48 ASP n 
1 49 GLY n 
1 50 LYS n 
1 51 LEU n 
1 52 GLN n 
1 53 ILE n 
1 54 GLY n 
1 55 ASP n 
1 56 LYS n 
1 57 LEU n 
1 58 LEU n 
1 59 ALA n 
1 60 VAL n 
1 61 ASN n 
1 62 SER n 
1 63 VAL n 
1 64 CYS n 
1 65 LEU n 
1 66 GLU n 
1 67 GLU n 
1 68 VAL n 
1 69 THR n 
1 70 HIS n 
1 71 GLU n 
1 72 GLU n 
1 73 ALA n 
1 74 VAL n 
1 75 THR n 
1 76 ALA n 
1 77 LEU n 
1 78 LYS n 
1 79 ASN n 
1 80 THR n 
1 81 SER n 
1 82 ASP n 
1 83 PHE n 
1 84 VAL n 
1 85 TYR n 
1 86 LEU n 
1 87 LYS n 
1 88 VAL n 
1 89 ALA n 
1 90 LYS n 
1 91 PRO n 
1 92 THR n 
2 1  ASN n 
2 2  GLU n 
2 3  LYS n 
2 4  VAL n 
2 5  SER n 
2 6  CYS n 
2 7  VAL n 
# 
_entity_src_gen.entity_id                          1 
_entity_src_gen.pdbx_src_id                        1 
_entity_src_gen.pdbx_alt_source_flag               sample 
_entity_src_gen.pdbx_seq_type                      ? 
_entity_src_gen.pdbx_beg_seq_num                   ? 
_entity_src_gen.pdbx_end_seq_num                   ? 
_entity_src_gen.gene_src_common_name               mouse 
_entity_src_gen.gene_src_genus                     ? 
_entity_src_gen.pdbx_gene_src_gene                 'Dlg1, Dlgh1' 
_entity_src_gen.gene_src_species                   ? 
_entity_src_gen.gene_src_strain                    ? 
_entity_src_gen.gene_src_tissue                    ? 
_entity_src_gen.gene_src_tissue_fraction           ? 
_entity_src_gen.gene_src_details                   ? 
_entity_src_gen.pdbx_gene_src_fragment             ? 
_entity_src_gen.pdbx_gene_src_scientific_name      'Mus musculus' 
_entity_src_gen.pdbx_gene_src_ncbi_taxonomy_id     10090 
_entity_src_gen.pdbx_gene_src_variant              ? 
_entity_src_gen.pdbx_gene_src_cell_line            ? 
_entity_src_gen.pdbx_gene_src_atcc                 ? 
_entity_src_gen.pdbx_gene_src_organ                ? 
_entity_src_gen.pdbx_gene_src_organelle            ? 
_entity_src_gen.pdbx_gene_src_cell                 ? 
_entity_src_gen.pdbx_gene_src_cellular_location    ? 
_entity_src_gen.host_org_common_name               ? 
_entity_src_gen.pdbx_host_org_scientific_name      'Escherichia coli' 
_entity_src_gen.pdbx_host_org_ncbi_taxonomy_id     562 
_entity_src_gen.host_org_genus                     ? 
_entity_src_gen.pdbx_host_org_gene                 ? 
_entity_src_gen.pdbx_host_org_organ                ? 
_entity_src_gen.host_org_species                   ? 
_entity_src_gen.pdbx_host_org_tissue               ? 
_entity_src_gen.pdbx_host_org_tissue_fraction      ? 
_entity_src_gen.pdbx_host_org_strain               ? 
_entity_src_gen.pdbx_host_org_variant              ? 
_entity_src_gen.pdbx_host_org_cell_line            ? 
_entity_src_gen.pdbx_host_org_atcc                 ? 
_entity_src_gen.pdbx_host_org_culture_collection   ? 
_entity_src_gen.pdbx_host_org_cell                 ? 
_entity_src_gen.pdbx_host_org_organelle            ? 
_entity_src_gen.pdbx_host_org_cellular_location    ? 
_entity_src_gen.pdbx_host_org_vector_type          ? 
_entity_src_gen.pdbx_host_org_vector               ? 
_entity_src_gen.host_org_details                   ? 
_entity_src_gen.expression_system_id               ? 
_entity_src_gen.plasmid_name                       ? 
_entity_src_gen.plasmid_details                    ? 
_entity_src_gen.pdbx_description                   ? 
# 
_pdbx_entity_src_syn.entity_id              2 
_pdbx_entity_src_syn.pdbx_src_id            1 
_pdbx_entity_src_syn.pdbx_alt_source_flag   sample 
_pdbx_entity_src_syn.pdbx_beg_seq_num       ? 
_pdbx_entity_src_syn.pdbx_end_seq_num       ? 
_pdbx_entity_src_syn.organism_scientific    'Rattus norvegicus' 
_pdbx_entity_src_syn.organism_common_name   'brown rat,rat,rats' 
_pdbx_entity_src_syn.ncbi_taxonomy_id       10116 
_pdbx_entity_src_syn.details                ? 
# 
loop_
_chem_comp.id 
_chem_comp.type 
_chem_comp.mon_nstd_flag 
_chem_comp.name 
_chem_comp.pdbx_synonyms 
_chem_comp.formula 
_chem_comp.formula_weight 
ALA 'L-peptide linking' y ALANINE         ? 'C3 H7 N O2'     89.093  
ASN 'L-peptide linking' y ASPARAGINE      ? 'C4 H8 N2 O3'    132.118 
ASP 'L-peptide linking' y 'ASPARTIC ACID' ? 'C4 H7 N O4'     133.103 
CYS 'L-peptide linking' y CYSTEINE        ? 'C3 H7 N O2 S'   121.158 
GLN 'L-peptide linking' y GLUTAMINE       ? 'C5 H10 N2 O3'   146.144 
GLU 'L-peptide linking' y 'GLUTAMIC ACID' ? 'C5 H9 N O4'     147.129 
GLY 'peptide linking'   y GLYCINE         ? 'C2 H5 N O2'     75.067  
HIS 'L-peptide linking' y HISTIDINE       ? 'C6 H10 N3 O2 1' 156.162 
HOH non-polymer         . WATER           ? 'H2 O'           18.015  
ILE 'L-peptide linking' y ISOLEUCINE      ? 'C6 H13 N O2'    131.173 
LEU 'L-peptide linking' y LEUCINE         ? 'C6 H13 N O2'    131.173 
LYS 'L-peptide linking' y LYSINE          ? 'C6 H15 N2 O2 1' 147.195 
MET 'L-peptide linking' y METHIONINE      ? 'C5 H11 N O2 S'  149.211 
PHE 'L-peptide linking' y PHENYLALANINE   ? 'C9 H11 N O2'    165.189 
PRO 'L-peptide linking' y PROLINE         ? 'C5 H9 N O2'     115.130 
SER 'L-peptide linking' y SERINE          ? 'C3 H7 N O3'     105.093 
THR 'L-peptide linking' y THREONINE       ? 'C4 H9 N O3'     119.119 
TYR 'L-peptide linking' y TYROSINE        ? 'C9 H11 N O3'    181.189 
VAL 'L-peptide linking' y VALINE          ? 'C5 H11 N O2'    117.146 
# 
loop_
_pdbx_poly_seq_scheme.asym_id 
_pdbx_poly_seq_scheme.entity_id 
_pdbx_poly_seq_scheme.seq_id 
_pdbx_poly_seq_scheme.mon_id 
_pdbx_poly_seq_scheme.ndb_seq_num 
_pdbx_poly_seq_scheme.pdb_seq_num 
_pdbx_poly_seq_scheme.auth_seq_num 
_pdbx_poly_seq_scheme.pdb_mon_id 
_pdbx_poly_seq_scheme.auth_mon_id 
_pdbx_poly_seq_scheme.pdb_strand_id 
_pdbx_poly_seq_scheme.pdb_ins_code 
_pdbx_poly_seq_scheme.hetero 
A 1 1  ALA 1  315 315 ALA ALA A . n 
A 1 2  ALA 2  316 316 ALA ALA A . n 
A 1 3  ILE 3  317 317 ILE ILE A . n 
A 1 4  MET 4  318 318 MET MET A . n 
A 1 5  GLU 5  319 319 GLU GLU A . n 
A 1 6  ILE 6  320 320 ILE ILE A . n 
A 1 7  LYS 7  321 321 LYS LYS A . n 
A 1 8  LEU 8  322 322 LEU LEU A . n 
A 1 9  ILE 9  323 323 ILE ILE A . n 
A 1 10 LYS 10 324 324 LYS LYS A . n 
A 1 11 GLY 11 325 325 GLY GLY A . n 
A 1 12 PRO 12 326 326 PRO PRO A . n 
A 1 13 LYS 13 327 327 LYS LYS A . n 
A 1 14 GLY 14 328 328 GLY GLY A . n 
A 1 15 LEU 15 329 329 LEU LEU A . n 
A 1 16 GLY 16 330 330 GLY GLY A . n 
A 1 17 PHE 17 331 331 PHE PHE A . n 
A 1 18 SER 18 332 332 SER SER A . n 
A 1 19 ILE 19 333 333 ILE ILE A . n 
A 1 20 ALA 20 334 334 ALA ALA A . n 
A 1 21 GLY 21 335 335 GLY GLY A . n 
A 1 22 GLY 22 336 336 GLY GLY A . n 
A 1 23 VAL 23 337 337 VAL VAL A . n 
A 1 24 GLY 24 338 338 GLY GLY A . n 
A 1 25 ASN 25 339 339 ASN ASN A . n 
A 1 26 GLN 26 340 340 GLN GLN A . n 
A 1 27 HIS 27 341 341 HIS HIS A . n 
A 1 28 ILE 28 342 342 ILE ILE A . n 
A 1 29 PRO 29 343 343 PRO PRO A . n 
A 1 30 GLY 30 344 344 GLY GLY A . n 
A 1 31 ASP 31 345 345 ASP ASP A . n 
A 1 32 ASN 32 346 346 ASN ASN A . n 
A 1 33 SER 33 347 347 SER SER A . n 
A 1 34 ILE 34 348 348 ILE ILE A . n 
A 1 35 TYR 35 349 349 TYR TYR A . n 
A 1 36 VAL 36 350 350 VAL VAL A . n 
A 1 37 THR 37 351 351 THR THR A . n 
A 1 38 LYS 38 352 352 LYS LYS A . n 
A 1 39 ILE 39 353 353 ILE ILE A . n 
A 1 40 ILE 40 354 354 ILE ILE A . n 
A 1 41 GLU 41 355 355 GLU GLU A . n 
A 1 42 GLY 42 356 356 GLY GLY A . n 
A 1 43 GLY 43 357 357 GLY GLY A . n 
A 1 44 ALA 44 358 358 ALA ALA A . n 
A 1 45 ALA 45 359 359 ALA ALA A . n 
A 1 46 HIS 46 360 360 HIS HIS A . n 
A 1 47 LYS 47 361 361 LYS LYS A . n 
A 1 48 ASP 48 362 362 ASP ASP A . n 
A 1 49 GLY 49 363 363 GLY GLY A . n 
A 1 50 LYS 50 364 364 LYS LYS A . n 
A 1 51 LEU 51 365 365 LEU LEU A . n 
A 1 52 GLN 52 366 366 GLN GLN A . n 
A 1 53 ILE 53 367 367 ILE ILE A . n 
A 1 54 GLY 54 368 368 GLY GLY A . n 
A 1 55 ASP 55 369 369 ASP ASP A . n 
A 1 56 LYS 56 370 370 LYS LYS A . n 
A 1 57 LEU 57 371 371 LEU LEU A . n 
A 1 58 LEU 58 372 372 LEU LEU A . n 
A 1 59 ALA 59 373 373 ALA ALA A . n 
A 1 60 VAL 60 374 374 VAL VAL A . n 
A 1 61 ASN 61 375 375 ASN ASN A . n 
A 1 62 SER 62 376 376 SER SER A . n 
A 1 63 VAL 63 377 377 VAL VAL A . n 
A 1 64 CYS 64 378 378 CYS CYS A . n 
A 1 65 LEU 65 379 379 LEU LEU A . n 
A 1 66 GLU 66 380 380 GLU GLU A . n 
A 1 67 GLU 67 381 381 GLU GLU A . n 
A 1 68 VAL 68 382 382 VAL VAL A . n 
A 1 69 THR 69 383 383 THR THR A . n 
A 1 70 HIS 70 384 384 HIS HIS A . n 
A 1 71 GLU 71 385 385 GLU GLU A . n 
A 1 72 GLU 72 386 386 GLU GLU A . n 
A 1 73 ALA 73 387 387 ALA ALA A . n 
A 1 74 VAL 74 388 388 VAL VAL A . n 
A 1 75 THR 75 389 389 THR THR A . n 
A 1 76 ALA 76 390 390 ALA ALA A . n 
A 1 77 LEU 77 391 391 LEU LEU A . n 
A 1 78 LYS 78 392 392 LYS LYS A . n 
A 1 79 ASN 79 393 393 ASN ASN A . n 
A 1 80 THR 80 394 394 THR THR A . n 
A 1 81 SER 81 395 395 SER SER A . n 
A 1 82 ASP 82 396 396 ASP ASP A . n 
A 1 83 PHE 83 397 397 PHE PHE A . n 
A 1 84 VAL 84 398 398 VAL VAL A . n 
A 1 85 TYR 85 399 399 TYR TYR A . n 
A 1 86 LEU 86 400 400 LEU LEU A . n 
A 1 87 LYS 87 401 401 LYS LYS A . n 
A 1 88 VAL 88 402 402 VAL VAL A . n 
A 1 89 ALA 89 403 403 ALA ALA A . n 
A 1 90 LYS 90 404 404 LYS LYS A . n 
A 1 91 PRO 91 405 405 PRO PRO A . n 
A 1 92 THR 92 406 406 THR THR A . n 
B 2 1  ASN 1  14  14  ASN ASN B . n 
B 2 2  GLU 2  15  15  GLU GLU B . n 
B 2 3  LYS 3  16  16  LYS LYS B . n 
B 2 4  VAL 4  17  17  VAL VAL B . n 
B 2 5  SER 5  18  18  SER SER B . n 
B 2 6  CYS 6  19  19  CYS CYS B . n 
B 2 7  VAL 7  20  20  VAL VAL B . n 
# 
loop_
_pdbx_nonpoly_scheme.asym_id 
_pdbx_nonpoly_scheme.entity_id 
_pdbx_nonpoly_scheme.mon_id 
_pdbx_nonpoly_scheme.ndb_seq_num 
_pdbx_nonpoly_scheme.pdb_seq_num 
_pdbx_nonpoly_scheme.auth_seq_num 
_pdbx_nonpoly_scheme.pdb_mon_id 
_pdbx_nonpoly_scheme.auth_mon_id 
_pdbx_nonpoly_scheme.pdb_strand_id 
_pdbx_nonpoly_scheme.pdb_ins_code 
C 3 HOH 1  501 1  HOH HOH A . 
C 3 HOH 2  502 2  HOH HOH A . 
C 3 HOH 3  503 3  HOH HOH A . 
C 3 HOH 4  504 4  HOH HOH A . 
C 3 HOH 5  505 5  HOH HOH A . 
C 3 HOH 6  506 6  HOH HOH A . 
C 3 HOH 7  507 7  HOH HOH A . 
C 3 HOH 8  508 8  HOH HOH A . 
C 3 HOH 9  509 9  HOH HOH A . 
C 3 HOH 10 510 10 HOH HOH A . 
C 3 HOH 11 511 12 HOH HOH A . 
C 3 HOH 12 512 13 HOH HOH A . 
C 3 HOH 13 513 14 HOH HOH A . 
D 3 HOH 1  101 11 HOH HOH B . 
# 
loop_
_software.name 
_software.classification 
_software.version 
_software.citation_id 
_software.pdbx_ordinal 
PHASER phasing          .                           ? 1 
PHENIX refinement       '(phenix.refine: 1.8_1069)' ? 2 
XDS    'data reduction' .                           ? 3 
XSCALE 'data scaling'   .                           ? 4 
# 
_cell.entry_id           4OAJ 
_cell.length_a           45.000 
_cell.length_b           45.000 
_cell.length_c           88.110 
_cell.angle_alpha        90.00 
_cell.angle_beta         90.00 
_cell.angle_gamma        120.00 
_cell.Z_PDB              6 
_cell.pdbx_unique_axis   ? 
_cell.length_a_esd       ? 
_cell.length_b_esd       ? 
_cell.length_c_esd       ? 
_cell.angle_alpha_esd    ? 
_cell.angle_beta_esd     ? 
_cell.angle_gamma_esd    ? 
# 
_symmetry.entry_id                         4OAJ 
_symmetry.space_group_name_H-M             'P 32 2 1' 
_symmetry.pdbx_full_space_group_name_H-M   ? 
_symmetry.cell_setting                     ? 
_symmetry.Int_Tables_number                154 
_symmetry.space_group_name_Hall            ? 
# 
_exptl.entry_id          4OAJ 
_exptl.method            'X-RAY DIFFRACTION' 
_exptl.crystals_number   1 
# 
_exptl_crystal.id                    1 
_exptl_crystal.density_meas          ? 
_exptl_crystal.density_Matthews      2.47 
_exptl_crystal.density_percent_sol   50.16 
_exptl_crystal.description           ? 
_exptl_crystal.F_000                 ? 
_exptl_crystal.preparation           ? 
# 
_exptl_crystal_grow.crystal_id      1 
_exptl_crystal_grow.method          'VAPOR DIFFUSION, SITTING DROP' 
_exptl_crystal_grow.temp            295 
_exptl_crystal_grow.temp_details    ? 
_exptl_crystal_grow.pH              ? 
_exptl_crystal_grow.pdbx_details    
'3.2M Ammonium Sulfate, 0.1M Citric Acid pH4.0, VAPOR DIFFUSION, SITTING DROP, temperature 295K' 
_exptl_crystal_grow.pdbx_pH_range   ? 
# 
_diffrn.id                     1 
_diffrn.ambient_temp           100 
_diffrn.ambient_temp_details   ? 
_diffrn.crystal_id             1 
# 
_diffrn_detector.diffrn_id              1 
_diffrn_detector.detector               PIXEL 
_diffrn_detector.type                   'PSI PILATUS 6M' 
_diffrn_detector.pdbx_collection_date   2012-12-12 
_diffrn_detector.details                ? 
# 
_diffrn_radiation.diffrn_id                        1 
_diffrn_radiation.wavelength_id                    1 
_diffrn_radiation.pdbx_monochromatic_or_laue_m_l   M 
_diffrn_radiation.monochromator                    ? 
_diffrn_radiation.pdbx_diffrn_protocol             'SINGLE WAVELENGTH' 
_diffrn_radiation.pdbx_scattering_type             x-ray 
# 
_diffrn_radiation_wavelength.id           1 
_diffrn_radiation_wavelength.wavelength   0.970000 
_diffrn_radiation_wavelength.wt           1.0 
# 
_diffrn_source.diffrn_id                   1 
_diffrn_source.source                      SYNCHROTRON 
_diffrn_source.type                        'DIAMOND BEAMLINE I03' 
_diffrn_source.pdbx_synchrotron_site       Diamond 
_diffrn_source.pdbx_synchrotron_beamline   I03 
_diffrn_source.pdbx_wavelength             ? 
_diffrn_source.pdbx_wavelength_list        0.970000 
# 
_reflns.entry_id                     4OAJ 
_reflns.observed_criterion_sigma_I   -3 
_reflns.observed_criterion_sigma_F   ? 
_reflns.d_resolution_low             29.189 
_reflns.d_resolution_high            2.3 
_reflns.number_obs                   4904 
_reflns.number_all                   ? 
_reflns.percent_possible_obs         99.5 
_reflns.pdbx_Rsym_value              0.072 
_reflns.pdbx_netI_over_sigmaI        17.71 
_reflns.B_iso_Wilson_estimate        46.23 
_reflns.pdbx_redundancy              8.85 
_reflns.R_free_details               ? 
_reflns.limit_h_max                  ? 
_reflns.limit_h_min                  ? 
_reflns.limit_k_max                  ? 
_reflns.limit_k_min                  ? 
_reflns.limit_l_max                  ? 
_reflns.limit_l_min                  ? 
_reflns.observed_criterion_F_max     ? 
_reflns.observed_criterion_F_min     ? 
_reflns.pdbx_chi_squared             ? 
_reflns.pdbx_scaling_rejects         ? 
_reflns.pdbx_Rmerge_I_obs            ? 
_reflns.pdbx_ordinal                 1 
_reflns.pdbx_diffrn_id               1 
# 
_reflns_shell.d_res_high             2.30 
_reflns_shell.d_res_low              2.35 
_reflns_shell.percent_possible_all   97.7 
_reflns_shell.Rmerge_I_obs           ? 
_reflns_shell.pdbx_Rsym_value        0.655 
_reflns_shell.meanI_over_sigI_obs    3.76 
_reflns_shell.pdbx_redundancy        8.64 
_reflns_shell.percent_possible_obs   ? 
_reflns_shell.number_unique_all      299 
_reflns_shell.number_measured_all    ? 
_reflns_shell.number_measured_obs    ? 
_reflns_shell.number_unique_obs      ? 
_reflns_shell.pdbx_chi_squared       ? 
_reflns_shell.pdbx_ordinal           1 
_reflns_shell.pdbx_diffrn_id         1 
# 
_refine.entry_id                                 4OAJ 
_refine.ls_number_reflns_obs                     4904 
_refine.ls_number_reflns_all                     ? 
_refine.pdbx_ls_sigma_I                          ? 
_refine.pdbx_ls_sigma_F                          1.99 
_refine.pdbx_data_cutoff_high_absF               ? 
_refine.pdbx_data_cutoff_low_absF                ? 
_refine.pdbx_data_cutoff_high_rms_absF           ? 
_refine.ls_d_res_low                             29.189 
_refine.ls_d_res_high                            2.300 
_refine.ls_percent_reflns_obs                    99.49 
_refine.ls_R_factor_obs                          0.2079 
_refine.ls_R_factor_R_work                       0.2054 
_refine.ls_R_factor_R_free                       0.2542 
_refine.ls_R_factor_R_free_error                 ? 
_refine.ls_R_factor_R_free_error_details         ? 
_refine.ls_percent_reflns_R_free                 5.16 
_refine.ls_number_reflns_R_free                  253 
_refine.ls_number_parameters                     ? 
_refine.ls_number_restraints                     ? 
_refine.occupancy_min                            ? 
_refine.occupancy_max                            ? 
_refine.correlation_coeff_Fo_to_Fc               ? 
_refine.correlation_coeff_Fo_to_Fc_free          ? 
_refine.B_iso_mean                               ? 
_refine.aniso_B[1][1]                            ? 
_refine.aniso_B[2][2]                            ? 
_refine.aniso_B[3][3]                            ? 
_refine.aniso_B[1][2]                            ? 
_refine.aniso_B[1][3]                            ? 
_refine.aniso_B[2][3]                            ? 
_refine.solvent_model_details                    'FLAT BULK SOLVENT MODEL' 
_refine.solvent_model_param_ksol                 ? 
_refine.solvent_model_param_bsol                 ? 
_refine.pdbx_solvent_vdw_probe_radii             1.11 
_refine.pdbx_solvent_ion_probe_radii             ? 
_refine.pdbx_solvent_shrinkage_radii             0.90 
_refine.pdbx_ls_cross_valid_method               ? 
_refine.details                                  ? 
_refine.pdbx_starting_model                      ? 
_refine.pdbx_method_to_determine_struct          'MOLECULAR REPLACEMENT' 
_refine.pdbx_isotropic_thermal_model             ? 
_refine.pdbx_stereochemistry_target_values       ML 
_refine.pdbx_stereochem_target_val_spec_case     ? 
_refine.pdbx_R_Free_selection_details            random 
_refine.pdbx_overall_ESU_R                       ? 
_refine.pdbx_overall_ESU_R_Free                  ? 
_refine.overall_SU_ML                            0.27 
_refine.pdbx_overall_phase_error                 29.25 
_refine.overall_SU_B                             ? 
_refine.overall_SU_R_Cruickshank_DPI             ? 
_refine.ls_redundancy_reflns_obs                 ? 
_refine.B_iso_min                                ? 
_refine.B_iso_max                                ? 
_refine.overall_SU_R_free                        ? 
_refine.ls_wR_factor_R_free                      ? 
_refine.ls_wR_factor_R_work                      ? 
_refine.overall_FOM_free_R_set                   ? 
_refine.overall_FOM_work_R_set                   ? 
_refine.ls_R_factor_all                          ? 
_refine.pdbx_diffrn_id                           1 
_refine.pdbx_refine_id                           'X-RAY DIFFRACTION' 
_refine.pdbx_TLS_residual_ADP_flag               ? 
_refine.pdbx_overall_SU_R_free_Cruickshank_DPI   ? 
_refine.pdbx_overall_SU_R_Blow_DPI               ? 
_refine.pdbx_overall_SU_R_free_Blow_DPI          ? 
# 
_refine_hist.pdbx_refine_id                   'X-RAY DIFFRACTION' 
_refine_hist.cycle_id                         LAST 
_refine_hist.pdbx_number_atoms_protein        730 
_refine_hist.pdbx_number_atoms_nucleic_acid   0 
_refine_hist.pdbx_number_atoms_ligand         0 
_refine_hist.number_atoms_solvent             14 
_refine_hist.number_atoms_total               744 
_refine_hist.d_res_high                       2.300 
_refine_hist.d_res_low                        29.189 
# 
loop_
_refine_ls_restr.type 
_refine_ls_restr.dev_ideal 
_refine_ls_restr.dev_ideal_target 
_refine_ls_restr.weight 
_refine_ls_restr.number 
_refine_ls_restr.pdbx_restraint_function 
_refine_ls_restr.pdbx_refine_id 
f_bond_d           0.008  ? ? 738 ? 'X-RAY DIFFRACTION' 
f_angle_d          1.103  ? ? 994 ? 'X-RAY DIFFRACTION' 
f_dihedral_angle_d 16.477 ? ? 271 ? 'X-RAY DIFFRACTION' 
f_chiral_restr     0.071  ? ? 120 ? 'X-RAY DIFFRACTION' 
f_plane_restr      0.004  ? ? 126 ? 'X-RAY DIFFRACTION' 
# 
_refine_ls_shell.pdbx_total_number_of_bins_used   ? 
_refine_ls_shell.d_res_high                       2.300 
_refine_ls_shell.d_res_low                        2.8974 
_refine_ls_shell.number_reflns_R_work             2255 
_refine_ls_shell.R_factor_R_work                  0.2356 
_refine_ls_shell.percent_reflns_obs               100.00 
_refine_ls_shell.R_factor_R_free                  0.3299 
_refine_ls_shell.R_factor_R_free_error            ? 
_refine_ls_shell.percent_reflns_R_free            ? 
_refine_ls_shell.number_reflns_R_free             135 
_refine_ls_shell.number_reflns_all                ? 
_refine_ls_shell.R_factor_all                     ? 
_refine_ls_shell.number_reflns_obs                ? 
_refine_ls_shell.redundancy_reflns_obs            ? 
_refine_ls_shell.pdbx_refine_id                   'X-RAY DIFFRACTION' 
# 
_struct.entry_id                  4OAJ 
_struct.title                     'Crystal structure of the complex between SAP97 PDZ2 and 5HT2A receptor peptide' 
_struct.pdbx_model_details        ? 
_struct.pdbx_CASP_flag            ? 
_struct.pdbx_model_type_details   ? 
# 
_struct_keywords.entry_id        4OAJ 
_struct_keywords.pdbx_keywords   'PROTEIN BINDING' 
_struct_keywords.text            'PDZ domain, 5HT2A receptor, PROTEIN BINDING' 
# 
loop_
_struct_asym.id 
_struct_asym.pdbx_blank_PDB_chainid_flag 
_struct_asym.pdbx_modified 
_struct_asym.entity_id 
_struct_asym.details 
A N N 1 ? 
B N N 2 ? 
C N N 3 ? 
D N N 3 ? 
# 
loop_
_struct_ref.id 
_struct_ref.db_name 
_struct_ref.db_code 
_struct_ref.pdbx_db_accession 
_struct_ref.entity_id 
_struct_ref.pdbx_seq_one_letter_code 
_struct_ref.pdbx_align_begin 
_struct_ref.pdbx_db_isoform 
1 UNP DLG1_MOUSE Q811D0 1 
;IMEIKLIKGPKGLGFSIAGGVGNQHIPGDNSIYVTKIIEGGAAHKDGKLQIGDKLLAVNSVCLEEVTHEEAVTALKNTSD
FVYLKVAKPT
;
317 ? 
2 UNP 5HT2A_RAT  P14842 2 NEKVSCV                                                                                       465 ? 
# 
loop_
_struct_ref_seq.align_id 
_struct_ref_seq.ref_id 
_struct_ref_seq.pdbx_PDB_id_code 
_struct_ref_seq.pdbx_strand_id 
_struct_ref_seq.seq_align_beg 
_struct_ref_seq.pdbx_seq_align_beg_ins_code 
_struct_ref_seq.seq_align_end 
_struct_ref_seq.pdbx_seq_align_end_ins_code 
_struct_ref_seq.pdbx_db_accession 
_struct_ref_seq.db_align_beg 
_struct_ref_seq.pdbx_db_align_beg_ins_code 
_struct_ref_seq.db_align_end 
_struct_ref_seq.pdbx_db_align_end_ins_code 
_struct_ref_seq.pdbx_auth_seq_align_beg 
_struct_ref_seq.pdbx_auth_seq_align_end 
1 1 4OAJ A 3 ? 92 ? Q811D0 317 ? 406 ? 317 406 
2 2 4OAJ B 1 ? 7  ? P14842 465 ? 471 ? 14  20  
# 
loop_
_struct_ref_seq_dif.align_id 
_struct_ref_seq_dif.pdbx_pdb_id_code 
_struct_ref_seq_dif.mon_id 
_struct_ref_seq_dif.pdbx_pdb_strand_id 
_struct_ref_seq_dif.seq_num 
_struct_ref_seq_dif.pdbx_pdb_ins_code 
_struct_ref_seq_dif.pdbx_seq_db_name 
_struct_ref_seq_dif.pdbx_seq_db_accession_code 
_struct_ref_seq_dif.db_mon_id 
_struct_ref_seq_dif.pdbx_seq_db_seq_num 
_struct_ref_seq_dif.details 
_struct_ref_seq_dif.pdbx_auth_seq_num 
_struct_ref_seq_dif.pdbx_ordinal 
1 4OAJ ALA A 1 ? UNP Q811D0 ? ? 'expression tag' 315 1 
1 4OAJ ALA A 2 ? UNP Q811D0 ? ? 'expression tag' 316 2 
# 
_pdbx_struct_assembly.id                   1 
_pdbx_struct_assembly.details              author_and_software_defined_assembly 
_pdbx_struct_assembly.method_details       PISA 
_pdbx_struct_assembly.oligomeric_details   dimeric 
_pdbx_struct_assembly.oligomeric_count     2 
# 
loop_
_pdbx_struct_assembly_prop.biol_id 
_pdbx_struct_assembly_prop.type 
_pdbx_struct_assembly_prop.value 
_pdbx_struct_assembly_prop.details 
1 'ABSA (A^2)' 850  ? 
1 MORE         -3   ? 
1 'SSA (A^2)'  5790 ? 
# 
_pdbx_struct_assembly_gen.assembly_id       1 
_pdbx_struct_assembly_gen.oper_expression   1 
_pdbx_struct_assembly_gen.asym_id_list      A,B,C,D 
# 
_pdbx_struct_oper_list.id                   1 
_pdbx_struct_oper_list.type                 'identity operation' 
_pdbx_struct_oper_list.name                 1_555 
_pdbx_struct_oper_list.symmetry_operation   x,y,z 
_pdbx_struct_oper_list.matrix[1][1]         1.0000000000 
_pdbx_struct_oper_list.matrix[1][2]         0.0000000000 
_pdbx_struct_oper_list.matrix[1][3]         0.0000000000 
_pdbx_struct_oper_list.vector[1]            0.0000000000 
_pdbx_struct_oper_list.matrix[2][1]         0.0000000000 
_pdbx_struct_oper_list.matrix[2][2]         1.0000000000 
_pdbx_struct_oper_list.matrix[2][3]         0.0000000000 
_pdbx_struct_oper_list.vector[2]            0.0000000000 
_pdbx_struct_oper_list.matrix[3][1]         0.0000000000 
_pdbx_struct_oper_list.matrix[3][2]         0.0000000000 
_pdbx_struct_oper_list.matrix[3][3]         1.0000000000 
_pdbx_struct_oper_list.vector[3]            0.0000000000 
# 
_struct_biol.id        1 
_struct_biol.details   ? 
# 
loop_
_struct_conf.conf_type_id 
_struct_conf.id 
_struct_conf.pdbx_PDB_helix_id 
_struct_conf.beg_label_comp_id 
_struct_conf.beg_label_asym_id 
_struct_conf.beg_label_seq_id 
_struct_conf.pdbx_beg_PDB_ins_code 
_struct_conf.end_label_comp_id 
_struct_conf.end_label_asym_id 
_struct_conf.end_label_seq_id 
_struct_conf.pdbx_end_PDB_ins_code 
_struct_conf.beg_auth_comp_id 
_struct_conf.beg_auth_asym_id 
_struct_conf.beg_auth_seq_id 
_struct_conf.end_auth_comp_id 
_struct_conf.end_auth_asym_id 
_struct_conf.end_auth_seq_id 
_struct_conf.pdbx_PDB_helix_class 
_struct_conf.details 
_struct_conf.pdbx_PDB_helix_length 
HELX_P HELX_P1 1 GLY A 43 ? GLY A 49 ? GLY A 357 GLY A 363 1 ? 7  
HELX_P HELX_P2 2 THR A 69 ? ASN A 79 ? THR A 383 ASN A 393 1 ? 11 
# 
_struct_conf_type.id          HELX_P 
_struct_conf_type.criteria    ? 
_struct_conf_type.reference   ? 
# 
loop_
_struct_sheet.id 
_struct_sheet.type 
_struct_sheet.number_strands 
_struct_sheet.details 
A ? 4 ? 
B ? 6 ? 
# 
loop_
_struct_sheet_order.sheet_id 
_struct_sheet_order.range_id_1 
_struct_sheet_order.range_id_2 
_struct_sheet_order.offset 
_struct_sheet_order.sense 
A 1 2 ? anti-parallel 
A 2 3 ? anti-parallel 
A 3 4 ? anti-parallel 
B 1 2 ? anti-parallel 
B 2 3 ? anti-parallel 
B 3 4 ? anti-parallel 
B 4 5 ? anti-parallel 
B 5 6 ? anti-parallel 
# 
loop_
_struct_sheet_range.sheet_id 
_struct_sheet_range.id 
_struct_sheet_range.beg_label_comp_id 
_struct_sheet_range.beg_label_asym_id 
_struct_sheet_range.beg_label_seq_id 
_struct_sheet_range.pdbx_beg_PDB_ins_code 
_struct_sheet_range.end_label_comp_id 
_struct_sheet_range.end_label_asym_id 
_struct_sheet_range.end_label_seq_id 
_struct_sheet_range.pdbx_end_PDB_ins_code 
_struct_sheet_range.beg_auth_comp_id 
_struct_sheet_range.beg_auth_asym_id 
_struct_sheet_range.beg_auth_seq_id 
_struct_sheet_range.end_auth_comp_id 
_struct_sheet_range.end_auth_asym_id 
_struct_sheet_range.end_auth_seq_id 
A 1 ILE A 3  ? ILE A 9  ? ILE A 317 ILE A 323 
A 2 PHE A 83 ? ALA A 89 ? PHE A 397 ALA A 403 
A 3 LYS A 56 ? VAL A 60 ? LYS A 370 VAL A 374 
A 4 VAL A 63 ? CYS A 64 ? VAL A 377 CYS A 378 
B 1 ILE A 3  ? ILE A 9  ? ILE A 317 ILE A 323 
B 2 PHE A 83 ? ALA A 89 ? PHE A 397 ALA A 403 
B 3 LYS A 56 ? VAL A 60 ? LYS A 370 VAL A 374 
B 4 ILE A 34 ? ILE A 39 ? ILE A 348 ILE A 353 
B 5 PHE A 17 ? GLY A 21 ? PHE A 331 GLY A 335 
B 6 SER B 5  ? VAL B 7  ? SER B 18  VAL B 20  
# 
loop_
_pdbx_struct_sheet_hbond.sheet_id 
_pdbx_struct_sheet_hbond.range_id_1 
_pdbx_struct_sheet_hbond.range_id_2 
_pdbx_struct_sheet_hbond.range_1_label_atom_id 
_pdbx_struct_sheet_hbond.range_1_label_comp_id 
_pdbx_struct_sheet_hbond.range_1_label_asym_id 
_pdbx_struct_sheet_hbond.range_1_label_seq_id 
_pdbx_struct_sheet_hbond.range_1_PDB_ins_code 
_pdbx_struct_sheet_hbond.range_1_auth_atom_id 
_pdbx_struct_sheet_hbond.range_1_auth_comp_id 
_pdbx_struct_sheet_hbond.range_1_auth_asym_id 
_pdbx_struct_sheet_hbond.range_1_auth_seq_id 
_pdbx_struct_sheet_hbond.range_2_label_atom_id 
_pdbx_struct_sheet_hbond.range_2_label_comp_id 
_pdbx_struct_sheet_hbond.range_2_label_asym_id 
_pdbx_struct_sheet_hbond.range_2_label_seq_id 
_pdbx_struct_sheet_hbond.range_2_PDB_ins_code 
_pdbx_struct_sheet_hbond.range_2_auth_atom_id 
_pdbx_struct_sheet_hbond.range_2_auth_comp_id 
_pdbx_struct_sheet_hbond.range_2_auth_asym_id 
_pdbx_struct_sheet_hbond.range_2_auth_seq_id 
A 1 2 N MET A 4  ? N MET A 318 O VAL A 88 ? O VAL A 402 
A 2 3 O LYS A 87 ? O LYS A 401 N LEU A 58 ? N LEU A 372 
A 3 4 N VAL A 60 ? N VAL A 374 O VAL A 63 ? O VAL A 377 
B 1 2 N MET A 4  ? N MET A 318 O VAL A 88 ? O VAL A 402 
B 2 3 O LYS A 87 ? O LYS A 401 N LEU A 58 ? N LEU A 372 
B 3 4 O LEU A 57 ? O LEU A 371 N ILE A 34 ? N ILE A 348 
B 4 5 O TYR A 35 ? O TYR A 349 N ALA A 20 ? N ALA A 334 
B 5 6 N ILE A 19 ? N ILE A 333 O SER B 5  ? O SER B 18  
# 
loop_
_pdbx_validate_torsion.id 
_pdbx_validate_torsion.PDB_model_num 
_pdbx_validate_torsion.auth_comp_id 
_pdbx_validate_torsion.auth_asym_id 
_pdbx_validate_torsion.auth_seq_id 
_pdbx_validate_torsion.PDB_ins_code 
_pdbx_validate_torsion.label_alt_id 
_pdbx_validate_torsion.phi 
_pdbx_validate_torsion.psi 
1 1 ASN A 339 ? ? -158.12 52.00   
2 1 ASN A 375 ? ? 44.71   -118.72 
3 1 SER A 395 ? ? -161.89 107.37  
4 1 ASP A 396 ? ? 69.41   -64.32  
# 
_pdbx_refine_tls.pdbx_refine_id   'X-RAY DIFFRACTION' 
_pdbx_refine_tls.id               1 
_pdbx_refine_tls.details          ? 
_pdbx_refine_tls.method           refined 
_pdbx_refine_tls.origin_x         -0.0652 
_pdbx_refine_tls.origin_y         0.0438 
_pdbx_refine_tls.origin_z         0.2609 
_pdbx_refine_tls.T[1][1]          0.7224 
_pdbx_refine_tls.T[2][2]          0.3929 
_pdbx_refine_tls.T[3][3]          0.5053 
_pdbx_refine_tls.T[1][2]          -0.1613 
_pdbx_refine_tls.T[1][3]          0.1120 
_pdbx_refine_tls.T[2][3]          -0.0559 
_pdbx_refine_tls.L[1][1]          5.5461 
_pdbx_refine_tls.L[2][2]          0.1932 
_pdbx_refine_tls.L[3][3]          8.8665 
_pdbx_refine_tls.L[1][2]          -0.2172 
_pdbx_refine_tls.L[1][3]          0.8340 
_pdbx_refine_tls.L[2][3]          -0.3345 
_pdbx_refine_tls.S[1][1]          -0.2985 
_pdbx_refine_tls.S[2][2]          0.2734 
_pdbx_refine_tls.S[3][3]          0.0083 
_pdbx_refine_tls.S[1][2]          0.5411 
_pdbx_refine_tls.S[1][3]          -0.0483 
_pdbx_refine_tls.S[2][3]          -0.0062 
_pdbx_refine_tls.S[2][1]          -0.1398 
_pdbx_refine_tls.S[3][1]          0.1063 
_pdbx_refine_tls.S[3][2]          0.3862 
# 
loop_
_pdbx_refine_tls_group.pdbx_refine_id 
_pdbx_refine_tls_group.id 
_pdbx_refine_tls_group.refine_tls_id 
_pdbx_refine_tls_group.beg_auth_asym_id 
_pdbx_refine_tls_group.beg_auth_seq_id 
_pdbx_refine_tls_group.end_auth_asym_id 
_pdbx_refine_tls_group.end_auth_seq_id 
_pdbx_refine_tls_group.selection_details 
_pdbx_refine_tls_group.beg_label_asym_id 
_pdbx_refine_tls_group.beg_label_seq_id 
_pdbx_refine_tls_group.end_label_asym_id 
_pdbx_refine_tls_group.end_label_seq_id 
_pdbx_refine_tls_group.selection 
'X-RAY DIFFRACTION' 1 1 A 315 A 406 '( CHAIN A AND RESID 315:406 )  OR  ( CHAIN B AND RESID 14:20 )' ? ? ? ? ? 
'X-RAY DIFFRACTION' 2 1 B 14  B 20  '( CHAIN A AND RESID 315:406 )  OR  ( CHAIN B AND RESID 14:20 )' ? ? ? ? ? 
# 
loop_
_chem_comp_atom.comp_id 
_chem_comp_atom.atom_id 
_chem_comp_atom.type_symbol 
_chem_comp_atom.pdbx_aromatic_flag 
_chem_comp_atom.pdbx_stereo_config 
_chem_comp_atom.pdbx_ordinal 
ALA N    N N N 1   
ALA CA   C N S 2   
ALA C    C N N 3   
ALA O    O N N 4   
ALA CB   C N N 5   
ALA OXT  O N N 6   
ALA H    H N N 7   
ALA H2   H N N 8   
ALA HA   H N N 9   
ALA HB1  H N N 10  
ALA HB2  H N N 11  
ALA HB3  H N N 12  
ALA HXT  H N N 13  
ASN N    N N N 14  
ASN CA   C N S 15  
ASN C    C N N 16  
ASN O    O N N 17  
ASN CB   C N N 18  
ASN CG   C N N 19  
ASN OD1  O N N 20  
ASN ND2  N N N 21  
ASN OXT  O N N 22  
ASN H    H N N 23  
ASN H2   H N N 24  
ASN HA   H N N 25  
ASN HB2  H N N 26  
ASN HB3  H N N 27  
ASN HD21 H N N 28  
ASN HD22 H N N 29  
ASN HXT  H N N 30  
ASP N    N N N 31  
ASP CA   C N S 32  
ASP C    C N N 33  
ASP O    O N N 34  
ASP CB   C N N 35  
ASP CG   C N N 36  
ASP OD1  O N N 37  
ASP OD2  O N N 38  
ASP OXT  O N N 39  
ASP H    H N N 40  
ASP H2   H N N 41  
ASP HA   H N N 42  
ASP HB2  H N N 43  
ASP HB3  H N N 44  
ASP HD2  H N N 45  
ASP HXT  H N N 46  
CYS N    N N N 47  
CYS CA   C N R 48  
CYS C    C N N 49  
CYS O    O N N 50  
CYS CB   C N N 51  
CYS SG   S N N 52  
CYS OXT  O N N 53  
CYS H    H N N 54  
CYS H2   H N N 55  
CYS HA   H N N 56  
CYS HB2  H N N 57  
CYS HB3  H N N 58  
CYS HG   H N N 59  
CYS HXT  H N N 60  
GLN N    N N N 61  
GLN CA   C N S 62  
GLN C    C N N 63  
GLN O    O N N 64  
GLN CB   C N N 65  
GLN CG   C N N 66  
GLN CD   C N N 67  
GLN OE1  O N N 68  
GLN NE2  N N N 69  
GLN OXT  O N N 70  
GLN H    H N N 71  
GLN H2   H N N 72  
GLN HA   H N N 73  
GLN HB2  H N N 74  
GLN HB3  H N N 75  
GLN HG2  H N N 76  
GLN HG3  H N N 77  
GLN HE21 H N N 78  
GLN HE22 H N N 79  
GLN HXT  H N N 80  
GLU N    N N N 81  
GLU CA   C N S 82  
GLU C    C N N 83  
GLU O    O N N 84  
GLU CB   C N N 85  
GLU CG   C N N 86  
GLU CD   C N N 87  
GLU OE1  O N N 88  
GLU OE2  O N N 89  
GLU OXT  O N N 90  
GLU H    H N N 91  
GLU H2   H N N 92  
GLU HA   H N N 93  
GLU HB2  H N N 94  
GLU HB3  H N N 95  
GLU HG2  H N N 96  
GLU HG3  H N N 97  
GLU HE2  H N N 98  
GLU HXT  H N N 99  
GLY N    N N N 100 
GLY CA   C N N 101 
GLY C    C N N 102 
GLY O    O N N 103 
GLY OXT  O N N 104 
GLY H    H N N 105 
GLY H2   H N N 106 
GLY HA2  H N N 107 
GLY HA3  H N N 108 
GLY HXT  H N N 109 
HIS N    N N N 110 
HIS CA   C N S 111 
HIS C    C N N 112 
HIS O    O N N 113 
HIS CB   C N N 114 
HIS CG   C Y N 115 
HIS ND1  N Y N 116 
HIS CD2  C Y N 117 
HIS CE1  C Y N 118 
HIS NE2  N Y N 119 
HIS OXT  O N N 120 
HIS H    H N N 121 
HIS H2   H N N 122 
HIS HA   H N N 123 
HIS HB2  H N N 124 
HIS HB3  H N N 125 
HIS HD1  H N N 126 
HIS HD2  H N N 127 
HIS HE1  H N N 128 
HIS HE2  H N N 129 
HIS HXT  H N N 130 
HOH O    O N N 131 
HOH H1   H N N 132 
HOH H2   H N N 133 
ILE N    N N N 134 
ILE CA   C N S 135 
ILE C    C N N 136 
ILE O    O N N 137 
ILE CB   C N S 138 
ILE CG1  C N N 139 
ILE CG2  C N N 140 
ILE CD1  C N N 141 
ILE OXT  O N N 142 
ILE H    H N N 143 
ILE H2   H N N 144 
ILE HA   H N N 145 
ILE HB   H N N 146 
ILE HG12 H N N 147 
ILE HG13 H N N 148 
ILE HG21 H N N 149 
ILE HG22 H N N 150 
ILE HG23 H N N 151 
ILE HD11 H N N 152 
ILE HD12 H N N 153 
ILE HD13 H N N 154 
ILE HXT  H N N 155 
LEU N    N N N 156 
LEU CA   C N S 157 
LEU C    C N N 158 
LEU O    O N N 159 
LEU CB   C N N 160 
LEU CG   C N N 161 
LEU CD1  C N N 162 
LEU CD2  C N N 163 
LEU OXT  O N N 164 
LEU H    H N N 165 
LEU H2   H N N 166 
LEU HA   H N N 167 
LEU HB2  H N N 168 
LEU HB3  H N N 169 
LEU HG   H N N 170 
LEU HD11 H N N 171 
LEU HD12 H N N 172 
LEU HD13 H N N 173 
LEU HD21 H N N 174 
LEU HD22 H N N 175 
LEU HD23 H N N 176 
LEU HXT  H N N 177 
LYS N    N N N 178 
LYS CA   C N S 179 
LYS C    C N N 180 
LYS O    O N N 181 
LYS CB   C N N 182 
LYS CG   C N N 183 
LYS CD   C N N 184 
LYS CE   C N N 185 
LYS NZ   N N N 186 
LYS OXT  O N N 187 
LYS H    H N N 188 
LYS H2   H N N 189 
LYS HA   H N N 190 
LYS HB2  H N N 191 
LYS HB3  H N N 192 
LYS HG2  H N N 193 
LYS HG3  H N N 194 
LYS HD2  H N N 195 
LYS HD3  H N N 196 
LYS HE2  H N N 197 
LYS HE3  H N N 198 
LYS HZ1  H N N 199 
LYS HZ2  H N N 200 
LYS HZ3  H N N 201 
LYS HXT  H N N 202 
MET N    N N N 203 
MET CA   C N S 204 
MET C    C N N 205 
MET O    O N N 206 
MET CB   C N N 207 
MET CG   C N N 208 
MET SD   S N N 209 
MET CE   C N N 210 
MET OXT  O N N 211 
MET H    H N N 212 
MET H2   H N N 213 
MET HA   H N N 214 
MET HB2  H N N 215 
MET HB3  H N N 216 
MET HG2  H N N 217 
MET HG3  H N N 218 
MET HE1  H N N 219 
MET HE2  H N N 220 
MET HE3  H N N 221 
MET HXT  H N N 222 
PHE N    N N N 223 
PHE CA   C N S 224 
PHE C    C N N 225 
PHE O    O N N 226 
PHE CB   C N N 227 
PHE CG   C Y N 228 
PHE CD1  C Y N 229 
PHE CD2  C Y N 230 
PHE CE1  C Y N 231 
PHE CE2  C Y N 232 
PHE CZ   C Y N 233 
PHE OXT  O N N 234 
PHE H    H N N 235 
PHE H2   H N N 236 
PHE HA   H N N 237 
PHE HB2  H N N 238 
PHE HB3  H N N 239 
PHE HD1  H N N 240 
PHE HD2  H N N 241 
PHE HE1  H N N 242 
PHE HE2  H N N 243 
PHE HZ   H N N 244 
PHE HXT  H N N 245 
PRO N    N N N 246 
PRO CA   C N S 247 
PRO C    C N N 248 
PRO O    O N N 249 
PRO CB   C N N 250 
PRO CG   C N N 251 
PRO CD   C N N 252 
PRO OXT  O N N 253 
PRO H    H N N 254 
PRO HA   H N N 255 
PRO HB2  H N N 256 
PRO HB3  H N N 257 
PRO HG2  H N N 258 
PRO HG3  H N N 259 
PRO HD2  H N N 260 
PRO HD3  H N N 261 
PRO HXT  H N N 262 
SER N    N N N 263 
SER CA   C N S 264 
SER C    C N N 265 
SER O    O N N 266 
SER CB   C N N 267 
SER OG   O N N 268 
SER OXT  O N N 269 
SER H    H N N 270 
SER H2   H N N 271 
SER HA   H N N 272 
SER HB2  H N N 273 
SER HB3  H N N 274 
SER HG   H N N 275 
SER HXT  H N N 276 
THR N    N N N 277 
THR CA   C N S 278 
THR C    C N N 279 
THR O    O N N 280 
THR CB   C N R 281 
THR OG1  O N N 282 
THR CG2  C N N 283 
THR OXT  O N N 284 
THR H    H N N 285 
THR H2   H N N 286 
THR HA   H N N 287 
THR HB   H N N 288 
THR HG1  H N N 289 
THR HG21 H N N 290 
THR HG22 H N N 291 
THR HG23 H N N 292 
THR HXT  H N N 293 
TYR N    N N N 294 
TYR CA   C N S 295 
TYR C    C N N 296 
TYR O    O N N 297 
TYR CB   C N N 298 
TYR CG   C Y N 299 
TYR CD1  C Y N 300 
TYR CD2  C Y N 301 
TYR CE1  C Y N 302 
TYR CE2  C Y N 303 
TYR CZ   C Y N 304 
TYR OH   O N N 305 
TYR OXT  O N N 306 
TYR H    H N N 307 
TYR H2   H N N 308 
TYR HA   H N N 309 
TYR HB2  H N N 310 
TYR HB3  H N N 311 
TYR HD1  H N N 312 
TYR HD2  H N N 313 
TYR HE1  H N N 314 
TYR HE2  H N N 315 
TYR HH   H N N 316 
TYR HXT  H N N 317 
VAL N    N N N 318 
VAL CA   C N S 319 
VAL C    C N N 320 
VAL O    O N N 321 
VAL CB   C N N 322 
VAL CG1  C N N 323 
VAL CG2  C N N 324 
VAL OXT  O N N 325 
VAL H    H N N 326 
VAL H2   H N N 327 
VAL HA   H N N 328 
VAL HB   H N N 329 
VAL HG11 H N N 330 
VAL HG12 H N N 331 
VAL HG13 H N N 332 
VAL HG21 H N N 333 
VAL HG22 H N N 334 
VAL HG23 H N N 335 
VAL HXT  H N N 336 
# 
loop_
_chem_comp_bond.comp_id 
_chem_comp_bond.atom_id_1 
_chem_comp_bond.atom_id_2 
_chem_comp_bond.value_order 
_chem_comp_bond.pdbx_aromatic_flag 
_chem_comp_bond.pdbx_stereo_config 
_chem_comp_bond.pdbx_ordinal 
ALA N   CA   sing N N 1   
ALA N   H    sing N N 2   
ALA N   H2   sing N N 3   
ALA CA  C    sing N N 4   
ALA CA  CB   sing N N 5   
ALA CA  HA   sing N N 6   
ALA C   O    doub N N 7   
ALA C   OXT  sing N N 8   
ALA CB  HB1  sing N N 9   
ALA CB  HB2  sing N N 10  
ALA CB  HB3  sing N N 11  
ALA OXT HXT  sing N N 12  
ASN N   CA   sing N N 13  
ASN N   H    sing N N 14  
ASN N   H2   sing N N 15  
ASN CA  C    sing N N 16  
ASN CA  CB   sing N N 17  
ASN CA  HA   sing N N 18  
ASN C   O    doub N N 19  
ASN C   OXT  sing N N 20  
ASN CB  CG   sing N N 21  
ASN CB  HB2  sing N N 22  
ASN CB  HB3  sing N N 23  
ASN CG  OD1  doub N N 24  
ASN CG  ND2  sing N N 25  
ASN ND2 HD21 sing N N 26  
ASN ND2 HD22 sing N N 27  
ASN OXT HXT  sing N N 28  
ASP N   CA   sing N N 29  
ASP N   H    sing N N 30  
ASP N   H2   sing N N 31  
ASP CA  C    sing N N 32  
ASP CA  CB   sing N N 33  
ASP CA  HA   sing N N 34  
ASP C   O    doub N N 35  
ASP C   OXT  sing N N 36  
ASP CB  CG   sing N N 37  
ASP CB  HB2  sing N N 38  
ASP CB  HB3  sing N N 39  
ASP CG  OD1  doub N N 40  
ASP CG  OD2  sing N N 41  
ASP OD2 HD2  sing N N 42  
ASP OXT HXT  sing N N 43  
CYS N   CA   sing N N 44  
CYS N   H    sing N N 45  
CYS N   H2   sing N N 46  
CYS CA  C    sing N N 47  
CYS CA  CB   sing N N 48  
CYS CA  HA   sing N N 49  
CYS C   O    doub N N 50  
CYS C   OXT  sing N N 51  
CYS CB  SG   sing N N 52  
CYS CB  HB2  sing N N 53  
CYS CB  HB3  sing N N 54  
CYS SG  HG   sing N N 55  
CYS OXT HXT  sing N N 56  
GLN N   CA   sing N N 57  
GLN N   H    sing N N 58  
GLN N   H2   sing N N 59  
GLN CA  C    sing N N 60  
GLN CA  CB   sing N N 61  
GLN CA  HA   sing N N 62  
GLN C   O    doub N N 63  
GLN C   OXT  sing N N 64  
GLN CB  CG   sing N N 65  
GLN CB  HB2  sing N N 66  
GLN CB  HB3  sing N N 67  
GLN CG  CD   sing N N 68  
GLN CG  HG2  sing N N 69  
GLN CG  HG3  sing N N 70  
GLN CD  OE1  doub N N 71  
GLN CD  NE2  sing N N 72  
GLN NE2 HE21 sing N N 73  
GLN NE2 HE22 sing N N 74  
GLN OXT HXT  sing N N 75  
GLU N   CA   sing N N 76  
GLU N   H    sing N N 77  
GLU N   H2   sing N N 78  
GLU CA  C    sing N N 79  
GLU CA  CB   sing N N 80  
GLU CA  HA   sing N N 81  
GLU C   O    doub N N 82  
GLU C   OXT  sing N N 83  
GLU CB  CG   sing N N 84  
GLU CB  HB2  sing N N 85  
GLU CB  HB3  sing N N 86  
GLU CG  CD   sing N N 87  
GLU CG  HG2  sing N N 88  
GLU CG  HG3  sing N N 89  
GLU CD  OE1  doub N N 90  
GLU CD  OE2  sing N N 91  
GLU OE2 HE2  sing N N 92  
GLU OXT HXT  sing N N 93  
GLY N   CA   sing N N 94  
GLY N   H    sing N N 95  
GLY N   H2   sing N N 96  
GLY CA  C    sing N N 97  
GLY CA  HA2  sing N N 98  
GLY CA  HA3  sing N N 99  
GLY C   O    doub N N 100 
GLY C   OXT  sing N N 101 
GLY OXT HXT  sing N N 102 
HIS N   CA   sing N N 103 
HIS N   H    sing N N 104 
HIS N   H2   sing N N 105 
HIS CA  C    sing N N 106 
HIS CA  CB   sing N N 107 
HIS CA  HA   sing N N 108 
HIS C   O    doub N N 109 
HIS C   OXT  sing N N 110 
HIS CB  CG   sing N N 111 
HIS CB  HB2  sing N N 112 
HIS CB  HB3  sing N N 113 
HIS CG  ND1  sing Y N 114 
HIS CG  CD2  doub Y N 115 
HIS ND1 CE1  doub Y N 116 
HIS ND1 HD1  sing N N 117 
HIS CD2 NE2  sing Y N 118 
HIS CD2 HD2  sing N N 119 
HIS CE1 NE2  sing Y N 120 
HIS CE1 HE1  sing N N 121 
HIS NE2 HE2  sing N N 122 
HIS OXT HXT  sing N N 123 
HOH O   H1   sing N N 124 
HOH O   H2   sing N N 125 
ILE N   CA   sing N N 126 
ILE N   H    sing N N 127 
ILE N   H2   sing N N 128 
ILE CA  C    sing N N 129 
ILE CA  CB   sing N N 130 
ILE CA  HA   sing N N 131 
ILE C   O    doub N N 132 
ILE C   OXT  sing N N 133 
ILE CB  CG1  sing N N 134 
ILE CB  CG2  sing N N 135 
ILE CB  HB   sing N N 136 
ILE CG1 CD1  sing N N 137 
ILE CG1 HG12 sing N N 138 
ILE CG1 HG13 sing N N 139 
ILE CG2 HG21 sing N N 140 
ILE CG2 HG22 sing N N 141 
ILE CG2 HG23 sing N N 142 
ILE CD1 HD11 sing N N 143 
ILE CD1 HD12 sing N N 144 
ILE CD1 HD13 sing N N 145 
ILE OXT HXT  sing N N 146 
LEU N   CA   sing N N 147 
LEU N   H    sing N N 148 
LEU N   H2   sing N N 149 
LEU CA  C    sing N N 150 
LEU CA  CB   sing N N 151 
LEU CA  HA   sing N N 152 
LEU C   O    doub N N 153 
LEU C   OXT  sing N N 154 
LEU CB  CG   sing N N 155 
LEU CB  HB2  sing N N 156 
LEU CB  HB3  sing N N 157 
LEU CG  CD1  sing N N 158 
LEU CG  CD2  sing N N 159 
LEU CG  HG   sing N N 160 
LEU CD1 HD11 sing N N 161 
LEU CD1 HD12 sing N N 162 
LEU CD1 HD13 sing N N 163 
LEU CD2 HD21 sing N N 164 
LEU CD2 HD22 sing N N 165 
LEU CD2 HD23 sing N N 166 
LEU OXT HXT  sing N N 167 
LYS N   CA   sing N N 168 
LYS N   H    sing N N 169 
LYS N   H2   sing N N 170 
LYS CA  C    sing N N 171 
LYS CA  CB   sing N N 172 
LYS CA  HA   sing N N 173 
LYS C   O    doub N N 174 
LYS C   OXT  sing N N 175 
LYS CB  CG   sing N N 176 
LYS CB  HB2  sing N N 177 
LYS CB  HB3  sing N N 178 
LYS CG  CD   sing N N 179 
LYS CG  HG2  sing N N 180 
LYS CG  HG3  sing N N 181 
LYS CD  CE   sing N N 182 
LYS CD  HD2  sing N N 183 
LYS CD  HD3  sing N N 184 
LYS CE  NZ   sing N N 185 
LYS CE  HE2  sing N N 186 
LYS CE  HE3  sing N N 187 
LYS NZ  HZ1  sing N N 188 
LYS NZ  HZ2  sing N N 189 
LYS NZ  HZ3  sing N N 190 
LYS OXT HXT  sing N N 191 
MET N   CA   sing N N 192 
MET N   H    sing N N 193 
MET N   H2   sing N N 194 
MET CA  C    sing N N 195 
MET CA  CB   sing N N 196 
MET CA  HA   sing N N 197 
MET C   O    doub N N 198 
MET C   OXT  sing N N 199 
MET CB  CG   sing N N 200 
MET CB  HB2  sing N N 201 
MET CB  HB3  sing N N 202 
MET CG  SD   sing N N 203 
MET CG  HG2  sing N N 204 
MET CG  HG3  sing N N 205 
MET SD  CE   sing N N 206 
MET CE  HE1  sing N N 207 
MET CE  HE2  sing N N 208 
MET CE  HE3  sing N N 209 
MET OXT HXT  sing N N 210 
PHE N   CA   sing N N 211 
PHE N   H    sing N N 212 
PHE N   H2   sing N N 213 
PHE CA  C    sing N N 214 
PHE CA  CB   sing N N 215 
PHE CA  HA   sing N N 216 
PHE C   O    doub N N 217 
PHE C   OXT  sing N N 218 
PHE CB  CG   sing N N 219 
PHE CB  HB2  sing N N 220 
PHE CB  HB3  sing N N 221 
PHE CG  CD1  doub Y N 222 
PHE CG  CD2  sing Y N 223 
PHE CD1 CE1  sing Y N 224 
PHE CD1 HD1  sing N N 225 
PHE CD2 CE2  doub Y N 226 
PHE CD2 HD2  sing N N 227 
PHE CE1 CZ   doub Y N 228 
PHE CE1 HE1  sing N N 229 
PHE CE2 CZ   sing Y N 230 
PHE CE2 HE2  sing N N 231 
PHE CZ  HZ   sing N N 232 
PHE OXT HXT  sing N N 233 
PRO N   CA   sing N N 234 
PRO N   CD   sing N N 235 
PRO N   H    sing N N 236 
PRO CA  C    sing N N 237 
PRO CA  CB   sing N N 238 
PRO CA  HA   sing N N 239 
PRO C   O    doub N N 240 
PRO C   OXT  sing N N 241 
PRO CB  CG   sing N N 242 
PRO CB  HB2  sing N N 243 
PRO CB  HB3  sing N N 244 
PRO CG  CD   sing N N 245 
PRO CG  HG2  sing N N 246 
PRO CG  HG3  sing N N 247 
PRO CD  HD2  sing N N 248 
PRO CD  HD3  sing N N 249 
PRO OXT HXT  sing N N 250 
SER N   CA   sing N N 251 
SER N   H    sing N N 252 
SER N   H2   sing N N 253 
SER CA  C    sing N N 254 
SER CA  CB   sing N N 255 
SER CA  HA   sing N N 256 
SER C   O    doub N N 257 
SER C   OXT  sing N N 258 
SER CB  OG   sing N N 259 
SER CB  HB2  sing N N 260 
SER CB  HB3  sing N N 261 
SER OG  HG   sing N N 262 
SER OXT HXT  sing N N 263 
THR N   CA   sing N N 264 
THR N   H    sing N N 265 
THR N   H2   sing N N 266 
THR CA  C    sing N N 267 
THR CA  CB   sing N N 268 
THR CA  HA   sing N N 269 
THR C   O    doub N N 270 
THR C   OXT  sing N N 271 
THR CB  OG1  sing N N 272 
THR CB  CG2  sing N N 273 
THR CB  HB   sing N N 274 
THR OG1 HG1  sing N N 275 
THR CG2 HG21 sing N N 276 
THR CG2 HG22 sing N N 277 
THR CG2 HG23 sing N N 278 
THR OXT HXT  sing N N 279 
TYR N   CA   sing N N 280 
TYR N   H    sing N N 281 
TYR N   H2   sing N N 282 
TYR CA  C    sing N N 283 
TYR CA  CB   sing N N 284 
TYR CA  HA   sing N N 285 
TYR C   O    doub N N 286 
TYR C   OXT  sing N N 287 
TYR CB  CG   sing N N 288 
TYR CB  HB2  sing N N 289 
TYR CB  HB3  sing N N 290 
TYR CG  CD1  doub Y N 291 
TYR CG  CD2  sing Y N 292 
TYR CD1 CE1  sing Y N 293 
TYR CD1 HD1  sing N N 294 
TYR CD2 CE2  doub Y N 295 
TYR CD2 HD2  sing N N 296 
TYR CE1 CZ   doub Y N 297 
TYR CE1 HE1  sing N N 298 
TYR CE2 CZ   sing Y N 299 
TYR CE2 HE2  sing N N 300 
TYR CZ  OH   sing N N 301 
TYR OH  HH   sing N N 302 
TYR OXT HXT  sing N N 303 
VAL N   CA   sing N N 304 
VAL N   H    sing N N 305 
VAL N   H2   sing N N 306 
VAL CA  C    sing N N 307 
VAL CA  CB   sing N N 308 
VAL CA  HA   sing N N 309 
VAL C   O    doub N N 310 
VAL C   OXT  sing N N 311 
VAL CB  CG1  sing N N 312 
VAL CB  CG2  sing N N 313 
VAL CB  HB   sing N N 314 
VAL CG1 HG11 sing N N 315 
VAL CG1 HG12 sing N N 316 
VAL CG1 HG13 sing N N 317 
VAL CG2 HG21 sing N N 318 
VAL CG2 HG22 sing N N 319 
VAL CG2 HG23 sing N N 320 
VAL OXT HXT  sing N N 321 
# 
_atom_sites.entry_id                    4OAJ 
_atom_sites.fract_transf_matrix[1][1]   -0.00041762 
_atom_sites.fract_transf_matrix[1][2]   0.02520526 
_atom_sites.fract_transf_matrix[1][3]   -0.00479026 
_atom_sites.fract_transf_matrix[2][1]   -0.02238247 
_atom_sites.fract_transf_matrix[2][2]   0.01198268 
_atom_sites.fract_transf_matrix[2][3]   -0.00372503 
_atom_sites.fract_transf_matrix[3][1]   -0.00072626 
_atom_sites.fract_transf_matrix[3][2]   0.00210299 
_atom_sites.fract_transf_matrix[3][3]   0.01112878 
_atom_sites.fract_transf_vector[1]      0.087011 
_atom_sites.fract_transf_vector[2]      0.367700 
_atom_sites.fract_transf_vector[3]      0.147891 
# 
loop_
_atom_type.symbol 
C 
N 
O 
S 
# 
loop_
_atom_site.group_PDB 
_atom_site.id 
_atom_site.type_symbol 
_atom_site.label_atom_id 
_atom_site.label_alt_id 
_atom_site.label_comp_id 
_atom_site.label_asym_id 
_atom_site.label_entity_id 
_atom_site.label_seq_id 
_atom_site.pdbx_PDB_ins_code 
_atom_site.Cartn_x 
_atom_site.Cartn_y 
_atom_site.Cartn_z 
_atom_site.occupancy 
_atom_site.B_iso_or_equiv 
_atom_site.pdbx_formal_charge 
_atom_site.auth_seq_id 
_atom_site.auth_comp_id 
_atom_site.auth_asym_id 
_atom_site.auth_atom_id 
_atom_site.pdbx_PDB_model_num 
ATOM   1   N N   . ALA A 1 1  ? 0.968   -14.701 -3.331  1.00 116.64 ? 315 ALA A N   1 
ATOM   2   C CA  . ALA A 1 1  ? 1.922   -15.595 -2.685  1.00 121.87 ? 315 ALA A CA  1 
ATOM   3   C C   . ALA A 1 1  ? 1.497   -15.901 -1.251  1.00 127.84 ? 315 ALA A C   1 
ATOM   4   O O   . ALA A 1 1  ? 0.397   -16.408 -1.013  1.00 127.16 ? 315 ALA A O   1 
ATOM   5   C CB  . ALA A 1 1  ? 3.318   -14.985 -2.715  1.00 113.35 ? 315 ALA A CB  1 
ATOM   6   N N   . ALA A 1 2  ? 2.373   -15.595 -0.298  1.00 127.38 ? 316 ALA A N   1 
ATOM   7   C CA  . ALA A 1 2  ? 2.053   -15.740 1.116   1.00 112.47 ? 316 ALA A CA  1 
ATOM   8   C C   . ALA A 1 2  ? 1.385   -14.470 1.629   1.00 96.05  ? 316 ALA A C   1 
ATOM   9   O O   . ALA A 1 2  ? 1.974   -13.394 1.583   1.00 89.46  ? 316 ALA A O   1 
ATOM   10  C CB  . ALA A 1 2  ? 3.307   -16.042 1.921   1.00 108.17 ? 316 ALA A CB  1 
ATOM   11  N N   . ILE A 1 3  ? 0.150   -14.600 2.105   1.00 92.64  ? 317 ILE A N   1 
ATOM   12  C CA  . ILE A 1 3  ? -0.575  -13.478 2.684   1.00 82.90  ? 317 ILE A CA  1 
ATOM   13  C C   . ILE A 1 3  ? 0.044   -13.026 3.996   1.00 80.64  ? 317 ILE A C   1 
ATOM   14  O O   . ILE A 1 3  ? 0.034   -13.758 4.984   1.00 86.95  ? 317 ILE A O   1 
ATOM   15  C CB  . ILE A 1 3  ? -2.031  -13.840 2.984   1.00 81.49  ? 317 ILE A CB  1 
ATOM   16  C CG1 . ILE A 1 3  ? -2.719  -14.352 1.725   1.00 73.99  ? 317 ILE A CG1 1 
ATOM   17  C CG2 . ILE A 1 3  ? -2.760  -12.618 3.540   1.00 84.75  ? 317 ILE A CG2 1 
ATOM   18  C CD1 . ILE A 1 3  ? -2.946  -13.272 0.720   1.00 69.11  ? 317 ILE A CD1 1 
ATOM   19  N N   . MET A 1 4  ? 0.576   -11.813 4.014   1.00 67.39  ? 318 MET A N   1 
ATOM   20  C CA  . MET A 1 4  ? 1.086   -11.269 5.251   1.00 62.61  ? 318 MET A CA  1 
ATOM   21  C C   . MET A 1 4  ? 0.143   -10.175 5.713   1.00 72.19  ? 318 MET A C   1 
ATOM   22  O O   . MET A 1 4  ? -0.289  -9.339  4.913   1.00 67.14  ? 318 MET A O   1 
ATOM   23  C CB  . MET A 1 4  ? 2.492   -10.716 5.055   1.00 71.04  ? 318 MET A CB  1 
ATOM   24  C CG  . MET A 1 4  ? 3.101   -10.117 6.308   1.00 78.77  ? 318 MET A CG  1 
ATOM   25  S SD  . MET A 1 4  ? 4.875   -9.857  6.135   1.00 131.02 ? 318 MET A SD  1 
ATOM   26  C CE  . MET A 1 4  ? 5.382   -11.469 5.562   1.00 71.24  ? 318 MET A CE  1 
ATOM   27  N N   . GLU A 1 5  ? -0.198  -10.199 6.999   1.00 67.86  ? 319 GLU A N   1 
ATOM   28  C CA  . GLU A 1 5  ? -0.956  -9.115  7.592   1.00 60.32  ? 319 GLU A CA  1 
ATOM   29  C C   . GLU A 1 5  ? -0.053  -8.363  8.544   1.00 58.46  ? 319 GLU A C   1 
ATOM   30  O O   . GLU A 1 5  ? 0.386   -8.902  9.558   1.00 72.74  ? 319 GLU A O   1 
ATOM   31  C CB  . GLU A 1 5  ? -2.185  -9.645  8.326   1.00 62.07  ? 319 GLU A CB  1 
ATOM   32  C CG  . GLU A 1 5  ? -3.079  -8.562  8.937   1.00 65.93  ? 319 GLU A CG  1 
ATOM   33  C CD  . GLU A 1 5  ? -4.260  -9.154  9.709   1.00 77.82  ? 319 GLU A CD  1 
ATOM   34  O OE1 . GLU A 1 5  ? -4.120  -9.428  10.925  1.00 80.16  ? 319 GLU A OE1 1 
ATOM   35  O OE2 . GLU A 1 5  ? -5.330  -9.350  9.097   1.00 73.64  ? 319 GLU A OE2 1 
ATOM   36  N N   . ILE A 1 6  ? 0.220   -7.111  8.204   1.00 49.62  ? 320 ILE A N   1 
ATOM   37  C CA  . ILE A 1 6  ? 1.090   -6.251  8.980   1.00 46.23  ? 320 ILE A CA  1 
ATOM   38  C C   . ILE A 1 6  ? 0.237   -5.251  9.733   1.00 53.82  ? 320 ILE A C   1 
ATOM   39  O O   . ILE A 1 6  ? -0.612  -4.598  9.147   1.00 55.67  ? 320 ILE A O   1 
ATOM   40  C CB  . ILE A 1 6  ? 2.007   -5.451  8.072   1.00 58.20  ? 320 ILE A CB  1 
ATOM   41  C CG1 . ILE A 1 6  ? 3.024   -6.369  7.401   1.00 66.73  ? 320 ILE A CG1 1 
ATOM   42  C CG2 . ILE A 1 6  ? 2.716   -4.359  8.859   1.00 48.54  ? 320 ILE A CG2 1 
ATOM   43  C CD1 . ILE A 1 6  ? 3.238   -6.062  5.935   1.00 65.34  ? 320 ILE A CD1 1 
ATOM   44  N N   . LYS A 1 7  ? 0.474   -5.126  11.031  1.00 62.75  ? 321 LYS A N   1 
ATOM   45  C CA  . LYS A 1 7  ? -0.288  -4.203  11.853  1.00 54.17  ? 321 LYS A CA  1 
ATOM   46  C C   . LYS A 1 7  ? 0.547   -2.965  12.116  1.00 51.01  ? 321 LYS A C   1 
ATOM   47  O O   . LYS A 1 7  ? 1.702   -3.059  12.525  1.00 56.89  ? 321 LYS A O   1 
ATOM   48  C CB  . LYS A 1 7  ? -0.727  -4.889  13.140  1.00 47.20  ? 321 LYS A CB  1 
ATOM   49  C CG  . LYS A 1 7  ? -1.830  -5.929  12.931  1.00 46.60  ? 321 LYS A CG  1 
ATOM   50  C CD  . LYS A 1 7  ? -2.222  -6.632  14.239  1.00 48.51  ? 321 LYS A CD  1 
ATOM   51  C CE  . LYS A 1 7  ? -1.020  -7.291  14.892  1.00 54.56  ? 321 LYS A CE  1 
ATOM   52  N NZ  . LYS A 1 7  ? -1.140  -8.772  14.919  1.00 71.47  ? 321 LYS A NZ  1 
ATOM   53  N N   . LEU A 1 8  ? -0.037  -1.805  11.834  1.00 42.12  ? 322 LEU A N   1 
ATOM   54  C CA  . LEU A 1 8  ? 0.695   -0.542  11.829  1.00 47.36  ? 322 LEU A CA  1 
ATOM   55  C C   . LEU A 1 8  ? 0.007   0.516   12.664  1.00 54.46  ? 322 LEU A C   1 
ATOM   56  O O   . LEU A 1 8  ? -1.220  0.606   12.698  1.00 61.51  ? 322 LEU A O   1 
ATOM   57  C CB  . LEU A 1 8  ? 0.811   0.007   10.409  1.00 46.27  ? 322 LEU A CB  1 
ATOM   58  C CG  . LEU A 1 8  ? 1.808   -0.598  9.432   1.00 52.02  ? 322 LEU A CG  1 
ATOM   59  C CD1 . LEU A 1 8  ? 1.782   0.251   8.194   1.00 54.77  ? 322 LEU A CD1 1 
ATOM   60  C CD2 . LEU A 1 8  ? 3.213   -0.627  10.010  1.00 51.49  ? 322 LEU A CD2 1 
ATOM   61  N N   . ILE A 1 9  ? 0.801   1.336   13.329  1.00 54.08  ? 323 ILE A N   1 
ATOM   62  C CA  . ILE A 1 9  ? 0.241   2.493   13.985  1.00 52.80  ? 323 ILE A CA  1 
ATOM   63  C C   . ILE A 1 9  ? 0.500   3.687   13.083  1.00 54.18  ? 323 ILE A C   1 
ATOM   64  O O   . ILE A 1 9  ? 1.639   3.939   12.699  1.00 55.43  ? 323 ILE A O   1 
ATOM   65  C CB  . ILE A 1 9  ? 0.853   2.720   15.368  1.00 55.58  ? 323 ILE A CB  1 
ATOM   66  C CG1 . ILE A 1 9  ? 0.519   1.535   16.276  1.00 60.48  ? 323 ILE A CG1 1 
ATOM   67  C CG2 . ILE A 1 9  ? 0.336   4.033   15.957  1.00 50.21  ? 323 ILE A CG2 1 
ATOM   68  C CD1 . ILE A 1 9  ? 1.000   1.685   17.691  1.00 61.77  ? 323 ILE A CD1 1 
ATOM   69  N N   . LYS A 1 10 ? -0.555  4.402   12.717  1.00 49.52  ? 324 LYS A N   1 
ATOM   70  C CA  . LYS A 1 10 ? -0.390  5.527   11.811  1.00 60.74  ? 324 LYS A CA  1 
ATOM   71  C C   . LYS A 1 10 ? 0.383   6.644   12.492  1.00 61.10  ? 324 LYS A C   1 
ATOM   72  O O   . LYS A 1 10 ? 0.035   7.084   13.587  1.00 64.92  ? 324 LYS A O   1 
ATOM   73  C CB  . LYS A 1 10 ? -1.736  6.030   11.286  1.00 62.05  ? 324 LYS A CB  1 
ATOM   74  C CG  . LYS A 1 10 ? -1.644  6.638   9.901   1.00 62.03  ? 324 LYS A CG  1 
ATOM   75  C CD  . LYS A 1 10 ? -3.009  6.877   9.279   1.00 68.17  ? 324 LYS A CD  1 
ATOM   76  C CE  . LYS A 1 10 ? -3.780  7.972   9.984   1.00 82.51  ? 324 LYS A CE  1 
ATOM   77  N NZ  . LYS A 1 10 ? -5.129  8.135   9.370   1.00 93.93  ? 324 LYS A NZ  1 
ATOM   78  N N   . GLY A 1 11 ? 1.454   7.082   11.842  1.00 66.43  ? 325 GLY A N   1 
ATOM   79  C CA  . GLY A 1 11 ? 2.260   8.165   12.363  1.00 68.09  ? 325 GLY A CA  1 
ATOM   80  C C   . GLY A 1 11 ? 1.643   9.516   12.060  1.00 72.21  ? 325 GLY A C   1 
ATOM   81  O O   . GLY A 1 11 ? 0.692   9.613   11.278  1.00 76.40  ? 325 GLY A O   1 
ATOM   82  N N   . PRO A 1 12 ? 2.195   10.575  12.666  1.00 63.49  ? 326 PRO A N   1 
ATOM   83  C CA  . PRO A 1 12 ? 1.707   11.939  12.434  1.00 60.16  ? 326 PRO A CA  1 
ATOM   84  C C   . PRO A 1 12 ? 1.810   12.314  10.952  1.00 74.34  ? 326 PRO A C   1 
ATOM   85  O O   . PRO A 1 12 ? 0.953   13.036  10.435  1.00 71.05  ? 326 PRO A O   1 
ATOM   86  C CB  . PRO A 1 12 ? 2.657   12.793  13.279  1.00 64.91  ? 326 PRO A CB  1 
ATOM   87  C CG  . PRO A 1 12 ? 3.904   11.984  13.368  1.00 64.51  ? 326 PRO A CG  1 
ATOM   88  C CD  . PRO A 1 12 ? 3.441   10.559  13.455  1.00 59.81  ? 326 PRO A CD  1 
ATOM   89  N N   . LYS A 1 13 ? 2.838   11.796  10.282  1.00 74.07  ? 327 LYS A N   1 
ATOM   90  C CA  . LYS A 1 13 ? 3.062   12.054  8.864   1.00 73.30  ? 327 LYS A CA  1 
ATOM   91  C C   . LYS A 1 13 ? 2.229   11.155  7.970   1.00 77.57  ? 327 LYS A C   1 
ATOM   92  O O   . LYS A 1 13 ? 2.120   11.397  6.770   1.00 84.48  ? 327 LYS A O   1 
ATOM   93  C CB  . LYS A 1 13 ? 4.541   11.877  8.512   1.00 67.65  ? 327 LYS A CB  1 
ATOM   94  C CG  . LYS A 1 13 ? 5.431   13.005  9.006   1.00 73.69  ? 327 LYS A CG  1 
ATOM   95  C CD  . LYS A 1 13 ? 6.883   12.742  8.657   1.00 80.54  ? 327 LYS A CD  1 
ATOM   96  C CE  . LYS A 1 13 ? 7.776   13.869  9.142   1.00 84.22  ? 327 LYS A CE  1 
ATOM   97  N NZ  . LYS A 1 13 ? 9.147   13.374  9.427   1.00 86.89  ? 327 LYS A NZ  1 
ATOM   98  N N   . GLY A 1 14 ? 1.650   10.112  8.549   1.00 74.15  ? 328 GLY A N   1 
ATOM   99  C CA  . GLY A 1 14 ? 0.894   9.145   7.766   1.00 69.41  ? 328 GLY A CA  1 
ATOM   100 C C   . GLY A 1 14 ? 1.497   7.763   7.896   1.00 61.27  ? 328 GLY A C   1 
ATOM   101 O O   . GLY A 1 14 ? 2.230   7.489   8.843   1.00 67.40  ? 328 GLY A O   1 
ATOM   102 N N   . LEU A 1 15 ? 1.216   6.898   6.936   1.00 54.56  ? 329 LEU A N   1 
ATOM   103 C CA  . LEU A 1 15 ? 1.706   5.529   7.010   1.00 55.66  ? 329 LEU A CA  1 
ATOM   104 C C   . LEU A 1 15 ? 3.184   5.355   6.650   1.00 54.51  ? 329 LEU A C   1 
ATOM   105 O O   . LEU A 1 15 ? 3.810   4.381   7.055   1.00 57.51  ? 329 LEU A O   1 
ATOM   106 C CB  . LEU A 1 15 ? 0.827   4.614   6.171   1.00 45.69  ? 329 LEU A CB  1 
ATOM   107 C CG  . LEU A 1 15 ? -0.489  4.280   6.873   1.00 62.25  ? 329 LEU A CG  1 
ATOM   108 C CD1 . LEU A 1 15 ? -1.389  3.423   5.998   1.00 61.96  ? 329 LEU A CD1 1 
ATOM   109 C CD2 . LEU A 1 15 ? -0.206  3.580   8.194   1.00 59.24  ? 329 LEU A CD2 1 
ATOM   110 N N   . GLY A 1 16 ? 3.740   6.300   5.903   1.00 51.52  ? 330 GLY A N   1 
ATOM   111 C CA  . GLY A 1 16 ? 5.151   6.251   5.581   1.00 57.23  ? 330 GLY A CA  1 
ATOM   112 C C   . GLY A 1 16 ? 5.524   5.323   4.432   1.00 65.84  ? 330 GLY A C   1 
ATOM   113 O O   . GLY A 1 16 ? 6.581   4.690   4.449   1.00 63.51  ? 330 GLY A O   1 
ATOM   114 N N   . PHE A 1 17 ? 4.658   5.231   3.431   1.00 46.80  ? 331 PHE A N   1 
ATOM   115 C CA  . PHE A 1 17 ? 5.056   4.618   2.180   1.00 47.14  ? 331 PHE A CA  1 
ATOM   116 C C   . PHE A 1 17 ? 4.323   5.207   1.003   1.00 61.72  ? 331 PHE A C   1 
ATOM   117 O O   . PHE A 1 17 ? 3.411   6.005   1.178   1.00 55.82  ? 331 PHE A O   1 
ATOM   118 C CB  . PHE A 1 17 ? 4.930   3.086   2.203   1.00 49.82  ? 331 PHE A CB  1 
ATOM   119 C CG  . PHE A 1 17 ? 3.540   2.564   2.472   1.00 53.36  ? 331 PHE A CG  1 
ATOM   120 C CD1 . PHE A 1 17 ? 2.680   2.272   1.429   1.00 55.28  ? 331 PHE A CD1 1 
ATOM   121 C CD2 . PHE A 1 17 ? 3.123   2.301   3.770   1.00 52.76  ? 331 PHE A CD2 1 
ATOM   122 C CE1 . PHE A 1 17 ? 1.407   1.746   1.678   1.00 58.85  ? 331 PHE A CE1 1 
ATOM   123 C CE2 . PHE A 1 17 ? 1.856   1.782   4.027   1.00 44.48  ? 331 PHE A CE2 1 
ATOM   124 C CZ  . PHE A 1 17 ? 0.996   1.509   2.986   1.00 48.49  ? 331 PHE A CZ  1 
ATOM   125 N N   . SER A 1 18 ? 4.737   4.815   -0.199  1.00 62.63  ? 332 SER A N   1 
ATOM   126 C CA  . SER A 1 18 ? 4.104   5.288   -1.422  1.00 52.83  ? 332 SER A CA  1 
ATOM   127 C C   . SER A 1 18 ? 3.684   4.116   -2.279  1.00 57.98  ? 332 SER A C   1 
ATOM   128 O O   . SER A 1 18 ? 4.301   3.051   -2.244  1.00 61.10  ? 332 SER A O   1 
ATOM   129 C CB  . SER A 1 18 ? 5.061   6.163   -2.222  1.00 54.37  ? 332 SER A CB  1 
ATOM   130 O OG  . SER A 1 18 ? 5.657   7.131   -1.383  1.00 76.26  ? 332 SER A OG  1 
ATOM   131 N N   . ILE A 1 19 ? 2.646   4.327   -3.077  1.00 58.46  ? 333 ILE A N   1 
ATOM   132 C CA  . ILE A 1 19 ? 2.077   3.264   -3.869  1.00 47.94  ? 333 ILE A CA  1 
ATOM   133 C C   . ILE A 1 19 ? 1.878   3.685   -5.303  1.00 51.51  ? 333 ILE A C   1 
ATOM   134 O O   . ILE A 1 19 ? 1.728   4.862   -5.588  1.00 54.31  ? 333 ILE A O   1 
ATOM   135 C CB  . ILE A 1 19 ? 0.687   2.833   -3.341  1.00 48.76  ? 333 ILE A CB  1 
ATOM   136 C CG1 . ILE A 1 19 ? -0.273  4.023   -3.308  1.00 46.57  ? 333 ILE A CG1 1 
ATOM   137 C CG2 . ILE A 1 19 ? 0.795   2.204   -1.977  1.00 44.89  ? 333 ILE A CG2 1 
ATOM   138 C CD1 . ILE A 1 19 ? -1.680  3.628   -2.979  1.00 50.05  ? 333 ILE A CD1 1 
ATOM   139 N N   . ALA A 1 20 ? 1.865   2.699   -6.192  1.00 51.24  ? 334 ALA A N   1 
ATOM   140 C CA  . ALA A 1 20 ? 1.445   2.878   -7.570  1.00 51.66  ? 334 ALA A CA  1 
ATOM   141 C C   . ALA A 1 20 ? 0.511   1.734   -7.914  1.00 51.16  ? 334 ALA A C   1 
ATOM   142 O O   . ALA A 1 20 ? 0.231   0.879   -7.082  1.00 66.93  ? 334 ALA A O   1 
ATOM   143 C CB  . ALA A 1 20 ? 2.649   2.870   -8.504  1.00 53.96  ? 334 ALA A CB  1 
ATOM   144 N N   . GLY A 1 21 ? 0.049   1.708   -9.152  1.00 62.36  ? 335 GLY A N   1 
ATOM   145 C CA  . GLY A 1 21 ? -0.799  0.636   -9.610  1.00 52.91  ? 335 GLY A CA  1 
ATOM   146 C C   . GLY A 1 21 ? -2.226  1.105   -9.691  1.00 55.73  ? 335 GLY A C   1 
ATOM   147 O O   . GLY A 1 21 ? -2.501  2.283   -9.522  1.00 55.72  ? 335 GLY A O   1 
ATOM   148 N N   . GLY A 1 22 ? -3.139  0.171   -9.931  1.00 53.58  ? 336 GLY A N   1 
ATOM   149 C CA  . GLY A 1 22 ? -4.531  0.516   -10.105 1.00 65.26  ? 336 GLY A CA  1 
ATOM   150 C C   . GLY A 1 22 ? -5.009  0.337   -11.534 1.00 71.39  ? 336 GLY A C   1 
ATOM   151 O O   . GLY A 1 22 ? -4.221  0.290   -12.481 1.00 75.72  ? 336 GLY A O   1 
ATOM   152 N N   . VAL A 1 23 ? -6.320  0.215   -11.678 1.00 67.22  ? 337 VAL A N   1 
ATOM   153 C CA  . VAL A 1 23 ? -6.948  0.222   -12.976 1.00 62.18  ? 337 VAL A CA  1 
ATOM   154 C C   . VAL A 1 23 ? -6.625  1.541   -13.651 1.00 78.54  ? 337 VAL A C   1 
ATOM   155 O O   . VAL A 1 23 ? -6.749  2.603   -13.041 1.00 86.29  ? 337 VAL A O   1 
ATOM   156 C CB  . VAL A 1 23 ? -8.453  0.103   -12.833 1.00 61.74  ? 337 VAL A CB  1 
ATOM   157 C CG1 . VAL A 1 23 ? -9.115  0.090   -14.208 1.00 67.78  ? 337 VAL A CG1 1 
ATOM   158 C CG2 . VAL A 1 23 ? -8.802  -1.147  -12.035 1.00 69.66  ? 337 VAL A CG2 1 
ATOM   159 N N   . GLY A 1 24 ? -6.183  1.469   -14.900 1.00 81.13  ? 338 GLY A N   1 
ATOM   160 C CA  . GLY A 1 24 ? -5.875  2.662   -15.662 1.00 78.10  ? 338 GLY A CA  1 
ATOM   161 C C   . GLY A 1 24 ? -4.550  3.276   -15.280 1.00 73.62  ? 338 GLY A C   1 
ATOM   162 O O   . GLY A 1 24 ? -4.218  4.378   -15.711 1.00 83.97  ? 338 GLY A O   1 
ATOM   163 N N   . ASN A 1 25 ? -3.780  2.552   -14.479 1.00 67.76  ? 339 ASN A N   1 
ATOM   164 C CA  . ASN A 1 25 ? -2.490  3.053   -14.030 1.00 68.39  ? 339 ASN A CA  1 
ATOM   165 C C   . ASN A 1 25 ? -1.568  1.922   -13.594 1.00 68.28  ? 339 ASN A C   1 
ATOM   166 O O   . ASN A 1 25 ? -1.011  1.946   -12.497 1.00 70.22  ? 339 ASN A O   1 
ATOM   167 C CB  . ASN A 1 25 ? -2.688  4.053   -12.888 1.00 64.51  ? 339 ASN A CB  1 
ATOM   168 C CG  . ASN A 1 25 ? -1.419  4.756   -12.515 1.00 62.28  ? 339 ASN A CG  1 
ATOM   169 O OD1 . ASN A 1 25 ? -0.985  5.685   -13.195 1.00 61.43  ? 339 ASN A OD1 1 
ATOM   170 N ND2 . ASN A 1 25 ? -0.793  4.299   -11.441 1.00 63.87  ? 339 ASN A ND2 1 
ATOM   171 N N   . GLN A 1 26 ? -1.409  0.933   -14.467 1.00 65.89  ? 340 GLN A N   1 
ATOM   172 C CA  . GLN A 1 26 ? -0.641  -0.260  -14.150 1.00 61.01  ? 340 GLN A CA  1 
ATOM   173 C C   . GLN A 1 26 ? 0.796   0.066   -13.790 1.00 61.05  ? 340 GLN A C   1 
ATOM   174 O O   . GLN A 1 26 ? 1.436   0.895   -14.432 1.00 69.98  ? 340 GLN A O   1 
ATOM   175 C CB  . GLN A 1 26 ? -0.663  -1.222  -15.337 1.00 78.77  ? 340 GLN A CB  1 
ATOM   176 C CG  . GLN A 1 26 ? -2.059  -1.575  -15.823 1.00 75.42  ? 340 GLN A CG  1 
ATOM   177 C CD  . GLN A 1 26 ? -2.050  -2.502  -17.027 1.00 76.96  ? 340 GLN A CD  1 
ATOM   178 O OE1 . GLN A 1 26 ? -0.999  -2.835  -17.571 1.00 76.84  ? 340 GLN A OE1 1 
ATOM   179 N NE2 . GLN A 1 26 ? -3.232  -2.926  -17.441 1.00 68.74  ? 340 GLN A NE2 1 
ATOM   180 N N   . HIS A 1 27 ? 1.306   -0.592  -12.755 1.00 59.64  ? 341 HIS A N   1 
ATOM   181 C CA  . HIS A 1 27 ? 2.708   -0.449  -12.366 1.00 63.47  ? 341 HIS A CA  1 
ATOM   182 C C   . HIS A 1 27 ? 3.549   -1.469  -13.124 1.00 64.85  ? 341 HIS A C   1 
ATOM   183 O O   . HIS A 1 27 ? 4.742   -1.276  -13.347 1.00 71.64  ? 341 HIS A O   1 
ATOM   184 C CB  . HIS A 1 27 ? 2.865   -0.660  -10.863 1.00 65.12  ? 341 HIS A CB  1 
ATOM   185 C CG  . HIS A 1 27 ? 4.284   -0.596  -10.390 1.00 70.77  ? 341 HIS A CG  1 
ATOM   186 N ND1 . HIS A 1 27 ? 5.108   0.479   -10.651 1.00 71.47  ? 341 HIS A ND1 1 
ATOM   187 C CD2 . HIS A 1 27 ? 5.024   -1.476  -9.677  1.00 65.78  ? 341 HIS A CD2 1 
ATOM   188 C CE1 . HIS A 1 27 ? 6.293   0.260   -10.112 1.00 69.76  ? 341 HIS A CE1 1 
ATOM   189 N NE2 . HIS A 1 27 ? 6.270   -0.921  -9.521  1.00 70.88  ? 341 HIS A NE2 1 
ATOM   190 N N   . ILE A 1 28 ? 2.901   -2.557  -13.515 1.00 69.60  ? 342 ILE A N   1 
ATOM   191 C CA  . ILE A 1 28 ? 3.504   -3.581  -14.351 1.00 79.93  ? 342 ILE A CA  1 
ATOM   192 C C   . ILE A 1 28 ? 2.513   -3.912  -15.464 1.00 77.34  ? 342 ILE A C   1 
ATOM   193 O O   . ILE A 1 28 ? 1.312   -3.985  -15.214 1.00 79.16  ? 342 ILE A O   1 
ATOM   194 C CB  . ILE A 1 28 ? 3.841   -4.826  -13.507 1.00 82.34  ? 342 ILE A CB  1 
ATOM   195 C CG1 . ILE A 1 28 ? 5.302   -4.788  -13.070 1.00 84.73  ? 342 ILE A CG1 1 
ATOM   196 C CG2 . ILE A 1 28 ? 3.559   -6.112  -14.267 1.00 85.01  ? 342 ILE A CG2 1 
ATOM   197 C CD1 . ILE A 1 28 ? 5.627   -5.791  -11.992 1.00 89.95  ? 342 ILE A CD1 1 
ATOM   198 N N   . PRO A 1 29 ? 3.006   -4.087  -16.704 1.00 78.10  ? 343 PRO A N   1 
ATOM   199 C CA  . PRO A 1 29 ? 2.128   -4.378  -17.846 1.00 88.66  ? 343 PRO A CA  1 
ATOM   200 C C   . PRO A 1 29 ? 1.202   -5.568  -17.593 1.00 88.46  ? 343 PRO A C   1 
ATOM   201 O O   . PRO A 1 29 ? 1.674   -6.643  -17.222 1.00 90.53  ? 343 PRO A O   1 
ATOM   202 C CB  . PRO A 1 29 ? 3.116   -4.715  -18.971 1.00 88.93  ? 343 PRO A CB  1 
ATOM   203 C CG  . PRO A 1 29 ? 4.374   -4.024  -18.583 1.00 83.84  ? 343 PRO A CG  1 
ATOM   204 C CD  . PRO A 1 29 ? 4.426   -4.036  -17.090 1.00 76.90  ? 343 PRO A CD  1 
ATOM   205 N N   . GLY A 1 30 ? -0.100  -5.370  -17.785 1.00 83.09  ? 344 GLY A N   1 
ATOM   206 C CA  . GLY A 1 30 ? -1.070  -6.442  -17.645 1.00 82.28  ? 344 GLY A CA  1 
ATOM   207 C C   . GLY A 1 30 ? -1.553  -6.664  -16.220 1.00 82.69  ? 344 GLY A C   1 
ATOM   208 O O   . GLY A 1 30 ? -2.430  -7.492  -15.975 1.00 82.46  ? 344 GLY A O   1 
ATOM   209 N N   . ASP A 1 31 ? -0.980  -5.925  -15.278 1.00 68.51  ? 345 ASP A N   1 
ATOM   210 C CA  . ASP A 1 31 ? -1.325  -6.079  -13.872 1.00 69.83  ? 345 ASP A CA  1 
ATOM   211 C C   . ASP A 1 31 ? -1.877  -4.773  -13.301 1.00 68.66  ? 345 ASP A C   1 
ATOM   212 O O   . ASP A 1 31 ? -1.214  -3.743  -13.332 1.00 67.66  ? 345 ASP A O   1 
ATOM   213 C CB  . ASP A 1 31 ? -0.096  -6.530  -13.073 1.00 71.04  ? 345 ASP A CB  1 
ATOM   214 C CG  . ASP A 1 31 ? -0.404  -6.778  -11.599 1.00 75.24  ? 345 ASP A CG  1 
ATOM   215 O OD1 . ASP A 1 31 ? -1.532  -6.503  -11.151 1.00 74.15  ? 345 ASP A OD1 1 
ATOM   216 O OD2 . ASP A 1 31 ? 0.494   -7.251  -10.876 1.00 85.19  ? 345 ASP A OD2 1 
ATOM   217 N N   . ASN A 1 32 ? -3.089  -4.828  -12.761 1.00 69.67  ? 346 ASN A N   1 
ATOM   218 C CA  . ASN A 1 32 ? -3.731  -3.641  -12.204 1.00 71.46  ? 346 ASN A CA  1 
ATOM   219 C C   . ASN A 1 32 ? -3.455  -3.393  -10.729 1.00 62.37  ? 346 ASN A C   1 
ATOM   220 O O   . ASN A 1 32 ? -3.817  -2.357  -10.197 1.00 60.05  ? 346 ASN A O   1 
ATOM   221 C CB  . ASN A 1 32 ? -5.242  -3.713  -12.404 1.00 71.41  ? 346 ASN A CB  1 
ATOM   222 C CG  . ASN A 1 32 ? -5.643  -3.509  -13.837 1.00 73.33  ? 346 ASN A CG  1 
ATOM   223 O OD1 . ASN A 1 32 ? -4.951  -2.827  -14.593 1.00 73.50  ? 346 ASN A OD1 1 
ATOM   224 N ND2 . ASN A 1 32 ? -6.763  -4.102  -14.227 1.00 74.47  ? 346 ASN A ND2 1 
ATOM   225 N N   . SER A 1 33 ? -2.811  -4.336  -10.063 1.00 56.32  ? 347 SER A N   1 
ATOM   226 C CA  . SER A 1 33 ? -2.725  -4.268  -8.616  1.00 54.61  ? 347 SER A CA  1 
ATOM   227 C C   . SER A 1 33 ? -1.939  -3.084  -8.065  1.00 53.31  ? 347 SER A C   1 
ATOM   228 O O   . SER A 1 33 ? -1.160  -2.446  -8.762  1.00 52.80  ? 347 SER A O   1 
ATOM   229 C CB  . SER A 1 33 ? -2.219  -5.592  -8.035  1.00 71.74  ? 347 SER A CB  1 
ATOM   230 O OG  . SER A 1 33 ? -0.965  -5.946  -8.574  1.00 82.75  ? 347 SER A OG  1 
ATOM   231 N N   . ILE A 1 34 ? -2.193  -2.791  -6.795  1.00 54.16  ? 348 ILE A N   1 
ATOM   232 C CA  . ILE A 1 34 ? -1.522  -1.730  -6.077  1.00 52.27  ? 348 ILE A CA  1 
ATOM   233 C C   . ILE A 1 34 ? -0.183  -2.216  -5.556  1.00 50.50  ? 348 ILE A C   1 
ATOM   234 O O   . ILE A 1 34 ? -0.134  -3.218  -4.872  1.00 56.21  ? 348 ILE A O   1 
ATOM   235 C CB  . ILE A 1 34 ? -2.368  -1.307  -4.867  1.00 53.60  ? 348 ILE A CB  1 
ATOM   236 C CG1 . ILE A 1 34 ? -3.777  -0.911  -5.324  1.00 52.04  ? 348 ILE A CG1 1 
ATOM   237 C CG2 . ILE A 1 34 ? -1.678  -0.181  -4.111  1.00 45.82  ? 348 ILE A CG2 1 
ATOM   238 C CD1 . ILE A 1 34 ? -3.792  0.205   -6.372  1.00 49.60  ? 348 ILE A CD1 1 
ATOM   239 N N   . TYR A 1 35 ? 0.900   -1.501  -5.852  1.00 58.10  ? 349 TYR A N   1 
ATOM   240 C CA  . TYR A 1 35 ? 2.211   -1.879  -5.324  1.00 49.69  ? 349 TYR A CA  1 
ATOM   241 C C   . TYR A 1 35 ? 2.851   -0.795  -4.469  1.00 64.45  ? 349 TYR A C   1 
ATOM   242 O O   . TYR A 1 35 ? 2.630   0.382   -4.703  1.00 64.04  ? 349 TYR A O   1 
ATOM   243 C CB  . TYR A 1 35 ? 3.165   -2.238  -6.455  1.00 52.12  ? 349 TYR A CB  1 
ATOM   244 C CG  . TYR A 1 35 ? 2.823   -3.530  -7.139  1.00 53.82  ? 349 TYR A CG  1 
ATOM   245 C CD1 . TYR A 1 35 ? 3.181   -4.747  -6.580  1.00 67.13  ? 349 TYR A CD1 1 
ATOM   246 C CD2 . TYR A 1 35 ? 2.139   -3.538  -8.337  1.00 70.79  ? 349 TYR A CD2 1 
ATOM   247 C CE1 . TYR A 1 35 ? 2.873   -5.937  -7.202  1.00 64.07  ? 349 TYR A CE1 1 
ATOM   248 C CE2 . TYR A 1 35 ? 1.828   -4.721  -8.976  1.00 79.84  ? 349 TYR A CE2 1 
ATOM   249 C CZ  . TYR A 1 35 ? 2.192   -5.920  -8.404  1.00 76.38  ? 349 TYR A CZ  1 
ATOM   250 O OH  . TYR A 1 35 ? 1.874   -7.101  -9.041  1.00 75.19  ? 349 TYR A OH  1 
ATOM   251 N N   . VAL A 1 36 ? 3.648   -1.210  -3.486  1.00 48.54  ? 350 VAL A N   1 
ATOM   252 C CA  . VAL A 1 36 ? 4.481   -0.307  -2.704  1.00 56.87  ? 350 VAL A CA  1 
ATOM   253 C C   . VAL A 1 36 ? 5.769   -0.010  -3.453  1.00 70.86  ? 350 VAL A C   1 
ATOM   254 O O   . VAL A 1 36 ? 6.516   -0.928  -3.771  1.00 73.01  ? 350 VAL A O   1 
ATOM   255 C CB  . VAL A 1 36 ? 4.879   -0.939  -1.353  1.00 58.24  ? 350 VAL A CB  1 
ATOM   256 C CG1 . VAL A 1 36 ? 5.945   -0.115  -0.673  1.00 48.17  ? 350 VAL A CG1 1 
ATOM   257 C CG2 . VAL A 1 36 ? 3.674   -1.079  -0.452  1.00 62.75  ? 350 VAL A CG2 1 
ATOM   258 N N   . THR A 1 37 ? 6.034   1.268   -3.720  1.00 73.56  ? 351 THR A N   1 
ATOM   259 C CA  . THR A 1 37 ? 7.248   1.672   -4.432  1.00 66.87  ? 351 THR A CA  1 
ATOM   260 C C   . THR A 1 37 ? 8.303   2.232   -3.508  1.00 74.83  ? 351 THR A C   1 
ATOM   261 O O   . THR A 1 37 ? 9.491   2.170   -3.812  1.00 80.31  ? 351 THR A O   1 
ATOM   262 C CB  . THR A 1 37 ? 6.980   2.808   -5.404  1.00 66.09  ? 351 THR A CB  1 
ATOM   263 O OG1 . THR A 1 37 ? 6.290   3.855   -4.706  1.00 72.50  ? 351 THR A OG1 1 
ATOM   264 C CG2 . THR A 1 37 ? 6.166   2.333   -6.598  1.00 58.38  ? 351 THR A CG2 1 
ATOM   265 N N   . LYS A 1 38 ? 7.874   2.828   -2.401  1.00 67.77  ? 352 LYS A N   1 
ATOM   266 C CA  . LYS A 1 38 ? 8.824   3.466   -1.506  1.00 61.92  ? 352 LYS A CA  1 
ATOM   267 C C   . LYS A 1 38 ? 8.410   3.379   -0.051  1.00 59.64  ? 352 LYS A C   1 
ATOM   268 O O   . LYS A 1 38 ? 7.229   3.437   0.278   1.00 55.66  ? 352 LYS A O   1 
ATOM   269 C CB  . LYS A 1 38 ? 9.047   4.930   -1.906  1.00 68.90  ? 352 LYS A CB  1 
ATOM   270 C CG  . LYS A 1 38 ? 10.142  5.614   -1.115  1.00 68.16  ? 352 LYS A CG  1 
ATOM   271 C CD  . LYS A 1 38 ? 10.268  7.082   -1.457  1.00 74.95  ? 352 LYS A CD  1 
ATOM   272 C CE  . LYS A 1 38 ? 11.115  7.798   -0.400  1.00 82.36  ? 352 LYS A CE  1 
ATOM   273 N NZ  . LYS A 1 38 ? 11.617  9.134   -0.847  1.00 81.97  ? 352 LYS A NZ  1 
ATOM   274 N N   . ILE A 1 39 ? 9.403   3.222   0.813   1.00 59.32  ? 353 ILE A N   1 
ATOM   275 C CA  . ILE A 1 39 ? 9.197   3.271   2.245   1.00 64.81  ? 353 ILE A CA  1 
ATOM   276 C C   . ILE A 1 39 ? 10.111  4.334   2.835   1.00 72.61  ? 353 ILE A C   1 
ATOM   277 O O   . ILE A 1 39 ? 11.330  4.171   2.871   1.00 81.85  ? 353 ILE A O   1 
ATOM   278 C CB  . ILE A 1 39 ? 9.519   1.933   2.895   1.00 62.01  ? 353 ILE A CB  1 
ATOM   279 C CG1 . ILE A 1 39 ? 8.605   0.849   2.346   1.00 59.89  ? 353 ILE A CG1 1 
ATOM   280 C CG2 . ILE A 1 39 ? 9.326   2.027   4.373   1.00 54.39  ? 353 ILE A CG2 1 
ATOM   281 C CD1 . ILE A 1 39 ? 8.703   -0.426  3.110   1.00 57.38  ? 353 ILE A CD1 1 
ATOM   282 N N   . ILE A 1 40 ? 9.524   5.429   3.291   1.00 60.54  ? 354 ILE A N   1 
ATOM   283 C CA  . ILE A 1 40 ? 10.332  6.543   3.739   1.00 67.99  ? 354 ILE A CA  1 
ATOM   284 C C   . ILE A 1 40 ? 10.944  6.326   5.130   1.00 71.45  ? 354 ILE A C   1 
ATOM   285 O O   . ILE A 1 40 ? 10.300  5.821   6.050   1.00 61.49  ? 354 ILE A O   1 
ATOM   286 C CB  . ILE A 1 40 ? 9.563   7.884   3.658   1.00 72.54  ? 354 ILE A CB  1 
ATOM   287 C CG1 . ILE A 1 40 ? 10.553  9.055   3.678   1.00 77.95  ? 354 ILE A CG1 1 
ATOM   288 C CG2 . ILE A 1 40 ? 8.501   7.978   4.767   1.00 61.31  ? 354 ILE A CG2 1 
ATOM   289 C CD1 . ILE A 1 40 ? 9.920   10.426  3.571   1.00 81.53  ? 354 ILE A CD1 1 
ATOM   290 N N   . GLU A 1 41 ? 12.213  6.705   5.254   1.00 75.09  ? 355 GLU A N   1 
ATOM   291 C CA  . GLU A 1 41 ? 12.951  6.636   6.504   1.00 75.77  ? 355 GLU A CA  1 
ATOM   292 C C   . GLU A 1 41 ? 12.250  7.370   7.638   1.00 80.73  ? 355 GLU A C   1 
ATOM   293 O O   . GLU A 1 41 ? 11.773  8.487   7.458   1.00 91.58  ? 355 GLU A O   1 
ATOM   294 C CB  . GLU A 1 41 ? 14.330  7.259   6.295   1.00 93.68  ? 355 GLU A CB  1 
ATOM   295 C CG  . GLU A 1 41 ? 15.433  6.270   5.991   1.00 98.09  ? 355 GLU A CG  1 
ATOM   296 C CD  . GLU A 1 41 ? 16.244  5.938   7.226   1.00 102.46 ? 355 GLU A CD  1 
ATOM   297 O OE1 . GLU A 1 41 ? 15.631  5.581   8.255   1.00 99.99  ? 355 GLU A OE1 1 
ATOM   298 O OE2 . GLU A 1 41 ? 17.490  6.056   7.175   1.00 108.05 ? 355 GLU A OE2 1 
ATOM   299 N N   . GLY A 1 42 ? 12.205  6.742   8.813   1.00 79.14  ? 356 GLY A N   1 
ATOM   300 C CA  . GLY A 1 42 ? 11.600  7.344   9.989   1.00 60.83  ? 356 GLY A CA  1 
ATOM   301 C C   . GLY A 1 42 ? 10.089  7.201   10.062  1.00 65.60  ? 356 GLY A C   1 
ATOM   302 O O   . GLY A 1 42 ? 9.473   7.589   11.054  1.00 68.73  ? 356 GLY A O   1 
ATOM   303 N N   . GLY A 1 43 ? 9.485   6.646   9.014   1.00 63.56  ? 357 GLY A N   1 
ATOM   304 C CA  . GLY A 1 43 ? 8.044   6.456   8.984   1.00 58.36  ? 357 GLY A CA  1 
ATOM   305 C C   . GLY A 1 43 ? 7.567   5.226   9.745   1.00 61.16  ? 357 GLY A C   1 
ATOM   306 O O   . GLY A 1 43 ? 8.362   4.414   10.206  1.00 70.40  ? 357 GLY A O   1 
ATOM   307 N N   . ALA A 1 44 ? 6.254   5.089   9.870   1.00 50.27  ? 358 ALA A N   1 
ATOM   308 C CA  . ALA A 1 44 ? 5.661   3.956   10.556  1.00 47.71  ? 358 ALA A CA  1 
ATOM   309 C C   . ALA A 1 44 ? 5.979   2.605   9.900   1.00 53.90  ? 358 ALA A C   1 
ATOM   310 O O   . ALA A 1 44 ? 6.322   1.648   10.582  1.00 57.09  ? 358 ALA A O   1 
ATOM   311 C CB  . ALA A 1 44 ? 4.164   4.148   10.661  1.00 55.22  ? 358 ALA A CB  1 
ATOM   312 N N   . ALA A 1 45 ? 5.863   2.520   8.580   1.00 58.49  ? 359 ALA A N   1 
ATOM   313 C CA  . ALA A 1 45 ? 6.132   1.258   7.896   1.00 58.86  ? 359 ALA A CA  1 
ATOM   314 C C   . ALA A 1 45 ? 7.601   0.889   8.008   1.00 59.75  ? 359 ALA A C   1 
ATOM   315 O O   . ALA A 1 45 ? 7.948   -0.262  8.267   1.00 54.92  ? 359 ALA A O   1 
ATOM   316 C CB  . ALA A 1 45 ? 5.718   1.333   6.444   1.00 55.13  ? 359 ALA A CB  1 
ATOM   317 N N   . HIS A 1 46 ? 8.462   1.877   7.810   1.00 59.41  ? 360 HIS A N   1 
ATOM   318 C CA  . HIS A 1 46 ? 9.893   1.651   7.908   1.00 70.53  ? 360 HIS A CA  1 
ATOM   319 C C   . HIS A 1 46 ? 10.260  1.107   9.285   1.00 73.40  ? 360 HIS A C   1 
ATOM   320 O O   . HIS A 1 46 ? 10.898  0.062   9.402   1.00 77.86  ? 360 HIS A O   1 
ATOM   321 C CB  . HIS A 1 46 ? 10.659  2.941   7.619   1.00 75.68  ? 360 HIS A CB  1 
ATOM   322 C CG  . HIS A 1 46 ? 12.137  2.814   7.800   1.00 80.45  ? 360 HIS A CG  1 
ATOM   323 N ND1 . HIS A 1 46 ? 12.811  3.404   8.848   1.00 87.23  ? 360 HIS A ND1 1 
ATOM   324 C CD2 . HIS A 1 46 ? 13.068  2.148   7.079   1.00 76.51  ? 360 HIS A CD2 1 
ATOM   325 C CE1 . HIS A 1 46 ? 14.096  3.115   8.759   1.00 76.08  ? 360 HIS A CE1 1 
ATOM   326 N NE2 . HIS A 1 46 ? 14.280  2.355   7.694   1.00 76.60  ? 360 HIS A NE2 1 
ATOM   327 N N   . LYS A 1 47 ? 9.827   1.806   10.326  1.00 72.45  ? 361 LYS A N   1 
ATOM   328 C CA  . LYS A 1 47 ? 10.186  1.435   11.687  1.00 72.28  ? 361 LYS A CA  1 
ATOM   329 C C   . LYS A 1 47 ? 9.578   0.110   12.145  1.00 67.97  ? 361 LYS A C   1 
ATOM   330 O O   . LYS A 1 47 ? 10.115  -0.538  13.027  1.00 71.60  ? 361 LYS A O   1 
ATOM   331 C CB  . LYS A 1 47 ? 9.854   2.566   12.666  1.00 88.19  ? 361 LYS A CB  1 
ATOM   332 C CG  . LYS A 1 47 ? 10.743  3.812   12.505  1.00 87.75  ? 361 LYS A CG  1 
ATOM   333 C CD  . LYS A 1 47 ? 10.287  4.958   13.405  1.00 83.27  ? 361 LYS A CD  1 
ATOM   334 C CE  . LYS A 1 47 ? 11.161  5.095   14.646  1.00 80.58  ? 361 LYS A CE  1 
ATOM   335 N NZ  . LYS A 1 47 ? 12.564  5.449   14.285  1.00 78.27  ? 361 LYS A NZ  1 
ATOM   336 N N   . ASP A 1 48 ? 8.462   -0.298  11.556  1.00 71.32  ? 362 ASP A N   1 
ATOM   337 C CA  . ASP A 1 48 ? 7.923   -1.621  11.851  1.00 68.30  ? 362 ASP A CA  1 
ATOM   338 C C   . ASP A 1 48 ? 8.753   -2.655  11.102  1.00 78.36  ? 362 ASP A C   1 
ATOM   339 O O   . ASP A 1 48 ? 9.086   -3.718  11.640  1.00 89.76  ? 362 ASP A O   1 
ATOM   340 C CB  . ASP A 1 48 ? 6.446   -1.712  11.472  1.00 53.20  ? 362 ASP A CB  1 
ATOM   341 C CG  . ASP A 1 48 ? 5.980   -3.137  11.268  1.00 53.03  ? 362 ASP A CG  1 
ATOM   342 O OD1 . ASP A 1 48 ? 5.857   -3.893  12.252  1.00 63.84  ? 362 ASP A OD1 1 
ATOM   343 O OD2 . ASP A 1 48 ? 5.723   -3.513  10.113  1.00 68.28  ? 362 ASP A OD2 1 
ATOM   344 N N   . GLY A 1 49 ? 9.090   -2.331  9.858   1.00 62.64  ? 363 GLY A N   1 
ATOM   345 C CA  . GLY A 1 49 ? 10.059  -3.104  9.101   1.00 66.74  ? 363 GLY A CA  1 
ATOM   346 C C   . GLY A 1 49 ? 9.631   -4.440  8.521   1.00 66.21  ? 363 GLY A C   1 
ATOM   347 O O   . GLY A 1 49 ? 10.470  -5.318  8.302   1.00 75.98  ? 363 GLY A O   1 
ATOM   348 N N   . LYS A 1 50 ? 8.343   -4.609  8.259   1.00 61.05  ? 364 LYS A N   1 
ATOM   349 C CA  . LYS A 1 50 ? 7.885   -5.816  7.579   1.00 56.12  ? 364 LYS A CA  1 
ATOM   350 C C   . LYS A 1 50 ? 7.533   -5.503  6.145   1.00 55.30  ? 364 LYS A C   1 
ATOM   351 O O   . LYS A 1 50 ? 7.766   -6.315  5.248   1.00 68.90  ? 364 LYS A O   1 
ATOM   352 C CB  . LYS A 1 50 ? 6.685   -6.426  8.281   1.00 57.16  ? 364 LYS A CB  1 
ATOM   353 C CG  . LYS A 1 50 ? 7.012   -7.036  9.616   1.00 71.30  ? 364 LYS A CG  1 
ATOM   354 C CD  . LYS A 1 50 ? 5.749   -7.467  10.335  1.00 70.54  ? 364 LYS A CD  1 
ATOM   355 C CE  . LYS A 1 50 ? 5.866   -7.208  11.823  1.00 69.76  ? 364 LYS A CE  1 
ATOM   356 N NZ  . LYS A 1 50 ? 5.220   -8.310  12.578  1.00 82.23  ? 364 LYS A NZ  1 
ATOM   357 N N   . LEU A 1 51 ? 6.967   -4.321  5.930   1.00 56.02  ? 365 LEU A N   1 
ATOM   358 C CA  . LEU A 1 51 ? 6.605   -3.887  4.590   1.00 60.55  ? 365 LEU A CA  1 
ATOM   359 C C   . LEU A 1 51 ? 7.869   -3.755  3.752   1.00 67.63  ? 365 LEU A C   1 
ATOM   360 O O   . LEU A 1 51 ? 8.938   -3.454  4.287   1.00 67.19  ? 365 LEU A O   1 
ATOM   361 C CB  . LEU A 1 51 ? 5.849   -2.561  4.636   1.00 58.86  ? 365 LEU A CB  1 
ATOM   362 C CG  . LEU A 1 51 ? 5.101   -2.239  3.335   1.00 65.33  ? 365 LEU A CG  1 
ATOM   363 C CD1 . LEU A 1 51 ? 4.281   -3.439  2.875   1.00 58.85  ? 365 LEU A CD1 1 
ATOM   364 C CD2 . LEU A 1 51 ? 4.209   -1.003  3.465   1.00 44.05  ? 365 LEU A CD2 1 
ATOM   365 N N   . GLN A 1 52 ? 7.750   -4.002  2.449   1.00 63.12  ? 366 GLN A N   1 
ATOM   366 C CA  . GLN A 1 52 ? 8.896   -3.954  1.538   1.00 56.30  ? 366 GLN A CA  1 
ATOM   367 C C   . GLN A 1 52 ? 8.499   -3.394  0.181   1.00 66.03  ? 366 GLN A C   1 
ATOM   368 O O   . GLN A 1 52 ? 7.376   -3.607  -0.277  1.00 76.09  ? 366 GLN A O   1 
ATOM   369 C CB  . GLN A 1 52 ? 9.487   -5.351  1.350   1.00 56.41  ? 366 GLN A CB  1 
ATOM   370 C CG  . GLN A 1 52 ? 10.568  -5.734  2.340   1.00 64.12  ? 366 GLN A CG  1 
ATOM   371 C CD  . GLN A 1 52 ? 11.083  -7.148  2.126   1.00 79.45  ? 366 GLN A CD  1 
ATOM   372 O OE1 . GLN A 1 52 ? 10.318  -8.059  1.818   1.00 87.29  ? 366 GLN A OE1 1 
ATOM   373 N NE2 . GLN A 1 52 ? 12.387  -7.333  2.284   1.00 89.17  ? 366 GLN A NE2 1 
ATOM   374 N N   . ILE A 1 53 ? 9.408   -2.684  -0.476  1.00 57.98  ? 367 ILE A N   1 
ATOM   375 C CA  . ILE A 1 53 ? 9.094   -2.221  -1.820  1.00 59.94  ? 367 ILE A CA  1 
ATOM   376 C C   . ILE A 1 53 ? 8.804   -3.432  -2.711  1.00 63.72  ? 367 ILE A C   1 
ATOM   377 O O   . ILE A 1 53 ? 9.477   -4.461  -2.631  1.00 61.63  ? 367 ILE A O   1 
ATOM   378 C CB  . ILE A 1 53 ? 10.213  -1.359  -2.443  1.00 68.00  ? 367 ILE A CB  1 
ATOM   379 C CG1 . ILE A 1 53 ? 11.498  -2.175  -2.610  1.00 70.48  ? 367 ILE A CG1 1 
ATOM   380 C CG2 . ILE A 1 53 ? 10.454  -0.118  -1.606  1.00 62.29  ? 367 ILE A CG2 1 
ATOM   381 C CD1 . ILE A 1 53 ? 12.443  -1.616  -3.635  1.00 76.63  ? 367 ILE A CD1 1 
ATOM   382 N N   . GLY A 1 54 ? 7.772   -3.311  -3.534  1.00 57.19  ? 368 GLY A N   1 
ATOM   383 C CA  . GLY A 1 54 ? 7.405   -4.380  -4.432  1.00 56.70  ? 368 GLY A CA  1 
ATOM   384 C C   . GLY A 1 54 ? 6.221   -5.168  -3.928  1.00 67.84  ? 368 GLY A C   1 
ATOM   385 O O   . GLY A 1 54 ? 5.609   -5.921  -4.682  1.00 65.56  ? 368 GLY A O   1 
ATOM   386 N N   . ASP A 1 55 ? 5.901   -5.001  -2.649  1.00 64.02  ? 369 ASP A N   1 
ATOM   387 C CA  . ASP A 1 55 ? 4.767   -5.696  -2.067  1.00 59.20  ? 369 ASP A CA  1 
ATOM   388 C C   . ASP A 1 55 ? 3.435   -5.237  -2.640  1.00 60.09  ? 369 ASP A C   1 
ATOM   389 O O   . ASP A 1 55 ? 3.177   -4.044  -2.777  1.00 59.21  ? 369 ASP A O   1 
ATOM   390 C CB  . ASP A 1 55 ? 4.767   -5.552  -0.549  1.00 64.11  ? 369 ASP A CB  1 
ATOM   391 C CG  . ASP A 1 55 ? 5.855   -6.380  0.103   1.00 77.13  ? 369 ASP A CG  1 
ATOM   392 O OD1 . ASP A 1 55 ? 6.498   -7.182  -0.614  1.00 71.63  ? 369 ASP A OD1 1 
ATOM   393 O OD2 . ASP A 1 55 ? 6.062   -6.231  1.325   1.00 80.84  ? 369 ASP A OD2 1 
ATOM   394 N N   . LYS A 1 56 ? 2.593   -6.215  -2.959  1.00 59.81  ? 370 LYS A N   1 
ATOM   395 C CA  . LYS A 1 56 ? 1.261   -5.975  -3.486  1.00 62.85  ? 370 LYS A CA  1 
ATOM   396 C C   . LYS A 1 56 ? 0.278   -5.739  -2.345  1.00 65.77  ? 370 LYS A C   1 
ATOM   397 O O   . LYS A 1 56 ? 0.183   -6.552  -1.432  1.00 70.44  ? 370 LYS A O   1 
ATOM   398 C CB  . LYS A 1 56 ? 0.837   -7.193  -4.301  1.00 54.14  ? 370 LYS A CB  1 
ATOM   399 C CG  . LYS A 1 56 ? -0.553  -7.170  -4.874  1.00 54.14  ? 370 LYS A CG  1 
ATOM   400 C CD  . LYS A 1 56 ? -0.674  -8.288  -5.926  1.00 61.71  ? 370 LYS A CD  1 
ATOM   401 C CE  . LYS A 1 56 ? -2.041  -8.973  -5.945  1.00 70.48  ? 370 LYS A CE  1 
ATOM   402 N NZ  . LYS A 1 56 ? -3.148  -8.146  -6.492  1.00 74.96  ? 370 LYS A NZ  1 
ATOM   403 N N   . LEU A 1 57 ? -0.452  -4.628  -2.392  1.00 63.44  ? 371 LEU A N   1 
ATOM   404 C CA  . LEU A 1 57 ? -1.466  -4.352  -1.372  1.00 52.55  ? 371 LEU A CA  1 
ATOM   405 C C   . LEU A 1 57 ? -2.789  -5.030  -1.668  1.00 64.17  ? 371 LEU A C   1 
ATOM   406 O O   . LEU A 1 57 ? -3.357  -4.855  -2.747  1.00 68.60  ? 371 LEU A O   1 
ATOM   407 C CB  . LEU A 1 57 ? -1.696  -2.862  -1.209  1.00 53.57  ? 371 LEU A CB  1 
ATOM   408 C CG  . LEU A 1 57 ? -0.556  -2.148  -0.497  1.00 56.08  ? 371 LEU A CG  1 
ATOM   409 C CD1 . LEU A 1 57 ? -0.962  -0.730  -0.080  1.00 53.10  ? 371 LEU A CD1 1 
ATOM   410 C CD2 . LEU A 1 57 ? -0.170  -2.967  0.693   1.00 51.96  ? 371 LEU A CD2 1 
ATOM   411 N N   . LEU A 1 58 ? -3.281  -5.789  -0.693  1.00 55.74  ? 372 LEU A N   1 
ATOM   412 C CA  . LEU A 1 58 ? -4.487  -6.588  -0.877  1.00 59.78  ? 372 LEU A CA  1 
ATOM   413 C C   . LEU A 1 58 ? -5.693  -5.991  -0.161  1.00 49.83  ? 372 LEU A C   1 
ATOM   414 O O   . LEU A 1 58 ? -6.816  -6.118  -0.622  1.00 59.70  ? 372 LEU A O   1 
ATOM   415 C CB  . LEU A 1 58 ? -4.243  -8.027  -0.411  1.00 53.86  ? 372 LEU A CB  1 
ATOM   416 C CG  . LEU A 1 58 ? -3.165  -8.705  -1.253  1.00 67.20  ? 372 LEU A CG  1 
ATOM   417 C CD1 . LEU A 1 58 ? -2.679  -9.979  -0.597  1.00 70.88  ? 372 LEU A CD1 1 
ATOM   418 C CD2 . LEU A 1 58 ? -3.698  -9.000  -2.652  1.00 69.94  ? 372 LEU A CD2 1 
ATOM   419 N N   . ALA A 1 59 ? -5.450  -5.332  0.960   1.00 50.75  ? 373 ALA A N   1 
ATOM   420 C CA  . ALA A 1 59 ? -6.531  -4.792  1.778   1.00 52.05  ? 373 ALA A CA  1 
ATOM   421 C C   . ALA A 1 59 ? -5.976  -3.851  2.825   1.00 48.14  ? 373 ALA A C   1 
ATOM   422 O O   . ALA A 1 59 ? -4.861  -4.025  3.320   1.00 52.82  ? 373 ALA A O   1 
ATOM   423 C CB  . ALA A 1 59 ? -7.320  -5.920  2.465   1.00 47.96  ? 373 ALA A CB  1 
ATOM   424 N N   . VAL A 1 60 ? -6.763  -2.848  3.161   1.00 51.03  ? 374 VAL A N   1 
ATOM   425 C CA  . VAL A 1 60 ? -6.437  -1.988  4.280   1.00 44.95  ? 374 VAL A CA  1 
ATOM   426 C C   . VAL A 1 60 ? -7.687  -1.912  5.139   1.00 43.39  ? 374 VAL A C   1 
ATOM   427 O O   . VAL A 1 60 ? -8.764  -1.556  4.665   1.00 57.22  ? 374 VAL A O   1 
ATOM   428 C CB  . VAL A 1 60 ? -5.940  -0.594  3.813   1.00 44.49  ? 374 VAL A CB  1 
ATOM   429 C CG1 . VAL A 1 60 ? -6.891  0.019   2.802   1.00 52.21  ? 374 VAL A CG1 1 
ATOM   430 C CG2 . VAL A 1 60 ? -5.729  0.339   4.992   1.00 47.61  ? 374 VAL A CG2 1 
ATOM   431 N N   . ASN A 1 61 ? -7.546  -2.282  6.401   1.00 45.83  ? 375 ASN A N   1 
ATOM   432 C CA  . ASN A 1 61 ? -8.709  -2.477  7.248   1.00 52.53  ? 375 ASN A CA  1 
ATOM   433 C C   . ASN A 1 61 ? -9.809  -3.271  6.519   1.00 52.86  ? 375 ASN A C   1 
ATOM   434 O O   . ASN A 1 61 ? -9.591  -4.406  6.102   1.00 54.74  ? 375 ASN A O   1 
ATOM   435 C CB  . ASN A 1 61 ? -9.214  -1.135  7.808   1.00 47.57  ? 375 ASN A CB  1 
ATOM   436 C CG  . ASN A 1 61 ? -8.207  -0.487  8.738   1.00 48.20  ? 375 ASN A CG  1 
ATOM   437 O OD1 . ASN A 1 61 ? -7.397  -1.171  9.353   1.00 57.59  ? 375 ASN A OD1 1 
ATOM   438 N ND2 . ASN A 1 61 ? -8.243  0.833   8.838   1.00 59.77  ? 375 ASN A ND2 1 
ATOM   439 N N   . SER A 1 62 ? -10.973 -2.668  6.341   1.00 52.28  ? 376 SER A N   1 
ATOM   440 C CA  . SER A 1 62 ? -12.124 -3.401  5.825   1.00 51.20  ? 376 SER A CA  1 
ATOM   441 C C   . SER A 1 62 ? -12.353 -3.150  4.329   1.00 55.54  ? 376 SER A C   1 
ATOM   442 O O   . SER A 1 62 ? -13.423 -3.435  3.791   1.00 53.28  ? 376 SER A O   1 
ATOM   443 C CB  . SER A 1 62 ? -13.366 -3.000  6.618   1.00 58.52  ? 376 SER A CB  1 
ATOM   444 O OG  . SER A 1 62 ? -14.537 -3.484  5.985   1.00 78.31  ? 376 SER A OG  1 
ATOM   445 N N   . VAL A 1 63 ? -11.334 -2.620  3.665   1.00 50.55  ? 377 VAL A N   1 
ATOM   446 C CA  . VAL A 1 63 ? -11.452 -2.190  2.286   1.00 49.65  ? 377 VAL A CA  1 
ATOM   447 C C   . VAL A 1 63 ? -10.511 -2.975  1.388   1.00 49.03  ? 377 VAL A C   1 
ATOM   448 O O   . VAL A 1 63 ? -9.324  -3.094  1.682   1.00 55.95  ? 377 VAL A O   1 
ATOM   449 C CB  . VAL A 1 63 ? -11.110 -0.704  2.177   1.00 54.99  ? 377 VAL A CB  1 
ATOM   450 C CG1 . VAL A 1 63 ? -11.293 -0.201  0.745   1.00 54.24  ? 377 VAL A CG1 1 
ATOM   451 C CG2 . VAL A 1 63 ? -11.953 0.095   3.167   1.00 47.66  ? 377 VAL A CG2 1 
ATOM   452 N N   . CYS A 1 64 ? -11.047 -3.493  0.285   1.00 56.15  ? 378 CYS A N   1 
ATOM   453 C CA  . CYS A 1 64 ? -10.295 -4.346  -0.635  1.00 52.68  ? 378 CYS A CA  1 
ATOM   454 C C   . CYS A 1 64 ? -9.554  -3.561  -1.696  1.00 53.15  ? 378 CYS A C   1 
ATOM   455 O O   . CYS A 1 64 ? -10.110 -2.651  -2.289  1.00 60.19  ? 378 CYS A O   1 
ATOM   456 C CB  . CYS A 1 64 ? -11.233 -5.336  -1.315  1.00 61.28  ? 378 CYS A CB  1 
ATOM   457 S SG  . CYS A 1 64 ? -10.397 -6.558  -2.348  1.00 107.97 ? 378 CYS A SG  1 
ATOM   458 N N   . LEU A 1 65 ? -8.306  -3.941  -1.948  1.00 66.02  ? 379 LEU A N   1 
ATOM   459 C CA  . LEU A 1 65 ? -7.434  -3.218  -2.874  1.00 63.31  ? 379 LEU A CA  1 
ATOM   460 C C   . LEU A 1 65 ? -7.089  -4.032  -4.124  1.00 71.42  ? 379 LEU A C   1 
ATOM   461 O O   . LEU A 1 65 ? -6.104  -3.751  -4.826  1.00 61.51  ? 379 LEU A O   1 
ATOM   462 C CB  . LEU A 1 65 ? -6.156  -2.783  -2.164  1.00 57.68  ? 379 LEU A CB  1 
ATOM   463 C CG  . LEU A 1 65 ? -6.354  -1.790  -1.015  1.00 62.95  ? 379 LEU A CG  1 
ATOM   464 C CD1 . LEU A 1 65 ? -5.006  -1.337  -0.425  1.00 43.50  ? 379 LEU A CD1 1 
ATOM   465 C CD2 . LEU A 1 65 ? -7.175  -0.595  -1.487  1.00 59.23  ? 379 LEU A CD2 1 
ATOM   466 N N   . GLU A 1 66 ? -7.901  -5.043  -4.401  1.00 69.16  ? 380 GLU A N   1 
ATOM   467 C CA  . GLU A 1 66 ? -7.723  -5.824  -5.607  1.00 71.15  ? 380 GLU A CA  1 
ATOM   468 C C   . GLU A 1 66 ? -8.598  -5.254  -6.708  1.00 64.78  ? 380 GLU A C   1 
ATOM   469 O O   . GLU A 1 66 ? -9.798  -5.074  -6.522  1.00 62.59  ? 380 GLU A O   1 
ATOM   470 C CB  . GLU A 1 66 ? -8.060  -7.300  -5.358  1.00 84.73  ? 380 GLU A CB  1 
ATOM   471 C CG  . GLU A 1 66 ? -7.201  -7.960  -4.285  1.00 94.09  ? 380 GLU A CG  1 
ATOM   472 C CD  . GLU A 1 66 ? -7.246  -9.477  -4.344  1.00 105.78 ? 380 GLU A CD  1 
ATOM   473 O OE1 . GLU A 1 66 ? -7.702  -10.099 -3.360  1.00 108.28 ? 380 GLU A OE1 1 
ATOM   474 O OE2 . GLU A 1 66 ? -6.813  -10.048 -5.369  1.00 113.29 ? 380 GLU A OE2 1 
ATOM   475 N N   . GLU A 1 67 ? -7.979  -4.977  -7.851  1.00 64.29  ? 381 GLU A N   1 
ATOM   476 C CA  . GLU A 1 67 ? -8.662  -4.433  -9.026  1.00 62.41  ? 381 GLU A CA  1 
ATOM   477 C C   . GLU A 1 67 ? -9.365  -3.088  -8.783  1.00 67.85  ? 381 GLU A C   1 
ATOM   478 O O   . GLU A 1 67 ? -10.399 -2.798  -9.382  1.00 77.62  ? 381 GLU A O   1 
ATOM   479 C CB  . GLU A 1 67 ? -9.633  -5.463  -9.631  1.00 65.22  ? 381 GLU A CB  1 
ATOM   480 C CG  . GLU A 1 67 ? -8.973  -6.765  -10.067 1.00 67.92  ? 381 GLU A CG  1 
ATOM   481 C CD  . GLU A 1 67 ? -7.948  -6.571  -11.177 1.00 84.78  ? 381 GLU A CD  1 
ATOM   482 O OE1 . GLU A 1 67 ? -8.331  -6.101  -12.275 1.00 94.63  ? 381 GLU A OE1 1 
ATOM   483 O OE2 . GLU A 1 67 ? -6.757  -6.893  -10.954 1.00 87.06  ? 381 GLU A OE2 1 
ATOM   484 N N   . VAL A 1 68 ? -8.799  -2.260  -7.916  1.00 69.73  ? 382 VAL A N   1 
ATOM   485 C CA  . VAL A 1 68 ? -9.333  -0.918  -7.735  1.00 61.09  ? 382 VAL A CA  1 
ATOM   486 C C   . VAL A 1 68 ? -8.483  0.080   -8.494  1.00 62.45  ? 382 VAL A C   1 
ATOM   487 O O   . VAL A 1 68 ? -7.379  -0.237  -8.920  1.00 75.72  ? 382 VAL A O   1 
ATOM   488 C CB  . VAL A 1 68 ? -9.430  -0.528  -6.261  1.00 54.38  ? 382 VAL A CB  1 
ATOM   489 C CG1 . VAL A 1 68 ? -10.324 -1.516  -5.536  1.00 60.50  ? 382 VAL A CG1 1 
ATOM   490 C CG2 . VAL A 1 68 ? -8.067  -0.506  -5.640  1.00 49.23  ? 382 VAL A CG2 1 
ATOM   491 N N   . THR A 1 69 ? -9.008  1.284   -8.689  1.00 60.90  ? 383 THR A N   1 
ATOM   492 C CA  . THR A 1 69 ? -8.256  2.319   -9.375  1.00 58.60  ? 383 THR A CA  1 
ATOM   493 C C   . THR A 1 69 ? -7.224  2.884   -8.423  1.00 56.61  ? 383 THR A C   1 
ATOM   494 O O   . THR A 1 69 ? -7.217  2.558   -7.231  1.00 56.02  ? 383 THR A O   1 
ATOM   495 C CB  . THR A 1 69 ? -9.156  3.460   -9.821  1.00 66.15  ? 383 THR A CB  1 
ATOM   496 O OG1 . THR A 1 69 ? -9.755  4.055   -8.666  1.00 76.60  ? 383 THR A OG1 1 
ATOM   497 C CG2 . THR A 1 69 ? -10.247 2.947   -10.747 1.00 62.20  ? 383 THR A CG2 1 
ATOM   498 N N   . HIS A 1 70 ? -6.354  3.735   -8.939  1.00 52.92  ? 384 HIS A N   1 
ATOM   499 C CA  . HIS A 1 70 ? -5.334  4.332   -8.101  1.00 62.17  ? 384 HIS A CA  1 
ATOM   500 C C   . HIS A 1 70 ? -5.992  5.219   -7.047  1.00 65.89  ? 384 HIS A C   1 
ATOM   501 O O   . HIS A 1 70 ? -5.527  5.303   -5.920  1.00 64.38  ? 384 HIS A O   1 
ATOM   502 C CB  . HIS A 1 70 ? -4.362  5.150   -8.937  1.00 53.52  ? 384 HIS A CB  1 
ATOM   503 C CG  . HIS A 1 70 ? -3.179  5.632   -8.168  1.00 52.93  ? 384 HIS A CG  1 
ATOM   504 N ND1 . HIS A 1 70 ? -2.192  4.783   -7.720  1.00 57.06  ? 384 HIS A ND1 1 
ATOM   505 C CD2 . HIS A 1 70 ? -2.831  6.870   -7.746  1.00 53.93  ? 384 HIS A CD2 1 
ATOM   506 C CE1 . HIS A 1 70 ? -1.275  5.480   -7.077  1.00 60.27  ? 384 HIS A CE1 1 
ATOM   507 N NE2 . HIS A 1 70 ? -1.639  6.751   -7.077  1.00 62.00  ? 384 HIS A NE2 1 
ATOM   508 N N   . GLU A 1 71 ? -7.093  5.854   -7.430  1.00 63.47  ? 385 GLU A N   1 
ATOM   509 C CA  . GLU A 1 71 ? -7.759  6.814   -6.573  1.00 57.80  ? 385 GLU A CA  1 
ATOM   510 C C   . GLU A 1 71 ? -8.533  6.152   -5.447  1.00 57.83  ? 385 GLU A C   1 
ATOM   511 O O   . GLU A 1 71 ? -8.578  6.676   -4.349  1.00 72.35  ? 385 GLU A O   1 
ATOM   512 C CB  . GLU A 1 71 ? -8.679  7.718   -7.392  1.00 65.70  ? 385 GLU A CB  1 
ATOM   513 C CG  . GLU A 1 71 ? -7.937  8.795   -8.183  1.00 79.00  ? 385 GLU A CG  1 
ATOM   514 C CD  . GLU A 1 71 ? -7.196  8.250   -9.405  1.00 92.31  ? 385 GLU A CD  1 
ATOM   515 O OE1 . GLU A 1 71 ? -7.638  7.226   -9.984  1.00 82.32  ? 385 GLU A OE1 1 
ATOM   516 O OE2 . GLU A 1 71 ? -6.170  8.861   -9.789  1.00 97.49  ? 385 GLU A OE2 1 
ATOM   517 N N   . GLU A 1 72 ? -9.140  5.003   -5.718  1.00 52.38  ? 386 GLU A N   1 
ATOM   518 C CA  . GLU A 1 72 ? -9.883  4.292   -4.691  1.00 50.92  ? 386 GLU A CA  1 
ATOM   519 C C   . GLU A 1 72 ? -8.908  3.821   -3.638  1.00 52.64  ? 386 GLU A C   1 
ATOM   520 O O   . GLU A 1 72 ? -9.220  3.820   -2.453  1.00 67.61  ? 386 GLU A O   1 
ATOM   521 C CB  . GLU A 1 72 ? -10.641 3.094   -5.274  1.00 53.60  ? 386 GLU A CB  1 
ATOM   522 C CG  . GLU A 1 72 ? -11.783 3.448   -6.220  1.00 66.36  ? 386 GLU A CG  1 
ATOM   523 C CD  . GLU A 1 72 ? -12.044 2.356   -7.257  1.00 76.78  ? 386 GLU A CD  1 
ATOM   524 O OE1 . GLU A 1 72 ? -11.062 1.796   -7.790  1.00 79.18  ? 386 GLU A OE1 1 
ATOM   525 O OE2 . GLU A 1 72 ? -13.223 2.051   -7.541  1.00 72.50  ? 386 GLU A OE2 1 
ATOM   526 N N   . ALA A 1 73 ? -7.717  3.433   -4.077  1.00 48.82  ? 387 ALA A N   1 
ATOM   527 C CA  . ALA A 1 73 ? -6.688  2.955   -3.169  1.00 48.35  ? 387 ALA A CA  1 
ATOM   528 C C   . ALA A 1 73 ? -6.150  4.074   -2.295  1.00 53.65  ? 387 ALA A C   1 
ATOM   529 O O   . ALA A 1 73 ? -5.919  3.890   -1.101  1.00 60.05  ? 387 ALA A O   1 
ATOM   530 C CB  . ALA A 1 73 ? -5.563  2.326   -3.945  1.00 46.18  ? 387 ALA A CB  1 
ATOM   531 N N   . VAL A 1 74 ? -5.926  5.230   -2.908  1.00 59.74  ? 388 VAL A N   1 
ATOM   532 C CA  . VAL A 1 74 ? -5.379  6.365   -2.191  1.00 52.49  ? 388 VAL A CA  1 
ATOM   533 C C   . VAL A 1 74 ? -6.333  6.873   -1.110  1.00 59.01  ? 388 VAL A C   1 
ATOM   534 O O   . VAL A 1 74 ? -5.894  7.174   -0.009  1.00 62.41  ? 388 VAL A O   1 
ATOM   535 C CB  . VAL A 1 74 ? -5.018  7.516   -3.129  1.00 50.99  ? 388 VAL A CB  1 
ATOM   536 C CG1 . VAL A 1 74 ? -4.675  8.751   -2.312  1.00 54.71  ? 388 VAL A CG1 1 
ATOM   537 C CG2 . VAL A 1 74 ? -3.857  7.143   -4.009  1.00 50.18  ? 388 VAL A CG2 1 
ATOM   538 N N   . THR A 1 75 ? -7.627  6.969   -1.409  1.00 49.40  ? 389 THR A N   1 
ATOM   539 C CA  . THR A 1 75 ? -8.575  7.404   -0.388  1.00 65.86  ? 389 THR A CA  1 
ATOM   540 C C   . THR A 1 75 ? -8.750  6.355   0.718   1.00 56.71  ? 389 THR A C   1 
ATOM   541 O O   . THR A 1 75 ? -8.937  6.700   1.878   1.00 60.59  ? 389 THR A O   1 
ATOM   542 C CB  . THR A 1 75 ? -9.946  7.755   -0.971  1.00 66.17  ? 389 THR A CB  1 
ATOM   543 O OG1 . THR A 1 75 ? -10.703 6.560   -1.167  1.00 80.09  ? 389 THR A OG1 1 
ATOM   544 C CG2 . THR A 1 75 ? -9.790  8.440   -2.269  1.00 54.12  ? 389 THR A CG2 1 
ATOM   545 N N   . ALA A 1 76 ? -8.678  5.078   0.354   1.00 49.08  ? 390 ALA A N   1 
ATOM   546 C CA  . ALA A 1 76 ? -8.794  3.993   1.325   1.00 45.70  ? 390 ALA A CA  1 
ATOM   547 C C   . ALA A 1 76 ? -7.651  4.018   2.339   1.00 51.97  ? 390 ALA A C   1 
ATOM   548 O O   . ALA A 1 76 ? -7.856  3.768   3.520   1.00 59.66  ? 390 ALA A O   1 
ATOM   549 C CB  . ALA A 1 76 ? -8.836  2.663   0.618   1.00 45.25  ? 390 ALA A CB  1 
ATOM   550 N N   . LEU A 1 77 ? -6.451  4.326   1.865   1.00 52.59  ? 391 LEU A N   1 
ATOM   551 C CA  . LEU A 1 77 ? -5.256  4.338   2.699   1.00 44.43  ? 391 LEU A CA  1 
ATOM   552 C C   . LEU A 1 77 ? -5.124  5.620   3.486   1.00 46.13  ? 391 LEU A C   1 
ATOM   553 O O   . LEU A 1 77 ? -4.431  5.662   4.496   1.00 67.88  ? 391 LEU A O   1 
ATOM   554 C CB  . LEU A 1 77 ? -4.010  4.150   1.832   1.00 43.94  ? 391 LEU A CB  1 
ATOM   555 C CG  . LEU A 1 77 ? -3.861  2.708   1.352   1.00 46.63  ? 391 LEU A CG  1 
ATOM   556 C CD1 . LEU A 1 77 ? -2.984  2.675   0.161   1.00 67.07  ? 391 LEU A CD1 1 
ATOM   557 C CD2 . LEU A 1 77 ? -3.277  1.859   2.457   1.00 41.31  ? 391 LEU A CD2 1 
ATOM   558 N N   . LYS A 1 78 ? -5.777  6.672   3.017   1.00 46.30  ? 392 LYS A N   1 
ATOM   559 C CA  . LYS A 1 78 ? -5.693  7.953   3.690   1.00 50.03  ? 392 LYS A CA  1 
ATOM   560 C C   . LYS A 1 78 ? -6.876  8.191   4.629   1.00 56.90  ? 392 LYS A C   1 
ATOM   561 O O   . LYS A 1 78 ? -6.814  9.050   5.499   1.00 64.84  ? 392 LYS A O   1 
ATOM   562 C CB  . LYS A 1 78 ? -5.549  9.083   2.676   1.00 52.82  ? 392 LYS A CB  1 
ATOM   563 C CG  . LYS A 1 78 ? -4.200  9.064   1.947   1.00 61.70  ? 392 LYS A CG  1 
ATOM   564 C CD  . LYS A 1 78 ? -3.575  10.459  1.855   1.00 66.13  ? 392 LYS A CD  1 
ATOM   565 C CE  . LYS A 1 78 ? -3.220  10.990  3.238   1.00 80.67  ? 392 LYS A CE  1 
ATOM   566 N NZ  . LYS A 1 78 ? -3.176  12.482  3.301   1.00 96.56  ? 392 LYS A NZ  1 
ATOM   567 N N   . ASN A 1 79 ? -7.943  7.420   4.459   1.00 54.72  ? 393 ASN A N   1 
ATOM   568 C CA  . ASN A 1 79 ? -9.115  7.554   5.316   1.00 54.40  ? 393 ASN A CA  1 
ATOM   569 C C   . ASN A 1 79 ? -9.075  6.597   6.495   1.00 55.95  ? 393 ASN A C   1 
ATOM   570 O O   . ASN A 1 79 ? -10.098 6.297   7.086   1.00 73.26  ? 393 ASN A O   1 
ATOM   571 C CB  . ASN A 1 79 ? -10.400 7.336   4.518   1.00 53.44  ? 393 ASN A CB  1 
ATOM   572 C CG  . ASN A 1 79 ? -10.788 8.551   3.713   1.00 74.47  ? 393 ASN A CG  1 
ATOM   573 O OD1 . ASN A 1 79 ? -10.082 9.561   3.720   1.00 80.15  ? 393 ASN A OD1 1 
ATOM   574 N ND2 . ASN A 1 79 ? -11.919 8.466   3.013   1.00 77.27  ? 393 ASN A ND2 1 
ATOM   575 N N   . THR A 1 80 ? -7.889  6.105   6.813   1.00 54.46  ? 394 THR A N   1 
ATOM   576 C CA  . THR A 1 80 ? -7.690  5.298   8.000   1.00 63.20  ? 394 THR A CA  1 
ATOM   577 C C   . THR A 1 80 ? -7.648  6.199   9.225   1.00 80.30  ? 394 THR A C   1 
ATOM   578 O O   . THR A 1 80 ? -7.842  7.411   9.119   1.00 97.19  ? 394 THR A O   1 
ATOM   579 C CB  . THR A 1 80 ? -6.367  4.555   7.908   1.00 61.21  ? 394 THR A CB  1 
ATOM   580 O OG1 . THR A 1 80 ? -5.344  5.488   7.541   1.00 69.79  ? 394 THR A OG1 1 
ATOM   581 C CG2 . THR A 1 80 ? -6.455  3.470   6.848   1.00 56.76  ? 394 THR A CG2 1 
ATOM   582 N N   . SER A 1 81 ? -7.383  5.612   10.389  1.00 79.53  ? 395 SER A N   1 
ATOM   583 C CA  . SER A 1 81 ? -7.252  6.397   11.612  1.00 78.14  ? 395 SER A CA  1 
ATOM   584 C C   . SER A 1 81 ? -6.530  5.631   12.718  1.00 78.01  ? 395 SER A C   1 
ATOM   585 O O   . SER A 1 81 ? -7.087  4.705   13.313  1.00 88.51  ? 395 SER A O   1 
ATOM   586 C CB  . SER A 1 81 ? -8.628  6.848   12.106  1.00 94.22  ? 395 SER A CB  1 
ATOM   587 O OG  . SER A 1 81 ? -9.409  5.743   12.533  1.00 105.30 ? 395 SER A OG  1 
ATOM   588 N N   . ASP A 1 82 ? -5.290  6.035   12.983  1.00 66.01  ? 396 ASP A N   1 
ATOM   589 C CA  . ASP A 1 82 ? -4.466  5.492   14.065  1.00 55.30  ? 396 ASP A CA  1 
ATOM   590 C C   . ASP A 1 82 ? -4.008  4.052   13.845  1.00 51.41  ? 396 ASP A C   1 
ATOM   591 O O   . ASP A 1 82 ? -2.815  3.791   13.694  1.00 56.33  ? 396 ASP A O   1 
ATOM   592 C CB  . ASP A 1 82 ? -5.154  5.655   15.424  1.00 74.00  ? 396 ASP A CB  1 
ATOM   593 C CG  . ASP A 1 82 ? -5.261  7.114   15.852  1.00 88.47  ? 396 ASP A CG  1 
ATOM   594 O OD1 . ASP A 1 82 ? -4.318  7.886   15.564  1.00 93.70  ? 396 ASP A OD1 1 
ATOM   595 O OD2 . ASP A 1 82 ? -6.285  7.486   16.467  1.00 92.70  ? 396 ASP A OD2 1 
ATOM   596 N N   . PHE A 1 83 ? -4.957  3.127   13.801  1.00 45.88  ? 397 PHE A N   1 
ATOM   597 C CA  . PHE A 1 83 ? -4.647  1.702   13.730  1.00 45.82  ? 397 PHE A CA  1 
ATOM   598 C C   . PHE A 1 83 ? -5.064  1.104   12.400  1.00 57.02  ? 397 PHE A C   1 
ATOM   599 O O   . PHE A 1 83 ? -6.178  1.325   11.937  1.00 65.10  ? 397 PHE A O   1 
ATOM   600 C CB  . PHE A 1 83 ? -5.357  0.964   14.852  1.00 51.34  ? 397 PHE A CB  1 
ATOM   601 C CG  . PHE A 1 83 ? -4.870  1.332   16.215  1.00 45.45  ? 397 PHE A CG  1 
ATOM   602 C CD1 . PHE A 1 83 ? -3.522  1.340   16.501  1.00 63.44  ? 397 PHE A CD1 1 
ATOM   603 C CD2 . PHE A 1 83 ? -5.752  1.667   17.203  1.00 54.34  ? 397 PHE A CD2 1 
ATOM   604 C CE1 . PHE A 1 83 ? -3.060  1.669   17.766  1.00 54.90  ? 397 PHE A CE1 1 
ATOM   605 C CE2 . PHE A 1 83 ? -5.300  1.991   18.473  1.00 61.73  ? 397 PHE A CE2 1 
ATOM   606 C CZ  . PHE A 1 83 ? -3.949  1.983   18.747  1.00 52.63  ? 397 PHE A CZ  1 
ATOM   607 N N   . VAL A 1 84 ? -4.160  0.331   11.805  1.00 55.83  ? 398 VAL A N   1 
ATOM   608 C CA  . VAL A 1 84 ? -4.335  -0.197  10.464  1.00 47.99  ? 398 VAL A CA  1 
ATOM   609 C C   . VAL A 1 84 ? -3.929  -1.657  10.299  1.00 46.52  ? 398 VAL A C   1 
ATOM   610 O O   . VAL A 1 84 ? -2.791  -2.014  10.584  1.00 52.76  ? 398 VAL A O   1 
ATOM   611 C CB  . VAL A 1 84 ? -3.437  0.571   9.499   1.00 46.34  ? 398 VAL A CB  1 
ATOM   612 C CG1 . VAL A 1 84 ? -3.656  0.088   8.094   1.00 42.22  ? 398 VAL A CG1 1 
ATOM   613 C CG2 . VAL A 1 84 ? -3.708  2.032   9.605   1.00 42.54  ? 398 VAL A CG2 1 
ATOM   614 N N   . TYR A 1 85 ? -4.848  -2.489  9.813   1.00 56.21  ? 399 TYR A N   1 
ATOM   615 C CA  . TYR A 1 85 ? -4.497  -3.817  9.290   1.00 48.95  ? 399 TYR A CA  1 
ATOM   616 C C   . TYR A 1 85 ? -4.156  -3.696  7.801   1.00 55.50  ? 399 TYR A C   1 
ATOM   617 O O   . TYR A 1 85 ? -4.969  -3.222  7.009   1.00 54.57  ? 399 TYR A O   1 
ATOM   618 C CB  . TYR A 1 85 ? -5.653  -4.823  9.452   1.00 45.83  ? 399 TYR A CB  1 
ATOM   619 C CG  . TYR A 1 85 ? -6.014  -5.145  10.884  1.00 47.87  ? 399 TYR A CG  1 
ATOM   620 C CD1 . TYR A 1 85 ? -5.352  -6.145  11.582  1.00 54.55  ? 399 TYR A CD1 1 
ATOM   621 C CD2 . TYR A 1 85 ? -7.020  -4.447  11.539  1.00 55.95  ? 399 TYR A CD2 1 
ATOM   622 C CE1 . TYR A 1 85 ? -5.683  -6.440  12.895  1.00 64.36  ? 399 TYR A CE1 1 
ATOM   623 C CE2 . TYR A 1 85 ? -7.358  -4.733  12.849  1.00 61.14  ? 399 TYR A CE2 1 
ATOM   624 C CZ  . TYR A 1 85 ? -6.687  -5.725  13.521  1.00 64.78  ? 399 TYR A CZ  1 
ATOM   625 O OH  . TYR A 1 85 ? -7.028  -6.005  14.821  1.00 72.37  ? 399 TYR A OH  1 
ATOM   626 N N   . LEU A 1 86 ? -2.958  -4.133  7.434   1.00 56.66  ? 400 LEU A N   1 
ATOM   627 C CA  . LEU A 1 86 ? -2.483  -4.092  6.059   1.00 57.63  ? 400 LEU A CA  1 
ATOM   628 C C   . LEU A 1 86 ? -2.298  -5.525  5.570   1.00 54.52  ? 400 LEU A C   1 
ATOM   629 O O   . LEU A 1 86 ? -1.495  -6.255  6.125   1.00 61.18  ? 400 LEU A O   1 
ATOM   630 C CB  . LEU A 1 86 ? -1.123  -3.394  6.015   1.00 61.52  ? 400 LEU A CB  1 
ATOM   631 C CG  . LEU A 1 86 ? -0.919  -2.006  5.408   1.00 60.68  ? 400 LEU A CG  1 
ATOM   632 C CD1 . LEU A 1 86 ? 0.401   -2.001  4.680   1.00 50.29  ? 400 LEU A CD1 1 
ATOM   633 C CD2 . LEU A 1 86 ? -2.041  -1.628  4.467   1.00 64.28  ? 400 LEU A CD2 1 
ATOM   634 N N   . LYS A 1 87 ? -3.041  -5.938  4.549   1.00 45.47  ? 401 LYS A N   1 
ATOM   635 C CA  . LYS A 1 87 ? -2.837  -7.260  3.974   1.00 49.95  ? 401 LYS A CA  1 
ATOM   636 C C   . LYS A 1 87 ? -2.001  -7.145  2.706   1.00 59.08  ? 401 LYS A C   1 
ATOM   637 O O   . LYS A 1 87 ? -2.370  -6.421  1.779   1.00 61.90  ? 401 LYS A O   1 
ATOM   638 C CB  . LYS A 1 87 ? -4.166  -7.943  3.669   1.00 58.31  ? 401 LYS A CB  1 
ATOM   639 C CG  . LYS A 1 87 ? -5.118  -7.972  4.827   1.00 60.38  ? 401 LYS A CG  1 
ATOM   640 C CD  . LYS A 1 87 ? -5.842  -9.293  4.915   1.00 65.52  ? 401 LYS A CD  1 
ATOM   641 C CE  . LYS A 1 87 ? -6.671  -9.354  6.188   1.00 75.14  ? 401 LYS A CE  1 
ATOM   642 N NZ  . LYS A 1 87 ? -7.420  -10.641 6.361   1.00 80.61  ? 401 LYS A NZ  1 
ATOM   643 N N   . VAL A 1 88 ? -0.863  -7.834  2.676   1.00 57.20  ? 402 VAL A N   1 
ATOM   644 C CA  . VAL A 1 88 ? 0.031   -7.773  1.529   1.00 53.10  ? 402 VAL A CA  1 
ATOM   645 C C   . VAL A 1 88 ? 0.473   -9.172  1.143   1.00 71.68  ? 402 VAL A C   1 
ATOM   646 O O   . VAL A 1 88 ? 0.347   -10.113 1.931   1.00 69.31  ? 402 VAL A O   1 
ATOM   647 C CB  . VAL A 1 88 ? 1.306   -6.925  1.798   1.00 65.52  ? 402 VAL A CB  1 
ATOM   648 C CG1 . VAL A 1 88 ? 0.962   -5.632  2.497   1.00 64.40  ? 402 VAL A CG1 1 
ATOM   649 C CG2 . VAL A 1 88 ? 2.317   -7.704  2.626   1.00 62.98  ? 402 VAL A CG2 1 
ATOM   650 N N   . ALA A 1 89 ? 0.983   -9.295  -0.079  1.00 73.75  ? 403 ALA A N   1 
ATOM   651 C CA  . ALA A 1 89 ? 1.600   -10.526 -0.555  1.00 70.23  ? 403 ALA A CA  1 
ATOM   652 C C   . ALA A 1 89 ? 2.954   -10.166 -1.125  1.00 71.33  ? 403 ALA A C   1 
ATOM   653 O O   . ALA A 1 89 ? 3.080   -9.195  -1.874  1.00 64.86  ? 403 ALA A O   1 
ATOM   654 C CB  . ALA A 1 89 ? 0.757   -11.167 -1.602  1.00 60.54  ? 403 ALA A CB  1 
ATOM   655 N N   . LYS A 1 90 ? 3.962   -10.946 -0.750  1.00 86.51  ? 404 LYS A N   1 
ATOM   656 C CA  . LYS A 1 90 ? 5.347   -10.680 -1.126  1.00 85.28  ? 404 LYS A CA  1 
ATOM   657 C C   . LYS A 1 90 ? 5.605   -11.180 -2.538  1.00 75.79  ? 404 LYS A C   1 
ATOM   658 O O   . LYS A 1 90 ? 4.967   -12.136 -2.974  1.00 83.32  ? 404 LYS A O   1 
ATOM   659 C CB  . LYS A 1 90 ? 6.301   -11.350 -0.128  1.00 87.12  ? 404 LYS A CB  1 
ATOM   660 C CG  . LYS A 1 90 ? 6.111   -10.905 1.330   1.00 73.49  ? 404 LYS A CG  1 
ATOM   661 C CD  . LYS A 1 90 ? 6.630   -9.504  1.559   1.00 71.03  ? 404 LYS A CD  1 
ATOM   662 C CE  . LYS A 1 90 ? 6.527   -9.093  3.017   1.00 74.05  ? 404 LYS A CE  1 
ATOM   663 N NZ  . LYS A 1 90 ? 7.287   -7.830  3.302   1.00 65.00  ? 404 LYS A NZ  1 
ATOM   664 N N   . PRO A 1 91 ? 6.534   -10.527 -3.262  1.00 82.03  ? 405 PRO A N   1 
ATOM   665 C CA  . PRO A 1 91 ? 6.848   -10.886 -4.654  1.00 91.08  ? 405 PRO A CA  1 
ATOM   666 C C   . PRO A 1 91 ? 7.297   -12.332 -4.803  1.00 111.47 ? 405 PRO A C   1 
ATOM   667 O O   . PRO A 1 91 ? 7.772   -12.948 -3.851  1.00 106.96 ? 405 PRO A O   1 
ATOM   668 C CB  . PRO A 1 91 ? 8.018   -9.961  -5.006  1.00 86.33  ? 405 PRO A CB  1 
ATOM   669 C CG  . PRO A 1 91 ? 7.948   -8.845  -4.042  1.00 75.40  ? 405 PRO A CG  1 
ATOM   670 C CD  . PRO A 1 91 ? 7.352   -9.397  -2.786  1.00 76.96  ? 405 PRO A CD  1 
ATOM   671 N N   . THR A 1 92 ? 7.154   -12.870 -6.004  1.00 70.90  ? 406 THR A N   1 
ATOM   672 C CA  . THR A 1 92 ? 7.627   -14.219 -6.270  1.00 82.76  ? 406 THR A CA  1 
ATOM   673 C C   . THR A 1 92 ? 9.109   -14.185 -6.634  1.00 74.76  ? 406 THR A C   1 
ATOM   674 O O   . THR A 1 92 ? 9.966   -14.023 -5.765  1.00 151.50 ? 406 THR A O   1 
ATOM   675 C CB  . THR A 1 92 ? 6.825   -14.889 -7.398  1.00 92.89  ? 406 THR A CB  1 
ATOM   676 O OG1 . THR A 1 92 ? 5.430   -14.607 -7.233  1.00 98.66  ? 406 THR A OG1 1 
ATOM   677 C CG2 . THR A 1 92 ? 7.040   -16.392 -7.377  1.00 97.56  ? 406 THR A CG2 1 
ATOM   678 N N   . ASN B 2 1  ? 3.759   7.034   -18.400 1.00 92.85  ? 14  ASN B N   1 
ATOM   679 C CA  . ASN B 2 1  ? 3.338   7.822   -17.251 1.00 90.87  ? 14  ASN B CA  1 
ATOM   680 C C   . ASN B 2 1  ? 2.424   7.053   -16.287 1.00 92.84  ? 14  ASN B C   1 
ATOM   681 O O   . ASN B 2 1  ? 1.385   6.513   -16.671 1.00 100.70 ? 14  ASN B O   1 
ATOM   682 C CB  . ASN B 2 1  ? 2.669   9.125   -17.691 1.00 78.35  ? 14  ASN B CB  1 
ATOM   683 C CG  . ASN B 2 1  ? 3.596   10.314  -17.596 1.00 95.57  ? 14  ASN B CG  1 
ATOM   684 O OD1 . ASN B 2 1  ? 4.505   10.336  -16.763 1.00 106.94 ? 14  ASN B OD1 1 
ATOM   685 N ND2 . ASN B 2 1  ? 3.375   11.316  -18.448 1.00 85.84  ? 14  ASN B ND2 1 
ATOM   686 N N   . GLU B 2 2  ? 2.829   7.016   -15.028 1.00 82.95  ? 15  GLU B N   1 
ATOM   687 C CA  . GLU B 2 2  ? 2.058   6.347   -14.001 1.00 86.10  ? 15  GLU B CA  1 
ATOM   688 C C   . GLU B 2 2  ? 1.969   7.254   -12.781 1.00 71.72  ? 15  GLU B C   1 
ATOM   689 O O   . GLU B 2 2  ? 2.808   8.123   -12.588 1.00 77.37  ? 15  GLU B O   1 
ATOM   690 C CB  . GLU B 2 2  ? 2.720   5.028   -13.619 1.00 94.29  ? 15  GLU B CB  1 
ATOM   691 C CG  . GLU B 2 2  ? 4.041   5.206   -12.887 1.00 94.30  ? 15  GLU B CG  1 
ATOM   692 C CD  . GLU B 2 2  ? 4.526   3.926   -12.248 1.00 93.75  ? 15  GLU B CD  1 
ATOM   693 O OE1 . GLU B 2 2  ? 3.927   2.864   -12.514 1.00 99.05  ? 15  GLU B OE1 1 
ATOM   694 O OE2 . GLU B 2 2  ? 5.505   3.983   -11.478 1.00 89.76  ? 15  GLU B OE2 1 
ATOM   695 N N   . LYS B 2 3  ? 0.946   7.055   -11.966 1.00 76.64  ? 16  LYS B N   1 
ATOM   696 C CA  . LYS B 2 3  ? 0.773   7.878   -10.783 1.00 75.72  ? 16  LYS B CA  1 
ATOM   697 C C   . LYS B 2 3  ? 1.306   7.171   -9.548  1.00 64.07  ? 16  LYS B C   1 
ATOM   698 O O   . LYS B 2 3  ? 1.031   5.993   -9.316  1.00 60.35  ? 16  LYS B O   1 
ATOM   699 C CB  . LYS B 2 3  ? -0.695  8.263   -10.596 1.00 78.64  ? 16  LYS B CB  1 
ATOM   700 C CG  . LYS B 2 3  ? -0.905  9.761   -10.486 1.00 84.22  ? 16  LYS B CG  1 
ATOM   701 C CD  . LYS B 2 3  ? -2.344  10.100  -10.166 1.00 85.06  ? 16  LYS B CD  1 
ATOM   702 C CE  . LYS B 2 3  ? -2.415  11.343  -9.296  1.00 87.62  ? 16  LYS B CE  1 
ATOM   703 N NZ  . LYS B 2 3  ? -3.806  11.695  -8.916  1.00 64.78  ? 16  LYS B NZ  1 
ATOM   704 N N   . VAL B 2 4  ? 2.097   7.899   -8.771  1.00 66.00  ? 17  VAL B N   1 
ATOM   705 C CA  . VAL B 2 4  ? 2.571   7.414   -7.486  1.00 57.24  ? 17  VAL B CA  1 
ATOM   706 C C   . VAL B 2 4  ? 2.024   8.337   -6.418  1.00 68.79  ? 17  VAL B C   1 
ATOM   707 O O   . VAL B 2 4  ? 2.005   9.557   -6.593  1.00 68.19  ? 17  VAL B O   1 
ATOM   708 C CB  . VAL B 2 4  ? 4.095   7.419   -7.410  1.00 64.92  ? 17  VAL B CB  1 
ATOM   709 C CG1 . VAL B 2 4  ? 4.553   6.813   -6.103  1.00 56.31  ? 17  VAL B CG1 1 
ATOM   710 C CG2 . VAL B 2 4  ? 4.680   6.656   -8.594  1.00 68.17  ? 17  VAL B CG2 1 
ATOM   711 N N   . SER B 2 5  ? 1.560   7.761   -5.318  1.00 68.19  ? 18  SER B N   1 
ATOM   712 C CA  . SER B 2 5  ? 0.969   8.568   -4.266  1.00 65.36  ? 18  SER B CA  1 
ATOM   713 C C   . SER B 2 5  ? 1.560   8.280   -2.898  1.00 56.52  ? 18  SER B C   1 
ATOM   714 O O   . SER B 2 5  ? 1.898   7.149   -2.578  1.00 54.10  ? 18  SER B O   1 
ATOM   715 C CB  . SER B 2 5  ? -0.546  8.412   -4.261  1.00 61.91  ? 18  SER B CB  1 
ATOM   716 O OG  . SER B 2 5  ? -1.110  9.171   -5.322  1.00 64.22  ? 18  SER B OG  1 
ATOM   717 N N   . CYS B 2 6  ? 1.721   9.333   -2.110  1.00 57.21  ? 19  CYS B N   1 
ATOM   718 C CA  . CYS B 2 6  ? 2.297   9.207   -0.796  1.00 63.02  ? 19  CYS B CA  1 
ATOM   719 C C   . CYS B 2 6  ? 1.158   8.781   0.103   1.00 69.84  ? 19  CYS B C   1 
ATOM   720 O O   . CYS B 2 6  ? -0.001  9.074   -0.180  1.00 77.97  ? 19  CYS B O   1 
ATOM   721 C CB  . CYS B 2 6  ? 2.890   10.538  -0.331  1.00 66.92  ? 19  CYS B CB  1 
ATOM   722 S SG  . CYS B 2 6  ? 1.680   11.861  -0.165  1.00 95.57  ? 19  CYS B SG  1 
ATOM   723 N N   . VAL B 2 7  ? 1.483   8.096   1.187   1.00 59.90  ? 20  VAL B N   1 
ATOM   724 C CA  . VAL B 2 7  ? 0.456   7.469   1.991   1.00 67.41  ? 20  VAL B CA  1 
ATOM   725 C C   . VAL B 2 7  ? 0.956   7.274   3.429   1.00 88.80  ? 20  VAL B C   1 
ATOM   726 O O   . VAL B 2 7  ? 2.163   7.213   3.680   1.00 89.78  ? 20  VAL B O   1 
ATOM   727 C CB  . VAL B 2 7  ? 0.016   6.146   1.306   1.00 64.87  ? 20  VAL B CB  1 
ATOM   728 C CG1 . VAL B 2 7  ? -0.009  4.975   2.267   1.00 54.22  ? 20  VAL B CG1 1 
ATOM   729 C CG2 . VAL B 2 7  ? -1.307  6.330   0.560   1.00 61.60  ? 20  VAL B CG2 1 
ATOM   730 O OXT . VAL B 2 7  ? 0.181   7.208   4.390   1.00 103.02 ? 20  VAL B OXT 1 
HETATM 731 O O   . HOH C 3 .  ? -3.890  -4.548  -5.330  1.00 51.29  ? 501 HOH A O   1 
HETATM 732 O O   . HOH C 3 .  ? 0.248   -2.371  -11.268 1.00 51.41  ? 502 HOH A O   1 
HETATM 733 O O   . HOH C 3 .  ? 9.585   -7.350  12.647  1.00 58.72  ? 503 HOH A O   1 
HETATM 734 O O   . HOH C 3 .  ? -11.759 3.702   -1.949  1.00 58.76  ? 504 HOH A O   1 
HETATM 735 O O   . HOH C 3 .  ? -5.620  -0.786  -16.646 1.00 60.46  ? 505 HOH A O   1 
HETATM 736 O O   . HOH C 3 .  ? 11.976  -2.366  0.963   1.00 66.22  ? 506 HOH A O   1 
HETATM 737 O O   . HOH C 3 .  ? -4.067  -7.729  -11.774 1.00 76.09  ? 507 HOH A O   1 
HETATM 738 O O   . HOH C 3 .  ? -16.157 -2.998  4.486   1.00 62.08  ? 508 HOH A O   1 
HETATM 739 O O   . HOH C 3 .  ? 7.036   7.336   0.911   1.00 73.55  ? 509 HOH A O   1 
HETATM 740 O O   . HOH C 3 .  ? 11.378  3.988   -4.173  1.00 75.28  ? 510 HOH A O   1 
HETATM 741 O O   . HOH C 3 .  ? -6.133  -20.639 -3.271  1.00 61.83  ? 511 HOH A O   1 
HETATM 742 O O   . HOH C 3 .  ? -1.575  -12.871 7.564   1.00 78.21  ? 512 HOH A O   1 
HETATM 743 O O   . HOH C 3 .  ? 7.661   4.533   6.482   1.00 77.74  ? 513 HOH A O   1 
HETATM 744 O O   . HOH D 3 .  ? 4.726   10.608  -14.399 0.50 34.12  ? 101 HOH B O   1 
# 
loop_
_atom_site_anisotrop.id 
_atom_site_anisotrop.type_symbol 
_atom_site_anisotrop.pdbx_label_atom_id 
_atom_site_anisotrop.pdbx_label_alt_id 
_atom_site_anisotrop.pdbx_label_comp_id 
_atom_site_anisotrop.pdbx_label_asym_id 
_atom_site_anisotrop.pdbx_label_seq_id 
_atom_site_anisotrop.pdbx_PDB_ins_code 
_atom_site_anisotrop.U[1][1] 
_atom_site_anisotrop.U[2][2] 
_atom_site_anisotrop.U[3][3] 
_atom_site_anisotrop.U[1][2] 
_atom_site_anisotrop.U[1][3] 
_atom_site_anisotrop.U[2][3] 
_atom_site_anisotrop.pdbx_auth_seq_id 
_atom_site_anisotrop.pdbx_auth_comp_id 
_atom_site_anisotrop.pdbx_auth_asym_id 
_atom_site_anisotrop.pdbx_auth_atom_id 
1   N N   . ALA A 1  ? 1.9265 1.0599 1.4453 -0.0377 0.1361  -0.2885 315 ALA A N   
2   C CA  . ALA A 1  ? 2.0159 1.0961 1.5183 0.0161  0.1362  -0.2892 315 ALA A CA  
3   C C   . ALA A 1  ? 2.1052 1.1355 1.6166 0.0087  0.1332  -0.2489 315 ALA A C   
4   O O   . ALA A 1  ? 2.1098 1.0988 1.6229 -0.0318 0.1239  -0.2341 315 ALA A O   
5   C CB  . ALA A 1  ? 1.8885 1.0298 1.3884 0.0673  0.1492  -0.2997 315 ALA A CB  
6   N N   . ALA A 2  ? 2.0939 1.1368 1.6092 0.0479  0.1417  -0.2313 316 ALA A N   
7   C CA  . ALA A 2  ? 1.9128 0.9236 1.4367 0.0436  0.1408  -0.1918 316 ALA A CA  
8   C C   . ALA A 2  ? 1.6753 0.7446 1.2294 0.0054  0.1456  -0.1682 316 ALA A C   
9   O O   . ALA A 2  ? 1.5530 0.7121 1.1340 0.0163  0.1506  -0.1671 316 ALA A O   
10  C CB  . ALA A 2  ? 1.8652 0.8671 1.3778 0.1072  0.1474  -0.1841 316 ALA A CB  
11  N N   . ILE A 3  ? 1.6334 0.6879 1.1986 -0.0398 0.1381  -0.1443 317 ILE A N   
12  C CA  . ILE A 3  ? 1.4816 0.5927 1.0756 -0.0720 0.1408  -0.1209 317 ILE A CA  
13  C C   . ILE A 3  ? 1.4363 0.5793 1.0482 -0.0427 0.1457  -0.0944 317 ILE A C   
14  O O   . ILE A 3  ? 1.5384 0.6285 1.1367 -0.0316 0.1458  -0.0727 317 ILE A O   
15  C CB  . ILE A 3  ? 1.4643 0.5668 1.0652 -0.1209 0.1312  -0.1005 317 ILE A CB  
16  C CG1 . ILE A 3  ? 1.3767 0.4681 0.9666 -0.1515 0.1232  -0.1243 317 ILE A CG1 
17  C CG2 . ILE A 3  ? 1.4732 0.6440 1.1031 -0.1464 0.1338  -0.0795 317 ILE A CG2 
18  C CD1 . ILE A 3  ? 1.2877 0.4468 0.8913 -0.1691 0.1261  -0.1413 317 ILE A CD1 
19  N N   . MET A 4  ? 1.2274 0.4628 0.8706 -0.0321 0.1481  -0.0942 318 MET A N   
20  C CA  . MET A 4  ? 1.1442 0.4262 0.8086 -0.0106 0.1505  -0.0715 318 MET A CA  
21  C C   . MET A 4  ? 1.2375 0.5743 0.9309 -0.0435 0.1472  -0.0550 318 MET A C   
22  O O   . MET A 4  ? 1.1566 0.5316 0.8627 -0.0667 0.1444  -0.0650 318 MET A O   
23  C CB  . MET A 4  ? 1.2265 0.5719 0.9009 0.0259  0.1547  -0.0843 318 MET A CB  
24  C CG  . MET A 4  ? 1.2985 0.7007 0.9937 0.0457  0.1566  -0.0649 318 MET A CG  
25  S SD  . MET A 4  ? 1.9352 1.4090 1.6338 0.0904  0.1618  -0.0793 318 MET A SD  
26  C CE  . MET A 4  ? 1.2186 0.6124 0.8757 0.1327  0.1650  -0.0953 318 MET A CE  
27  N N   . GLU A 5  ? 1.1783 0.5204 0.8796 -0.0428 0.1468  -0.0291 319 GLU A N   
28  C CA  . GLU A 5  ? 1.0540 0.4564 0.7816 -0.0623 0.1437  -0.0161 319 GLU A CA  
29  C C   . GLU A 5  ? 1.0055 0.4645 0.7512 -0.0343 0.1456  -0.0105 319 GLU A C   
30  O O   . GLU A 5  ? 1.1896 0.6435 0.9310 -0.0117 0.1484  0.0050  319 GLU A O   
31  C CB  . GLU A 5  ? 1.0841 0.4667 0.8075 -0.0880 0.1412  0.0078  319 GLU A CB  
32  C CG  . GLU A 5  ? 1.1015 0.5538 0.8496 -0.1030 0.1377  0.0190  319 GLU A CG  
33  C CD  . GLU A 5  ? 1.2543 0.7043 0.9980 -0.1285 0.1357  0.0448  319 GLU A CD  
34  O OE1 . GLU A 5  ? 1.2797 0.7412 1.0250 -0.1153 0.1374  0.0666  319 GLU A OE1 
35  O OE2 . GLU A 5  ? 1.2048 0.6501 0.9433 -0.1636 0.1324  0.0447  319 GLU A OE2 
36  N N   . ILE A 6  ? 0.8697 0.3820 0.6334 -0.0378 0.1434  -0.0224 320 ILE A N   
37  C CA  . ILE A 6  ? 0.8032 0.3710 0.5823 -0.0196 0.1435  -0.0224 320 ILE A CA  
38  C C   . ILE A 6  ? 0.8824 0.4847 0.6777 -0.0329 0.1382  -0.0148 320 ILE A C   
39  O O   . ILE A 6  ? 0.9039 0.5078 0.7035 -0.0536 0.1336  -0.0189 320 ILE A O   
40  C CB  . ILE A 6  ? 0.9427 0.5419 0.7266 -0.0199 0.1431  -0.0410 320 ILE A CB  
41  C CG1 . ILE A 6  ? 1.0607 0.6457 0.8290 0.0023  0.1486  -0.0518 320 ILE A CG1 
42  C CG2 . ILE A 6  ? 0.7963 0.4528 0.5955 -0.0144 0.1405  -0.0420 320 ILE A CG2 
43  C CD1 . ILE A 6  ? 1.0420 0.6344 0.8064 -0.0111 0.1480  -0.0696 320 ILE A CD1 
44  N N   . LYS A 7  ? 0.9824 0.6166 0.7851 -0.0171 0.1388  -0.0047 321 LYS A N   
45  C CA  . LYS A 7  ? 0.8571 0.5288 0.6725 -0.0229 0.1335  -0.0014 321 LYS A CA  
46  C C   . LYS A 7  ? 0.8007 0.5119 0.6254 -0.0168 0.1297  -0.0173 321 LYS A C   
47  O O   . LYS A 7  ? 0.8667 0.6026 0.6923 -0.0015 0.1325  -0.0205 321 LYS A O   
48  C CB  . LYS A 7  ? 0.7639 0.4503 0.5791 -0.0135 0.1357  0.0204  321 LYS A CB  
49  C CG  . LYS A 7  ? 0.7728 0.4207 0.5772 -0.0321 0.1369  0.0388  321 LYS A CG  
50  C CD  . LYS A 7  ? 0.7914 0.4577 0.5940 -0.0269 0.1387  0.0664  321 LYS A CD  
51  C CE  . LYS A 7  ? 0.8720 0.5330 0.6679 0.0024  0.1438  0.0758  321 LYS A CE  
52  N NZ  . LYS A 7  ? 1.1153 0.7115 0.8889 0.0005  0.1470  0.1002  321 LYS A NZ  
53  N N   . LEU A 8  ? 0.6854 0.4009 0.5143 -0.0295 0.1224  -0.0273 322 LEU A N   
54  C CA  . LEU A 8  ? 0.7451 0.4778 0.5767 -0.0329 0.1165  -0.0439 322 LEU A CA  
55  C C   . LEU A 8  ? 0.8290 0.5772 0.6630 -0.0289 0.1083  -0.0509 322 LEU A C   
56  O O   . LEU A 8  ? 0.9199 0.6636 0.7537 -0.0278 0.1057  -0.0456 322 LEU A O   
57  C CB  . LEU A 8  ? 0.7419 0.4477 0.5685 -0.0521 0.1133  -0.0511 322 LEU A CB  
58  C CG  . LEU A 8  ? 0.8168 0.5202 0.6395 -0.0563 0.1191  -0.0533 322 LEU A CG  
59  C CD1 . LEU A 8  ? 0.8577 0.5471 0.6762 -0.0779 0.1139  -0.0583 322 LEU A CD1 
60  C CD2 . LEU A 8  ? 0.7957 0.5398 0.6210 -0.0460 0.1220  -0.0585 322 LEU A CD2 
61  N N   . ILE A 9  ? 0.8165 0.5874 0.6508 -0.0265 0.1038  -0.0650 323 ILE A N   
62  C CA  . ILE A 9  ? 0.8004 0.5743 0.6314 -0.0217 0.0942  -0.0791 323 ILE A CA  
63  C C   . ILE A 9  ? 0.8353 0.5674 0.6557 -0.0404 0.0851  -0.0917 323 ILE A C   
64  O O   . ILE A 9  ? 0.8518 0.5843 0.6701 -0.0579 0.0846  -0.0970 323 ILE A O   
65  C CB  . ILE A 9  ? 0.8190 0.6402 0.6525 -0.0095 0.0928  -0.0900 323 ILE A CB  
66  C CG1 . ILE A 9  ? 0.8642 0.7276 0.7062 0.0094  0.1014  -0.0712 323 ILE A CG1 
67  C CG2 . ILE A 9  ? 0.7565 0.5707 0.5808 -0.0036 0.0809  -0.1122 323 ILE A CG2 
68  C CD1 . ILE A 9  ? 0.8596 0.7826 0.7049 0.0244  0.1006  -0.0789 323 ILE A CD1 
69  N N   . LYS A 10 ? 0.7896 0.4896 0.6022 -0.0369 0.0777  -0.0936 324 LYS A N   
70  C CA  . LYS A 10 ? 0.9530 0.6033 0.7516 -0.0537 0.0682  -0.0999 324 LYS A CA  
71  C C   . LYS A 10 ? 0.9658 0.6031 0.7525 -0.0612 0.0583  -0.1209 324 LYS A C   
72  O O   . LYS A 10 ? 1.0125 0.6597 0.7947 -0.0422 0.0529  -0.1367 324 LYS A O   
73  C CB  . LYS A 10 ? 0.9823 0.6027 0.7725 -0.0412 0.0622  -0.0950 324 LYS A CB  
74  C CG  . LYS A 10 ? 1.0013 0.5753 0.7803 -0.0608 0.0572  -0.0871 324 LYS A CG  
75  C CD  . LYS A 10 ? 1.0855 0.6458 0.8588 -0.0449 0.0535  -0.0773 324 LYS A CD  
76  C CE  . LYS A 10 ? 1.2800 0.8175 1.0377 -0.0157 0.0418  -0.0903 324 LYS A CE  
77  N NZ  . LYS A 10 ? 1.4254 0.9655 1.1780 0.0051  0.0390  -0.0788 324 LYS A NZ  
78  N N   . GLY A 11 ? 1.0409 0.6616 0.8214 -0.0917 0.0553  -0.1219 325 GLY A N   
79  C CA  . GLY A 11 ? 1.0727 0.6763 0.8383 -0.1105 0.0444  -0.1414 325 GLY A CA  
80  C C   . GLY A 11 ? 1.1602 0.6833 0.9001 -0.1128 0.0292  -0.1494 325 GLY A C   
81  O O   . GLY A 11 ? 1.2265 0.7147 0.9618 -0.1004 0.0279  -0.1360 325 GLY A O   
82  N N   . PRO A 12 ? 1.0674 0.5579 0.7872 -0.1285 0.0166  -0.1716 326 PRO A N   
83  C CA  . PRO A 12 ? 1.0676 0.4631 0.7551 -0.1298 -0.0003 -0.1811 326 PRO A CA  
84  C C   . PRO A 12 ? 1.2679 0.6118 0.9448 -0.1577 -0.0035 -0.1557 326 PRO A C   
85  O O   . PRO A 12 ? 1.2567 0.5300 0.9129 -0.1424 -0.0128 -0.1493 326 PRO A O   
86  C CB  . PRO A 12 ? 1.1399 0.5177 0.8085 -0.1568 -0.0117 -0.2093 326 PRO A CB  
87  C CG  . PRO A 12 ? 1.0984 0.5626 0.7901 -0.1863 -0.0007 -0.2033 326 PRO A CG  
88  C CD  . PRO A 12 ? 1.0034 0.5422 0.7270 -0.1520 0.0169  -0.1872 326 PRO A CD  
89  N N   . LYS A 13 ? 1.2453 0.6330 0.9359 -0.1943 0.0043  -0.1402 327 LYS A N   
90  C CA  . LYS A 13 ? 1.2475 0.6071 0.9305 -0.2242 0.0027  -0.1144 327 LYS A CA  
91  C C   . LYS A 13 ? 1.2869 0.6729 0.9874 -0.2005 0.0139  -0.0931 327 LYS A C   
92  O O   . LYS A 13 ? 1.3849 0.7473 1.0777 -0.2162 0.0120  -0.0715 327 LYS A O   
93  C CB  . LYS A 13 ? 1.1562 0.5682 0.8459 -0.2726 0.0063  -0.1085 327 LYS A CB  
94  C CG  . LYS A 13 ? 1.2530 0.6286 0.9183 -0.3153 -0.0083 -0.1234 327 LYS A CG  
95  C CD  . LYS A 13 ? 1.3108 0.7634 0.9859 -0.3634 -0.0035 -0.1156 327 LYS A CD  
96  C CE  . LYS A 13 ? 1.3753 0.7991 1.0257 -0.4141 -0.0190 -0.1296 327 LYS A CE  
97  N NZ  . LYS A 13 ? 1.3666 0.9016 1.0331 -0.4470 -0.0118 -0.1344 327 LYS A NZ  
98  N N   . GLY A 14 ? 1.2194 0.6564 0.9417 -0.1661 0.0251  -0.0983 328 GLY A N   
99  C CA  . GLY A 14 ? 1.1448 0.6099 0.8824 -0.1495 0.0358  -0.0812 328 GLY A CA  
100 C C   . GLY A 14 ? 1.0103 0.5461 0.7717 -0.1495 0.0510  -0.0802 328 GLY A C   
101 O O   . GLY A 14 ? 1.0739 0.6444 0.8426 -0.1489 0.0540  -0.0925 328 GLY A O   
102 N N   . LEU A 15 ? 0.9152 0.4716 0.6861 -0.1488 0.0598  -0.0663 329 LEU A N   
103 C CA  . LEU A 15 ? 0.9064 0.5146 0.6941 -0.1428 0.0733  -0.0664 329 LEU A CA  
104 C C   . LEU A 15 ? 0.8783 0.5246 0.6683 -0.1650 0.0773  -0.0676 329 LEU A C   
105 O O   . LEU A 15 ? 0.8983 0.5881 0.6987 -0.1533 0.0867  -0.0716 329 LEU A O   
106 C CB  . LEU A 15 ? 0.7773 0.3886 0.5700 -0.1340 0.0803  -0.0563 329 LEU A CB  
107 C CG  . LEU A 15 ? 0.9871 0.5940 0.7839 -0.1096 0.0806  -0.0559 329 LEU A CG  
108 C CD1 . LEU A 15 ? 0.9808 0.5930 0.7803 -0.1093 0.0862  -0.0464 329 LEU A CD1 
109 C CD2 . LEU A 15 ? 0.9366 0.5710 0.7431 -0.0936 0.0864  -0.0624 329 LEU A CD2 
110 N N   . GLY A 16 ? 0.8484 0.4821 0.6270 -0.1959 0.0698  -0.0619 330 GLY A N   
111 C CA  . GLY A 16 ? 0.9033 0.5879 0.6835 -0.2208 0.0727  -0.0619 330 GLY A CA  
112 C C   . GLY A 16 ? 0.9955 0.7242 0.7819 -0.2205 0.0828  -0.0548 330 GLY A C   
113 O O   . GLY A 16 ? 0.9431 0.7339 0.7362 -0.2189 0.0903  -0.0597 330 GLY A O   
114 N N   . PHE A 17 ? 0.7644 0.4669 0.5469 -0.2190 0.0829  -0.0449 331 PHE A N   
115 C CA  . PHE A 17 ? 0.7547 0.4984 0.5380 -0.2256 0.0898  -0.0401 331 PHE A CA  
116 C C   . PHE A 17 ? 0.9515 0.6687 0.7250 -0.2413 0.0841  -0.0245 331 PHE A C   
117 O O   . PHE A 17 ? 0.8976 0.5597 0.6634 -0.2410 0.0752  -0.0168 331 PHE A O   
118 C CB  . PHE A 17 ? 0.7788 0.5437 0.5705 -0.1936 0.1022  -0.0514 331 PHE A CB  
119 C CG  . PHE A 17 ? 0.8385 0.5571 0.6317 -0.1733 0.1031  -0.0521 331 PHE A CG  
120 C CD1 . PHE A 17 ? 0.8683 0.5749 0.6572 -0.1758 0.1038  -0.0480 331 PHE A CD1 
121 C CD2 . PHE A 17 ? 0.8354 0.5349 0.6342 -0.1534 0.1037  -0.0566 331 PHE A CD2 
122 C CE1 . PHE A 17 ? 0.9229 0.5997 0.7133 -0.1622 0.1047  -0.0483 331 PHE A CE1 
123 C CE2 . PHE A 17 ? 0.7398 0.4102 0.5402 -0.1391 0.1047  -0.0548 331 PHE A CE2 
124 C CZ  . PHE A 17 ? 0.7957 0.4550 0.5917 -0.1450 0.1051  -0.0506 331 PHE A CZ  
125 N N   . SER A 18 ? 0.9482 0.7108 0.7206 -0.2516 0.0890  -0.0200 332 SER A N   
126 C CA  . SER A 18 ? 0.8305 0.5832 0.5937 -0.2664 0.0845  -0.0033 332 SER A CA  
127 C C   . SER A 18 ? 0.8845 0.6672 0.6512 -0.2499 0.0938  -0.0125 332 SER A C   
128 O O   . SER A 18 ? 0.9097 0.7301 0.6817 -0.2345 0.1034  -0.0299 332 SER A O   
129 C CB  . SER A 18 ? 0.8416 0.6285 0.5955 -0.3051 0.0792  0.0146  332 SER A CB  
130 O OG  . SER A 18 ? 1.1292 0.8909 0.8773 -0.3267 0.0706  0.0187  332 SER A OG  
131 N N   . ILE A 19 ? 0.8981 0.6639 0.6591 -0.2520 0.0904  -0.0016 333 ILE A N   
132 C CA  . ILE A 19 ? 0.7570 0.5458 0.5186 -0.2404 0.0974  -0.0130 333 ILE A CA  
133 C C   . ILE A 19 ? 0.7938 0.6165 0.5469 -0.2591 0.0944  0.0025  333 ILE A C   
134 O O   . ILE A 19 ? 0.8368 0.6442 0.5824 -0.2763 0.0853  0.0276  333 ILE A O   
135 C CB  . ILE A 19 ? 0.7804 0.5270 0.5450 -0.2219 0.0970  -0.0181 333 ILE A CB  
136 C CG1 . ILE A 19 ? 0.7659 0.4788 0.5251 -0.2249 0.0862  0.0033  333 ILE A CG1 
137 C CG2 . ILE A 19 ? 0.7372 0.4583 0.5099 -0.2024 0.1012  -0.0322 333 ILE A CG2 
138 C CD1 . ILE A 19 ? 0.8144 0.5107 0.5765 -0.2080 0.0859  0.0003  333 ILE A CD1 
139 N N   . ALA A 20 ? 0.7765 0.6423 0.5282 -0.2544 0.1017  -0.0132 334 ALA A N   
140 C CA  . ALA A 20 ? 0.7710 0.6770 0.5149 -0.2679 0.0998  -0.0028 334 ALA A CA  
141 C C   . ALA A 20 ? 0.7649 0.6714 0.5075 -0.2546 0.1048  -0.0255 334 ALA A C   
142 O O   . ALA A 20 ? 0.9760 0.8450 0.7221 -0.2382 0.1088  -0.0450 334 ALA A O   
143 C CB  . ALA A 20 ? 0.7764 0.7576 0.5162 -0.2825 0.1034  -0.0024 334 ALA A CB  
144 N N   . GLY A 21 ? 0.8944 0.8452 0.6298 -0.2649 0.1038  -0.0221 335 GLY A N   
145 C CA  . GLY A 21 ? 0.7738 0.7318 0.5048 -0.2598 0.1074  -0.0461 335 GLY A CA  
146 C C   . GLY A 21 ? 0.8132 0.7598 0.5444 -0.2640 0.1007  -0.0287 335 GLY A C   
147 O O   . GLY A 21 ? 0.8169 0.7505 0.5495 -0.2656 0.0934  0.0022  335 GLY A O   
148 N N   . GLY A 22 ? 0.7858 0.7368 0.5134 -0.2651 0.1027  -0.0490 336 GLY A N   
149 C CA  . GLY A 22 ? 0.9297 0.8923 0.6578 -0.2694 0.0968  -0.0341 336 GLY A CA  
150 C C   . GLY A 22 ? 0.9867 1.0201 0.7058 -0.2839 0.0959  -0.0376 336 GLY A C   
151 O O   . GLY A 22 ? 1.0286 1.1070 0.7413 -0.2905 0.0984  -0.0431 336 GLY A O   
152 N N   . VAL A 23 ? 0.9273 0.9810 0.6457 -0.2890 0.0923  -0.0351 337 VAL A N   
153 C CA  . VAL A 23 ? 0.8405 0.9712 0.5511 -0.3023 0.0899  -0.0331 337 VAL A CA  
154 C C   . VAL A 23 ? 1.0367 1.2019 0.7457 -0.2977 0.0847  0.0060  337 VAL A C   
155 O O   . VAL A 23 ? 1.1457 1.2745 0.8583 -0.2836 0.0791  0.0378  337 VAL A O   
156 C CB  . VAL A 23 ? 0.8265 0.9805 0.5388 -0.3066 0.0856  -0.0289 337 VAL A CB  
157 C CG1 . VAL A 23 ? 0.8749 1.1214 0.5788 -0.3213 0.0828  -0.0277 337 VAL A CG1 
158 C CG2 . VAL A 23 ? 0.9413 1.0522 0.6534 -0.3174 0.0894  -0.0611 337 VAL A CG2 
159 N N   . GLY A 24 ? 1.0498 1.2824 0.7506 -0.3098 0.0862  0.0032  338 GLY A N   
160 C CA  . GLY A 24 ? 0.9999 1.2716 0.6961 -0.3109 0.0811  0.0443  338 GLY A CA  
161 C C   . GLY A 24 ? 0.9553 1.1891 0.6529 -0.3114 0.0817  0.0595  338 GLY A C   
162 O O   . GLY A 24 ? 1.0843 1.3302 0.7760 -0.3168 0.0761  0.0992  338 GLY A O   
163 N N   . ASN A 25 ? 0.8937 1.0836 0.5971 -0.3078 0.0882  0.0293  339 ASN A N   
164 C CA  . ASN A 25 ? 0.9096 1.0739 0.6152 -0.3101 0.0892  0.0399  339 ASN A CA  
165 C C   . ASN A 25 ? 0.9100 1.0653 0.6189 -0.3036 0.0985  -0.0014 339 ASN A C   
166 O O   . ASN A 25 ? 0.9507 1.0509 0.6664 -0.2951 0.0998  -0.0048 339 ASN A O   
167 C CB  . ASN A 25 ? 0.8858 0.9699 0.5954 -0.3017 0.0822  0.0670  339 ASN A CB  
168 C CG  . ASN A 25 ? 0.8648 0.9276 0.5738 -0.3123 0.0809  0.0827  339 ASN A CG  
169 O OD1 . ASN A 25 ? 0.8487 0.9366 0.5488 -0.3302 0.0755  0.1160  339 ASN A OD1 
170 N ND2 . ASN A 25 ? 0.8959 0.9177 0.6133 -0.3044 0.0855  0.0603  339 ASN A ND2 
171 N N   . GLN A 26 ? 0.8637 1.0745 0.5653 -0.3047 0.1042  -0.0335 340 GLN A N   
172 C CA  . GLN A 26 ? 0.8073 1.0047 0.5060 -0.2907 0.1123  -0.0764 340 GLN A CA  
173 C C   . GLN A 26 ? 0.8025 1.0116 0.5054 -0.2860 0.1155  -0.0701 340 GLN A C   
174 O O   . GLN A 26 ? 0.8956 1.1653 0.5980 -0.3011 0.1136  -0.0438 340 GLN A O   
175 C CB  . GLN A 26 ? 1.0159 1.2766 0.7003 -0.2914 0.1162  -0.1123 340 GLN A CB  
176 C CG  . GLN A 26 ? 0.9735 1.2401 0.6520 -0.3029 0.1126  -0.1211 340 GLN A CG  
177 C CD  . GLN A 26 ? 0.9776 1.3078 0.6387 -0.3065 0.1154  -0.1611 340 GLN A CD  
178 O OE1 . GLN A 26 ? 0.9633 1.3398 0.6163 -0.2964 0.1202  -0.1813 340 GLN A OE1 
179 N NE2 . GLN A 26 ? 0.8728 1.2121 0.5268 -0.3207 0.1120  -0.1744 340 GLN A NE2 
180 N N   . HIS A 27 ? 0.8010 0.9577 0.5072 -0.2670 0.1202  -0.0918 341 HIS A N   
181 C CA  . HIS A 27 ? 0.8406 1.0204 0.5506 -0.2595 0.1240  -0.0912 341 HIS A CA  
182 C C   . HIS A 27 ? 0.8409 1.0841 0.5389 -0.2414 0.1316  -0.1284 341 HIS A C   
183 O O   . HIS A 27 ? 0.9042 1.2149 0.6028 -0.2388 0.1349  -0.1262 341 HIS A O   
184 C CB  . HIS A 27 ? 0.8846 0.9867 0.6030 -0.2431 0.1253  -0.0955 341 HIS A CB  
185 C CG  . HIS A 27 ? 0.9444 1.0778 0.6668 -0.2339 0.1293  -0.0972 341 HIS A CG  
186 N ND1 . HIS A 27 ? 0.9327 1.1234 0.6594 -0.2573 0.1262  -0.0685 341 HIS A ND1 
187 C CD2 . HIS A 27 ? 0.8858 1.0064 0.6071 -0.2044 0.1357  -0.1223 341 HIS A CD2 
188 C CE1 . HIS A 27 ? 0.8997 1.1211 0.6298 -0.2451 0.1308  -0.0778 341 HIS A CE1 
189 N NE2 . HIS A 27 ? 0.9282 1.1097 0.6553 -0.2092 0.1369  -0.1102 341 HIS A NE2 
190 N N   . ILE A 28 ? 0.9123 1.1348 0.5974 -0.2291 0.1338  -0.1640 342 ILE A N   
191 C CA  . ILE A 28 ? 1.0322 1.3052 0.6994 -0.2082 0.1395  -0.2061 342 ILE A CA  
192 C C   . ILE A 28 ? 0.9953 1.2933 0.6500 -0.2229 0.1368  -0.2222 342 ILE A C   
193 O O   . ILE A 28 ? 1.0370 1.2779 0.6928 -0.2371 0.1325  -0.2184 342 ILE A O   
194 C CB  . ILE A 28 ? 1.0913 1.2896 0.7475 -0.1721 0.1444  -0.2436 342 ILE A CB  
195 C CG1 . ILE A 28 ? 1.1064 1.3466 0.7665 -0.1463 0.1498  -0.2440 342 ILE A CG1 
196 C CG2 . ILE A 28 ? 1.1381 1.3245 0.7673 -0.1556 0.1462  -0.2942 342 ILE A CG2 
197 C CD1 . ILE A 28 ? 1.2023 1.3613 0.8542 -0.1087 0.1535  -0.2675 342 ILE A CD1 
198 N N   . PRO A 29 ? 0.9765 1.3718 0.6192 -0.2206 0.1391  -0.2400 343 PRO A N   
199 C CA  . PRO A 29 ? 1.1010 1.5372 0.7307 -0.2358 0.1363  -0.2573 343 PRO A CA  
200 C C   . PRO A 29 ? 1.1336 1.4808 0.7466 -0.2311 0.1352  -0.2992 343 PRO A C   
201 O O   . PRO A 29 ? 1.1840 1.4757 0.7802 -0.2028 0.1388  -0.3397 343 PRO A O   
202 C CB  . PRO A 29 ? 1.0722 1.6194 0.6875 -0.2204 0.1410  -0.2845 343 PRO A CB  
203 C CG  . PRO A 29 ? 0.9875 1.5816 0.6165 -0.2134 0.1443  -0.2563 343 PRO A CG  
204 C CD  . PRO A 29 ? 0.9320 1.4171 0.5726 -0.2033 0.1445  -0.2458 343 PRO A CD  
205 N N   . GLY A 30 ? 1.0690 1.4035 0.6846 -0.2590 0.1294  -0.2874 344 GLY A N   
206 C CA  . GLY A 30 ? 1.0883 1.3512 0.6868 -0.2666 0.1269  -0.3238 344 GLY A CA  
207 C C   . GLY A 30 ? 1.1289 1.2776 0.7354 -0.2664 0.1259  -0.3125 344 GLY A C   
208 O O   . GLY A 30 ? 1.1515 1.2366 0.7449 -0.2801 0.1230  -0.3348 344 GLY A O   
209 N N   . ASP A 31 ? 0.9496 1.0769 0.5764 -0.2542 0.1277  -0.2777 345 ASP A N   
210 C CA  . ASP A 31 ? 0.9956 1.0263 0.6312 -0.2506 0.1271  -0.2655 345 ASP A CA  
211 C C   . ASP A 31 ? 0.9699 1.0083 0.6308 -0.2646 0.1230  -0.2145 345 ASP A C   
212 O O   . ASP A 31 ? 0.9394 1.0183 0.6131 -0.2614 0.1229  -0.1850 345 ASP A O   
213 C CB  . ASP A 31 ? 1.0262 1.0139 0.6591 -0.2164 0.1329  -0.2772 345 ASP A CB  
214 C CG  . ASP A 31 ? 1.1088 1.0011 0.7489 -0.2108 0.1327  -0.2653 345 ASP A CG  
215 O OD1 . ASP A 31 ? 1.1010 0.9660 0.7504 -0.2335 0.1282  -0.2457 345 ASP A OD1 
216 O OD2 . ASP A 31 ? 1.2492 1.1024 0.8853 -0.1814 0.1370  -0.2746 345 ASP A OD2 
217 N N   . ASN A 32 ? 0.9947 0.9927 0.6598 -0.2802 0.1188  -0.2049 346 ASN A N   
218 C CA  . ASN A 32 ? 1.0095 1.0115 0.6942 -0.2867 0.1139  -0.1611 346 ASN A CA  
219 C C   . ASN A 32 ? 0.9123 0.8474 0.6099 -0.2716 0.1149  -0.1451 346 ASN A C   
220 O O   . ASN A 32 ? 0.8791 0.8120 0.5905 -0.2710 0.1106  -0.1125 346 ASN A O   
221 C CB  . ASN A 32 ? 1.0043 1.0209 0.6883 -0.3082 0.1086  -0.1567 346 ASN A CB  
222 C CG  . ASN A 32 ? 1.0023 1.1052 0.6786 -0.3238 0.1060  -0.1589 346 ASN A CG  
223 O OD1 . ASN A 32 ? 0.9857 1.1437 0.6632 -0.3190 0.1064  -0.1453 346 ASN A OD1 
224 N ND2 . ASN A 32 ? 1.0131 1.1356 0.6808 -0.3458 0.1030  -0.1746 346 ASN A ND2 
225 N N   . SER A 33 ? 0.8562 0.7365 0.5470 -0.2565 0.1198  -0.1685 347 SER A N   
226 C CA  . SER A 33 ? 0.8511 0.6714 0.5526 -0.2440 0.1205  -0.1552 347 SER A CA  
227 C C   . SER A 33 ? 0.8249 0.6579 0.5426 -0.2329 0.1198  -0.1276 347 SER A C   
228 O O   . SER A 33 ? 0.8017 0.6841 0.5204 -0.2337 0.1199  -0.1201 347 SER A O   
229 C CB  . SER A 33 ? 1.0937 0.8507 0.7811 -0.2279 0.1255  -0.1834 347 SER A CB  
230 O OG  . SER A 33 ? 1.2298 1.0076 0.9069 -0.2072 0.1304  -0.2046 347 SER A OG  
231 N N   . ILE A 34 ? 0.8463 0.6364 0.5750 -0.2258 0.1184  -0.1122 348 ILE A N   
232 C CA  . ILE A 34 ? 0.8187 0.6075 0.5597 -0.2176 0.1164  -0.0904 348 ILE A CA  
233 C C   . ILE A 34 ? 0.7993 0.5798 0.5396 -0.1994 0.1226  -0.1038 348 ILE A C   
234 O O   . ILE A 34 ? 0.8865 0.6266 0.6223 -0.1851 0.1267  -0.1190 348 ILE A O   
235 C CB  . ILE A 34 ? 0.8449 0.5958 0.5959 -0.2136 0.1124  -0.0741 348 ILE A CB  
236 C CG1 . ILE A 34 ? 0.8193 0.5880 0.5700 -0.2256 0.1064  -0.0615 348 ILE A CG1 
237 C CG2 . ILE A 34 ? 0.7460 0.4893 0.5058 -0.2065 0.1091  -0.0564 348 ILE A CG2 
238 C CD1 . ILE A 34 ? 0.7752 0.5853 0.5240 -0.2337 0.1010  -0.0423 348 ILE A CD1 
239 N N   . TYR A 35 ? 0.8809 0.7025 0.6244 -0.2005 0.1227  -0.0957 349 TYR A N   
240 C CA  . TYR A 35 ? 0.7708 0.6025 0.5149 -0.1819 0.1283  -0.1066 349 TYR A CA  
241 C C   . TYR A 35 ? 0.9519 0.7890 0.7078 -0.1870 0.1248  -0.0861 349 TYR A C   
242 O O   . TYR A 35 ? 0.9432 0.7877 0.7022 -0.2080 0.1178  -0.0639 349 TYR A O   
243 C CB  . TYR A 35 ? 0.7834 0.6790 0.5181 -0.1779 0.1328  -0.1225 349 TYR A CB  
244 C CG  . TYR A 35 ? 0.8148 0.6978 0.5325 -0.1652 0.1369  -0.1536 349 TYR A CG  
245 C CD1 . TYR A 35 ? 1.0014 0.8416 0.7078 -0.1354 0.1422  -0.1779 349 TYR A CD1 
246 C CD2 . TYR A 35 ? 1.0233 0.9334 0.7331 -0.1827 0.1347  -0.1589 349 TYR A CD2 
247 C CE1 . TYR A 35 ? 0.9791 0.7916 0.6638 -0.1250 0.1443  -0.2090 349 TYR A CE1 
248 C CE2 . TYR A 35 ? 1.1491 1.0446 0.8399 -0.1747 0.1373  -0.1921 349 TYR A CE2 
249 C CZ  . TYR A 35 ? 1.1285 0.9686 0.8053 -0.1467 0.1417  -0.2183 349 TYR A CZ  
250 O OH  . TYR A 35 ? 1.1317 0.9415 0.7836 -0.1402 0.1427  -0.2539 349 TYR A OH  
251 N N   . VAL A 36 ? 0.7513 0.5822 0.5108 -0.1673 0.1289  -0.0939 350 VAL A N   
252 C CA  . VAL A 36 ? 0.8478 0.6968 0.6162 -0.1736 0.1261  -0.0806 350 VAL A CA  
253 C C   . VAL A 36 ? 0.9997 0.9267 0.7661 -0.1832 0.1281  -0.0804 350 VAL A C   
254 O O   . VAL A 36 ? 1.0154 0.9819 0.7765 -0.1608 0.1355  -0.0992 350 VAL A O   
255 C CB  . VAL A 36 ? 0.8706 0.6987 0.6436 -0.1471 0.1304  -0.0889 350 VAL A CB  
256 C CG1 . VAL A 36 ? 0.7277 0.5941 0.5083 -0.1552 0.1280  -0.0807 350 VAL A CG1 
257 C CG2 . VAL A 36 ? 0.9481 0.7117 0.7246 -0.1421 0.1278  -0.0842 350 VAL A CG2 
258 N N   . THR A 37 ? 1.0257 0.9750 0.7940 -0.2160 0.1209  -0.0587 351 THR A N   
259 C CA  . THR A 37 ? 0.9136 0.9473 0.6798 -0.2349 0.1216  -0.0526 351 THR A CA  
260 C C   . THR A 37 ? 1.0029 1.0650 0.7752 -0.2458 0.1196  -0.0470 351 THR A C   
261 O O   . THR A 37 ? 1.0436 1.1918 0.8162 -0.2509 0.1232  -0.0492 351 THR A O   
262 C CB  . THR A 37 ? 0.9020 0.9468 0.6624 -0.2740 0.1134  -0.0262 351 THR A CB  
263 O OG1 . THR A 37 ? 1.0081 0.9785 0.7682 -0.2905 0.1033  -0.0074 351 THR A OG1 
264 C CG2 . THR A 37 ? 0.8041 0.8561 0.5580 -0.2689 0.1156  -0.0303 351 THR A CG2 
265 N N   . LYS A 38 ? 0.9332 0.9322 0.7094 -0.2512 0.1134  -0.0404 352 LYS A N   
266 C CA  . LYS A 38 ? 0.8494 0.8741 0.6293 -0.2677 0.1098  -0.0367 352 LYS A CA  
267 C C   . LYS A 38 ? 0.8375 0.8055 0.6232 -0.2478 0.1085  -0.0450 352 LYS A C   
268 O O   . LYS A 38 ? 0.8117 0.7062 0.5970 -0.2376 0.1053  -0.0439 352 LYS A O   
269 C CB  . LYS A 38 ? 0.9414 0.9637 0.7129 -0.3200 0.0981  -0.0123 352 LYS A CB  
270 C CG  . LYS A 38 ? 0.9198 0.9781 0.6917 -0.3480 0.0934  -0.0099 352 LYS A CG  
271 C CD  . LYS A 38 ? 1.0196 1.0513 0.7771 -0.4048 0.0796  0.0151  352 LYS A CD  
272 C CE  . LYS A 38 ? 1.1111 1.1519 0.8662 -0.4346 0.0724  0.0120  352 LYS A CE  
273 N NZ  . LYS A 38 ? 1.1144 1.1486 0.8514 -0.5005 0.0591  0.0370  352 LYS A NZ  
274 N N   . ILE A 39 ? 0.8156 0.8311 0.6072 -0.2413 0.1112  -0.0530 353 ILE A N   
275 C CA  . ILE A 39 ? 0.8953 0.8751 0.6922 -0.2270 0.1092  -0.0596 353 ILE A CA  
276 C C   . ILE A 39 ? 0.9832 0.9969 0.7788 -0.2633 0.1012  -0.0562 353 ILE A C   
277 O O   . ILE A 39 ? 1.0695 1.1719 0.8684 -0.2691 0.1049  -0.0592 353 ILE A O   
278 C CB  . ILE A 39 ? 0.8487 0.8554 0.6520 -0.1799 0.1201  -0.0736 353 ILE A CB  
279 C CG1 . ILE A 39 ? 0.8384 0.7993 0.6381 -0.1499 0.1265  -0.0787 353 ILE A CG1 
280 C CG2 . ILE A 39 ? 0.7586 0.7404 0.5676 -0.1674 0.1178  -0.0770 353 ILE A CG2 
281 C CD1 . ILE A 39 ? 0.8080 0.7639 0.6084 -0.1047 0.1350  -0.0885 353 ILE A CD1 
282 N N   . ILE A 40 ? 0.8556 0.8008 0.6440 -0.2877 0.0895  -0.0511 354 ILE A N   
283 C CA  . ILE A 40 ? 0.9469 0.9086 0.7279 -0.3312 0.0794  -0.0491 354 ILE A CA  
284 C C   . ILE A 40 ? 0.9749 0.9759 0.7638 -0.3180 0.0811  -0.0656 354 ILE A C   
285 O O   . ILE A 40 ? 0.8573 0.8263 0.6527 -0.2808 0.0841  -0.0758 354 ILE A O   
286 C CB  . ILE A 40 ? 1.0432 0.9069 0.8062 -0.3625 0.0642  -0.0394 354 ILE A CB  
287 C CG1 . ILE A 40 ? 1.1112 0.9909 0.8598 -0.4224 0.0525  -0.0327 354 ILE A CG1 
288 C CG2 . ILE A 40 ? 0.9266 0.7140 0.6891 -0.3315 0.0605  -0.0525 354 ILE A CG2 
289 C CD1 . ILE A 40 ? 1.2013 0.9717 0.9247 -0.4543 0.0356  -0.0222 354 ILE A CD1 
290 N N   . GLU A 41 ? 0.9942 1.0763 0.7825 -0.3511 0.0788  -0.0662 355 GLU A N   
291 C CA  . GLU A 41 ? 0.9820 1.1204 0.7765 -0.3468 0.0790  -0.0807 355 GLU A CA  
292 C C   . GLU A 41 ? 1.0742 1.1320 0.8612 -0.3503 0.0687  -0.0928 355 GLU A C   
293 O O   . GLU A 41 ? 1.2444 1.2209 1.0142 -0.3847 0.0557  -0.0900 355 GLU A O   
294 C CB  . GLU A 41 ? 1.1784 1.4121 0.9689 -0.3995 0.0745  -0.0769 355 GLU A CB  
295 C CG  . GLU A 41 ? 1.1849 1.5539 0.9882 -0.3763 0.0873  -0.0767 355 GLU A CG  
296 C CD  . GLU A 41 ? 1.2089 1.6629 1.0212 -0.3593 0.0903  -0.0906 355 GLU A CD  
297 O OE1 . GLU A 41 ? 1.1920 1.5983 1.0088 -0.3222 0.0918  -0.1009 355 GLU A OE1 
298 O OE2 . GLU A 41 ? 1.2379 1.8149 1.0525 -0.3845 0.0908  -0.0896 355 GLU A OE2 
299 N N   . GLY A 42 ? 1.0425 1.1244 0.8401 -0.3121 0.0740  -0.1062 356 GLY A N   
300 C CA  . GLY A 42 ? 0.8315 0.8569 0.6228 -0.3095 0.0653  -0.1212 356 GLY A CA  
301 C C   . GLY A 42 ? 0.9243 0.8540 0.7142 -0.2756 0.0650  -0.1201 356 GLY A C   
302 O O   . GLY A 42 ? 0.9788 0.8687 0.7641 -0.2636 0.0590  -0.1336 356 GLY A O   
303 N N   . GLY A 43 ? 0.9069 0.8082 0.6999 -0.2601 0.0715  -0.1053 357 GLY A N   
304 C CA  . GLY A 43 ? 0.8666 0.6920 0.6588 -0.2312 0.0716  -0.1023 357 GLY A CA  
305 C C   . GLY A 43 ? 0.8906 0.7360 0.6971 -0.1835 0.0826  -0.1038 357 GLY A C   
306 O O   . GLY A 43 ? 0.9823 0.8944 0.7983 -0.1666 0.0910  -0.1050 357 GLY A O   
307 N N   . ALA A 44 ? 0.7716 0.5610 0.5775 -0.1618 0.0820  -0.1012 358 ALA A N   
308 C CA  . ALA A 44 ? 0.7319 0.5324 0.5484 -0.1237 0.0911  -0.0978 358 ALA A CA  
309 C C   . ALA A 44 ? 0.8001 0.6251 0.6228 -0.1066 0.1035  -0.0875 358 ALA A C   
310 O O   . ALA A 44 ? 0.8272 0.6861 0.6560 -0.0805 0.1113  -0.0851 358 ALA A O   
311 C CB  . ALA A 44 ? 0.8462 0.5919 0.6597 -0.1109 0.0872  -0.0954 358 ALA A CB  
312 N N   . ALA A 45 ? 0.8661 0.6717 0.6847 -0.1190 0.1048  -0.0818 359 ALA A N   
313 C CA  . ALA A 45 ? 0.8652 0.6863 0.6848 -0.1008 0.1154  -0.0777 359 ALA A CA  
314 C C   . ALA A 45 ? 0.8520 0.7445 0.6740 -0.0934 0.1208  -0.0819 359 ALA A C   
315 O O   . ALA A 45 ? 0.7841 0.6960 0.6066 -0.0608 0.1295  -0.0808 359 ALA A O   
316 C CB  . ALA A 45 ? 0.8284 0.6241 0.6421 -0.1168 0.1148  -0.0740 359 ALA A CB  
317 N N   . HIS A 46 ? 0.8346 0.7668 0.6558 -0.1241 0.1150  -0.0854 360 HIS A N   
318 C CA  . HIS A 46 ? 0.9454 0.9651 0.7693 -0.1215 0.1193  -0.0891 360 HIS A CA  
319 C C   . HIS A 46 ? 0.9674 1.0242 0.7974 -0.0907 0.1233  -0.0916 360 HIS A C   
320 O O   . HIS A 46 ? 1.0086 1.1101 0.8395 -0.0551 0.1322  -0.0901 360 HIS A O   
321 C CB  . HIS A 46 ? 0.9997 1.0555 0.8203 -0.1707 0.1101  -0.0905 360 HIS A CB  
322 C CG  . HIS A 46 ? 1.0227 1.1868 0.8472 -0.1739 0.1136  -0.0939 360 HIS A CG  
323 N ND1 . HIS A 46 ? 1.0914 1.3047 0.9182 -0.1906 0.1084  -0.1009 360 HIS A ND1 
324 C CD2 . HIS A 46 ? 0.9463 1.1890 0.7718 -0.1604 0.1217  -0.0929 360 HIS A CD2 
325 C CE1 . HIS A 46 ? 0.9124 1.2352 0.7429 -0.1895 0.1132  -0.1017 360 HIS A CE1 
326 N NE2 . HIS A 46 ? 0.9123 1.2560 0.7420 -0.1688 0.1215  -0.0967 360 HIS A NE2 
327 N N   . LYS A 47 ? 0.9610 0.9986 0.7930 -0.1005 0.1161  -0.0957 361 LYS A N   
328 C CA  . LYS A 47 ? 0.9416 1.0254 0.7794 -0.0755 0.1187  -0.0978 361 LYS A CA  
329 C C   . LYS A 47 ? 0.8949 0.9535 0.7342 -0.0292 0.1277  -0.0863 361 LYS A C   
330 O O   . LYS A 47 ? 0.9234 1.0317 0.7656 0.0006  0.1328  -0.0816 361 LYS A O   
331 C CB  . LYS A 47 ? 1.1475 1.2190 0.9843 -0.0982 0.1079  -0.1091 361 LYS A CB  
332 C CG  . LYS A 47 ? 1.1327 1.2376 0.9638 -0.1466 0.0980  -0.1212 361 LYS A CG  
333 C CD  . LYS A 47 ? 1.0906 1.1596 0.9138 -0.1677 0.0853  -0.1375 361 LYS A CD  
334 C CE  . LYS A 47 ? 1.0276 1.1800 0.8541 -0.1687 0.0837  -0.1508 361 LYS A CE  
335 N NZ  . LYS A 47 ? 0.9720 1.2048 0.7972 -0.2048 0.0818  -0.1539 361 LYS A NZ  
336 N N   . ASP A 48 ? 0.9639 0.9469 0.7993 -0.0249 0.1290  -0.0796 362 ASP A N   
337 C CA  . ASP A 48 ? 0.9371 0.8886 0.7695 0.0110  0.1368  -0.0667 362 ASP A CA  
338 C C   . ASP A 48 ? 1.0615 1.0296 0.8862 0.0365  0.1451  -0.0653 362 ASP A C   
339 O O   . ASP A 48 ? 1.2048 1.1816 1.0242 0.0749  0.1516  -0.0562 362 ASP A O   
340 C CB  . ASP A 48 ? 0.7727 0.6465 0.6023 0.0014  0.1346  -0.0613 362 ASP A CB  
341 C CG  . ASP A 48 ? 0.7885 0.6176 0.6090 0.0257  0.1419  -0.0491 362 ASP A CG  
342 O OD1 . ASP A 48 ? 0.9258 0.7553 0.7447 0.0494  0.1453  -0.0357 362 ASP A OD1 
343 O OD2 . ASP A 48 ? 0.9969 0.7879 0.8095 0.0193  0.1435  -0.0525 362 ASP A OD2 
344 N N   . GLY A 49 ? 0.8616 0.8349 0.6834 0.0176  0.1444  -0.0741 363 GLY A N   
345 C CA  . GLY A 49 ? 0.9038 0.9143 0.7177 0.0421  0.1513  -0.0785 363 GLY A CA  
346 C C   . GLY A 49 ? 0.9230 0.8711 0.7216 0.0739  0.1576  -0.0775 363 GLY A C   
347 O O   . GLY A 49 ? 1.0414 1.0162 0.8292 0.1121  0.1639  -0.0812 363 GLY A O   
348 N N   . LYS A 50 ? 0.8863 0.7523 0.6811 0.0593  0.1553  -0.0737 364 LYS A N   
349 C CA  . LYS A 50 ? 0.8522 0.6513 0.6288 0.0788  0.1595  -0.0762 364 LYS A CA  
350 C C   . LYS A 50 ? 0.8480 0.6322 0.6210 0.0524  0.1575  -0.0889 364 LYS A C   
351 O O   . LYS A 50 ? 1.0312 0.7987 0.7881 0.0702  0.1613  -0.1011 364 LYS A O   
352 C CB  . LYS A 50 ? 0.8921 0.6162 0.6637 0.0787  0.1586  -0.0617 364 LYS A CB  
353 C CG  . LYS A 50 ? 1.0690 0.8013 0.8387 0.1108  0.1616  -0.0455 364 LYS A CG  
354 C CD  . LYS A 50 ? 1.0809 0.7519 0.8476 0.1005  0.1597  -0.0270 364 LYS A CD  
355 C CE  . LYS A 50 ? 1.0522 0.7680 0.8305 0.1112  0.1592  -0.0103 364 LYS A CE  
356 N NZ  . LYS A 50 ? 1.2328 0.8942 0.9974 0.1247  0.1611  0.0141  364 LYS A NZ  
357 N N   . LEU A 51 ? 0.8509 0.6410 0.6366 0.0126  0.1511  -0.0863 365 LEU A N   
358 C CA  . LEU A 51 ? 0.9112 0.6951 0.6942 -0.0143 0.1484  -0.0935 365 LEU A CA  
359 C C   . LEU A 51 ? 0.9779 0.8330 0.7586 -0.0099 0.1513  -0.1039 365 LEU A C   
360 O O   . LEU A 51 ? 0.9486 0.8689 0.7354 -0.0019 0.1524  -0.1029 365 LEU A O   
361 C CB  . LEU A 51 ? 0.8886 0.6652 0.6828 -0.0517 0.1400  -0.0852 365 LEU A CB  
362 C CG  . LEU A 51 ? 0.9788 0.7349 0.7685 -0.0765 0.1368  -0.0867 365 LEU A CG  
363 C CD1 . LEU A 51 ? 0.9175 0.6233 0.6952 -0.0657 0.1405  -0.0927 365 LEU A CD1 
364 C CD2 . LEU A 51 ? 0.7135 0.4503 0.5099 -0.1038 0.1277  -0.0761 365 LEU A CD2 
365 N N   . GLN A 52 ? 0.9248 0.7777 0.6958 -0.0158 0.1525  -0.1141 366 GLN A N   
366 C CA  . GLN A 52 ? 0.8135 0.7449 0.5806 -0.0105 0.1556  -0.1245 366 GLN A CA  
367 C C   . GLN A 52 ? 0.9339 0.8759 0.6992 -0.0433 0.1523  -0.1261 366 GLN A C   
368 O O   . GLN A 52 ? 1.0833 0.9647 0.8430 -0.0539 0.1503  -0.1274 366 GLN A O   
369 C CB  . GLN A 52 ? 0.8211 0.7520 0.5701 0.0406  0.1633  -0.1420 366 GLN A CB  
370 C CG  . GLN A 52 ? 0.9027 0.8809 0.6527 0.0792  0.1677  -0.1401 366 GLN A CG  
371 C CD  . GLN A 52 ? 1.1098 1.0731 0.8360 0.1379  0.1743  -0.1570 366 GLN A CD  
372 O OE1 . GLN A 52 ? 1.2458 1.1180 0.9529 0.1510  0.1748  -0.1663 366 GLN A OE1 
373 N NE2 . GLN A 52 ? 1.2035 1.2565 0.9280 0.1739  0.1789  -0.1619 366 GLN A NE2 
374 N N   . ILE A 53 ? 0.8027 0.8287 0.5717 -0.0616 0.1516  -0.1238 367 ILE A N   
375 C CA  . ILE A 53 ? 0.8226 0.8669 0.5877 -0.0904 0.1489  -0.1223 367 ILE A CA  
376 C C   . ILE A 53 ? 0.8824 0.9080 0.6308 -0.0618 0.1544  -0.1453 367 ILE A C   
377 O O   . ILE A 53 ? 0.8547 0.8949 0.5918 -0.0192 0.1609  -0.1642 367 ILE A O   
378 C CB  . ILE A 53 ? 0.8888 1.0370 0.6580 -0.1166 0.1476  -0.1136 367 ILE A CB  
379 C CG1 . ILE A 53 ? 0.8926 1.1291 0.6562 -0.0788 0.1558  -0.1310 367 ILE A CG1 
380 C CG2 . ILE A 53 ? 0.8109 0.9643 0.5916 -0.1525 0.1400  -0.0931 367 ILE A CG2 
381 C CD1 . ILE A 53 ? 0.9320 1.2842 0.6955 -0.1022 0.1560  -0.1263 367 ILE A CD1 
382 N N   . GLY A 54 ? 0.8133 0.8026 0.5572 -0.0837 0.1510  -0.1448 368 GLY A N   
383 C CA  . GLY A 54 ? 0.8199 0.7888 0.5457 -0.0648 0.1545  -0.1696 368 GLY A CA  
384 C C   . GLY A 54 ? 0.9977 0.8640 0.7158 -0.0582 0.1535  -0.1754 368 GLY A C   
385 O O   . GLY A 54 ? 0.9852 0.8190 0.6869 -0.0563 0.1539  -0.1943 368 GLY A O   
386 N N   . ASP A 55 ? 0.9610 0.7819 0.6894 -0.0578 0.1518  -0.1596 369 ASP A N   
387 C CA  . ASP A 55 ? 0.9312 0.6648 0.6535 -0.0569 0.1505  -0.1595 369 ASP A CA  
388 C C   . ASP A 55 ? 0.9483 0.6611 0.6735 -0.0925 0.1449  -0.1520 369 ASP A C   
389 O O   . ASP A 55 ? 0.9224 0.6654 0.6618 -0.1173 0.1400  -0.1338 369 ASP A O   
390 C CB  . ASP A 55 ? 0.9981 0.7058 0.7319 -0.0478 0.1501  -0.1423 369 ASP A CB  
391 C CG  . ASP A 55 ? 1.1641 0.8772 0.8894 -0.0052 0.1561  -0.1502 369 ASP A CG  
392 O OD1 . ASP A 55 ? 1.0969 0.8205 0.8042 0.0214  0.1603  -0.1713 369 ASP A OD1 
393 O OD2 . ASP A 55 ? 1.2086 0.9194 0.9438 0.0048  0.1562  -0.1359 369 ASP A OD2 
394 N N   . LYS A 56 ? 0.9680 0.6272 0.6772 -0.0944 0.1448  -0.1662 370 LYS A N   
395 C CA  . LYS A 56 ? 1.0105 0.6571 0.7205 -0.1266 0.1398  -0.1613 370 LYS A CA  
396 C C   . LYS A 56 ? 1.0562 0.6652 0.7776 -0.1377 0.1363  -0.1400 370 LYS A C   
397 O O   . LYS A 56 ? 1.1341 0.6928 0.8493 -0.1254 0.1383  -0.1399 370 LYS A O   
398 C CB  . LYS A 56 ? 0.9207 0.5308 0.6055 -0.1282 0.1406  -0.1891 370 LYS A CB  
399 C CG  . LYS A 56 ? 0.9236 0.5272 0.6061 -0.1630 0.1355  -0.1881 370 LYS A CG  
400 C CD  . LYS A 56 ? 1.0362 0.6180 0.6903 -0.1661 0.1360  -0.2232 370 LYS A CD  
401 C CE  . LYS A 56 ? 1.1676 0.7011 0.8090 -0.1982 0.1314  -0.2281 370 LYS A CE  
402 N NZ  . LYS A 56 ? 1.2008 0.7908 0.8564 -0.2320 0.1266  -0.2129 370 LYS A NZ  
403 N N   . LEU A 57 ? 1.0130 0.6482 0.7491 -0.1581 0.1310  -0.1210 371 LEU A N   
404 C CA  . LEU A 57 ? 0.8792 0.4921 0.6252 -0.1651 0.1273  -0.1031 371 LEU A CA  
405 C C   . LEU A 57 ? 1.0356 0.6296 0.7730 -0.1862 0.1251  -0.1061 371 LEU A C   
406 O O   . LEU A 57 ? 1.0840 0.7051 0.8173 -0.2043 0.1224  -0.1107 371 LEU A O   
407 C CB  . LEU A 57 ? 0.8768 0.5209 0.6379 -0.1710 0.1214  -0.0833 371 LEU A CB  
408 C CG  . LEU A 57 ? 0.9020 0.5566 0.6719 -0.1574 0.1217  -0.0775 371 LEU A CG  
409 C CD1 . LEU A 57 ? 0.8592 0.5200 0.6383 -0.1628 0.1140  -0.0598 371 LEU A CD1 
410 C CD2 . LEU A 57 ? 0.8586 0.4867 0.6289 -0.1378 0.1264  -0.0811 371 LEU A CD2 
411 N N   . LEU A 58 ? 0.9434 0.4970 0.6775 -0.1865 0.1260  -0.1015 372 LEU A N   
412 C CA  . LEU A 58 ? 1.0048 0.5388 0.7276 -0.2134 0.1237  -0.1038 372 LEU A CA  
413 C C   . LEU A 58 ? 0.8641 0.4276 0.6015 -0.2261 0.1193  -0.0812 372 LEU A C   
414 O O   . LEU A 58 ? 0.9825 0.5688 0.7170 -0.2521 0.1158  -0.0797 372 LEU A O   
415 C CB  . LEU A 58 ? 0.9606 0.4236 0.6625 -0.2108 0.1269  -0.1134 372 LEU A CB  
416 C CG  . LEU A 58 ? 1.1454 0.5807 0.8274 -0.1928 0.1305  -0.1410 372 LEU A CG  
417 C CD1 . LEU A 58 ? 1.2260 0.5817 0.8854 -0.1753 0.1333  -0.1471 372 LEU A CD1 
418 C CD2 . LEU A 58 ? 1.1811 0.6278 0.8484 -0.2181 0.1278  -0.1634 372 LEU A CD2 
419 N N   . ALA A 59 ? 0.8681 0.4397 0.6204 -0.2064 0.1193  -0.0656 373 ALA A N   
420 C CA  . ALA A 59 ? 0.8699 0.4735 0.6344 -0.2103 0.1153  -0.0467 373 ALA A CA  
421 C C   . ALA A 59 ? 0.8122 0.4260 0.5908 -0.1827 0.1148  -0.0374 373 ALA A C   
422 O O   . ALA A 59 ? 0.8793 0.4697 0.6580 -0.1656 0.1186  -0.0414 373 ALA A O   
423 C CB  . ALA A 59 ? 0.8272 0.4113 0.5837 -0.2302 0.1162  -0.0390 373 ALA A CB  
424 N N   . VAL A 60 ? 0.8327 0.4849 0.6214 -0.1769 0.1094  -0.0265 374 VAL A N   
425 C CA  . VAL A 60 ? 0.7499 0.4097 0.5485 -0.1524 0.1073  -0.0209 374 VAL A CA  
426 C C   . VAL A 60 ? 0.7155 0.4133 0.5197 -0.1506 0.1045  -0.0085 374 VAL A C   
427 O O   . VAL A 60 ? 0.8783 0.6132 0.6826 -0.1566 0.1002  -0.0036 374 VAL A O   
428 C CB  . VAL A 60 ? 0.7426 0.4051 0.5428 -0.1399 0.1020  -0.0235 374 VAL A CB  
429 C CG1 . VAL A 60 ? 0.8331 0.5205 0.6301 -0.1465 0.0963  -0.0181 374 VAL A CG1 
430 C CG2 . VAL A 60 ? 0.7794 0.4441 0.5854 -0.1173 0.0978  -0.0220 374 VAL A CG2 
431 N N   . ASN A 61 ? 0.7448 0.4434 0.5531 -0.1413 0.1070  -0.0026 375 ASN A N   
432 C CA  . ASN A 61 ? 0.8129 0.5574 0.6256 -0.1441 0.1056  0.0109  375 ASN A CA  
433 C C   . ASN A 61 ? 0.8127 0.5768 0.6193 -0.1778 0.1054  0.0177  375 ASN A C   
434 O O   . ASN A 61 ? 0.8534 0.5771 0.6493 -0.2033 0.1091  0.0163  375 ASN A O   
435 C CB  . ASN A 61 ? 0.7331 0.5213 0.5529 -0.1153 0.0991  0.0103  375 ASN A CB  
436 C CG  . ASN A 61 ? 0.7457 0.5166 0.5690 -0.0890 0.0985  0.0020  375 ASN A CG  
437 O OD1 . ASN A 61 ? 0.8708 0.6222 0.6952 -0.0903 0.1039  0.0033  375 ASN A OD1 
438 N ND2 . ASN A 61 ? 0.8912 0.6666 0.7133 -0.0648 0.0913  -0.0070 375 ASN A ND2 
439 N N   . SER A 62 ? 0.7832 0.6093 0.5941 -0.1770 0.1005  0.0232  376 SER A N   
440 C CA  . SER A 62 ? 0.7579 0.6233 0.5641 -0.2127 0.0996  0.0312  376 SER A CA  
441 C C   . SER A 62 ? 0.8131 0.6833 0.6138 -0.2246 0.0970  0.0217  376 SER A C   
442 O O   . SER A 62 ? 0.7678 0.6908 0.5659 -0.2499 0.0946  0.0264  376 SER A O   
443 C CB  . SER A 62 ? 0.8179 0.7731 0.6324 -0.2045 0.0961  0.0455  376 SER A CB  
444 O OG  . SER A 62 ? 1.0506 1.0632 0.8618 -0.2391 0.0941  0.0527  376 SER A OG  
445 N N   . VAL A 63 ? 0.7660 0.5900 0.5645 -0.2085 0.0973  0.0094  377 VAL A N   
446 C CA  . VAL A 63 ? 0.7524 0.5877 0.5462 -0.2140 0.0944  0.0033  377 VAL A CA  
447 C C   . VAL A 63 ? 0.7663 0.5470 0.5497 -0.2335 0.0988  -0.0122 377 VAL A C   
448 O O   . VAL A 63 ? 0.8714 0.6006 0.6538 -0.2209 0.1026  -0.0194 377 VAL A O   
449 C CB  . VAL A 63 ? 0.8187 0.6546 0.6161 -0.1776 0.0895  0.0053  377 VAL A CB  
450 C CG1 . VAL A 63 ? 0.8053 0.6591 0.5966 -0.1823 0.0860  0.0053  377 VAL A CG1 
451 C CG2 . VAL A 63 ? 0.7085 0.5900 0.5122 -0.1487 0.0846  0.0152  377 VAL A CG2 
452 N N   . CYS A 64 ? 0.8530 0.6530 0.6275 -0.2621 0.0980  -0.0190 378 CYS A N   
453 C CA  . CYS A 64 ? 0.8288 0.5833 0.5895 -0.2803 0.1016  -0.0387 378 CYS A CA  
454 C C   . CYS A 64 ? 0.8333 0.5926 0.5937 -0.2660 0.1010  -0.0455 378 CYS A C   
455 O O   . CYS A 64 ? 0.9045 0.7135 0.6690 -0.2604 0.0962  -0.0358 378 CYS A O   
456 C CB  . CYS A 64 ? 0.9358 0.7090 0.6835 -0.3227 0.1001  -0.0468 378 CYS A CB  
457 S SG  . CYS A 64 ? 1.5574 1.2643 1.2808 -0.3436 0.1033  -0.0781 378 CYS A SG  
458 N N   . LEU A 65 ? 1.0141 0.7265 0.7678 -0.2593 0.1054  -0.0602 379 LEU A N   
459 C CA  . LEU A 65 ? 0.9764 0.6990 0.7299 -0.2480 0.1054  -0.0644 379 LEU A CA  
460 C C   . LEU A 65 ? 1.0847 0.8066 0.8225 -0.2649 0.1079  -0.0874 379 LEU A C   
461 O O   . LEU A 65 ? 0.9579 0.6860 0.6931 -0.2558 0.1099  -0.0948 379 LEU A O   
462 C CB  . LEU A 65 ? 0.9137 0.6044 0.6732 -0.2233 0.1081  -0.0624 379 LEU A CB  
463 C CG  . LEU A 65 ? 0.9758 0.6679 0.7481 -0.2044 0.1044  -0.0444 379 LEU A CG  
464 C CD1 . LEU A 65 ? 0.7361 0.4038 0.5127 -0.1863 0.1064  -0.0455 379 LEU A CD1 
465 C CD2 . LEU A 65 ? 0.9150 0.6451 0.6902 -0.2005 0.0970  -0.0288 379 LEU A CD2 
466 N N   . GLU A 66 ? 1.0611 0.7798 0.7871 -0.2916 0.1075  -0.0998 380 GLU A N   
467 C CA  . GLU A 66 ? 1.0924 0.8111 0.7998 -0.3089 0.1085  -0.1267 380 GLU A CA  
468 C C   . GLU A 66 ? 0.9858 0.7807 0.6948 -0.3261 0.1038  -0.1221 380 GLU A C   
469 O O   . GLU A 66 ? 0.9431 0.7772 0.6578 -0.3416 0.0995  -0.1083 380 GLU A O   
470 C CB  . GLU A 66 ? 1.2905 0.9514 0.9775 -0.3328 0.1091  -0.1465 380 GLU A CB  
471 C CG  . GLU A 66 ? 1.4371 1.0192 1.1186 -0.3124 0.1136  -0.1481 380 GLU A CG  
472 C CD  . GLU A 66 ? 1.6208 1.1265 1.2721 -0.3312 0.1135  -0.1720 380 GLU A CD  
473 O OE1 . GLU A 66 ? 1.6695 1.1292 1.3154 -0.3444 0.1126  -0.1597 380 GLU A OE1 
474 O OE2 . GLU A 66 ? 1.7283 1.2176 1.3586 -0.3326 0.1139  -0.2031 380 GLU A OE2 
475 N N   . GLU A 67 ? 0.9711 0.7967 0.6750 -0.3219 0.1045  -0.1323 381 GLU A N   
476 C CA  . GLU A 67 ? 0.9211 0.8254 0.6246 -0.3352 0.1003  -0.1268 381 GLU A CA  
477 C C   . GLU A 67 ? 0.9689 0.9202 0.6890 -0.3220 0.0952  -0.0899 381 GLU A C   
478 O O   . GLU A 67 ? 1.0708 1.0876 0.7910 -0.3336 0.0906  -0.0805 381 GLU A O   
479 C CB  . GLU A 67 ? 0.9553 0.8798 0.6430 -0.3719 0.0980  -0.1503 381 GLU A CB  
480 C CG  . GLU A 67 ? 1.0153 0.8864 0.6788 -0.3828 0.1012  -0.1916 381 GLU A CG  
481 C CD  . GLU A 67 ? 1.2213 1.1223 0.8778 -0.3672 0.1039  -0.2079 381 GLU A CD  
482 O OE1 . GLU A 67 ? 1.3193 1.3008 0.9757 -0.3777 0.1012  -0.2058 381 GLU A OE1 
483 O OE2 . GLU A 67 ? 1.2679 1.1212 0.9187 -0.3434 0.1088  -0.2219 381 GLU A OE2 
484 N N   . VAL A 68 ? 0.9998 0.9183 0.7313 -0.2957 0.0953  -0.0702 382 VAL A N   
485 C CA  . VAL A 68 ? 0.8775 0.8251 0.6185 -0.2770 0.0892  -0.0383 382 VAL A CA  
486 C C   . VAL A 68 ? 0.8920 0.8498 0.6309 -0.2661 0.0875  -0.0236 382 VAL A C   
487 O O   . VAL A 68 ? 1.0655 1.0112 0.8001 -0.2706 0.0918  -0.0374 382 VAL A O   
488 C CB  . VAL A 68 ? 0.8029 0.7090 0.5541 -0.2567 0.0883  -0.0261 382 VAL A CB  
489 C CG1 . VAL A 68 ? 0.8798 0.7869 0.6323 -0.2722 0.0898  -0.0352 382 VAL A CG1 
490 C CG2 . VAL A 68 ? 0.7567 0.6034 0.5103 -0.2447 0.0923  -0.0322 382 VAL A CG2 
491 N N   . THR A 69 ? 0.8637 0.8466 0.6036 -0.2512 0.0804  0.0059  383 THR A N   
492 C CA  . THR A 69 ? 0.8354 0.8210 0.5701 -0.2452 0.0772  0.0269  383 THR A CA  
493 C C   . THR A 69 ? 0.8315 0.7498 0.5695 -0.2331 0.0771  0.0323  383 THR A C   
494 O O   . THR A 69 ? 0.8355 0.7122 0.5807 -0.2243 0.0791  0.0215  383 THR A O   
495 C CB  . THR A 69 ? 0.9219 0.9405 0.6512 -0.2293 0.0683  0.0600  383 THR A CB  
496 O OG1 . THR A 69 ? 1.0652 1.0473 0.7981 -0.2031 0.0634  0.0711  383 THR A OG1 
497 C CG2 . THR A 69 ? 0.8451 0.9464 0.5718 -0.2414 0.0678  0.0561  383 THR A CG2 
498 N N   . HIS A 70 ? 0.7886 0.7016 0.5206 -0.2360 0.0741  0.0501  384 HIS A N   
499 C CA  . HIS A 70 ? 0.9243 0.7804 0.6574 -0.2315 0.0729  0.0551  384 HIS A CA  
500 C C   . HIS A 70 ? 0.9882 0.7949 0.7204 -0.2079 0.0651  0.0694  384 HIS A C   
501 O O   . HIS A 70 ? 0.9832 0.7430 0.7199 -0.2004 0.0654  0.0607  384 HIS A O   
502 C CB  . HIS A 70 ? 0.8144 0.6809 0.5383 -0.2468 0.0697  0.0763  384 HIS A CB  
503 C CG  . HIS A 70 ? 0.8220 0.6426 0.5464 -0.2521 0.0688  0.0777  384 HIS A CG  
504 N ND1 . HIS A 70 ? 0.8699 0.6952 0.6031 -0.2570 0.0774  0.0520  384 HIS A ND1 
505 C CD2 . HIS A 70 ? 0.8549 0.6243 0.5699 -0.2536 0.0597  0.1007  384 HIS A CD2 
506 C CE1 . HIS A 70 ? 0.9219 0.7143 0.6538 -0.2634 0.0741  0.0598  384 HIS A CE1 
507 N NE2 . HIS A 70 ? 0.9606 0.7143 0.6808 -0.2646 0.0630  0.0880  384 HIS A NE2 
508 N N   . GLU A 71 ? 0.9540 0.7785 0.6790 -0.1931 0.0579  0.0896  385 GLU A N   
509 C CA  . GLU A 71 ? 0.8986 0.6800 0.6174 -0.1630 0.0491  0.1032  385 GLU A CA  
510 C C   . GLU A 71 ? 0.8933 0.6797 0.6242 -0.1472 0.0525  0.0837  385 GLU A C   
511 O O   . GLU A 71 ? 1.0925 0.8343 0.8223 -0.1259 0.0484  0.0820  385 GLU A O   
512 C CB  . GLU A 71 ? 0.9961 0.8002 0.7002 -0.1449 0.0399  0.1331  385 GLU A CB  
513 C CG  . GLU A 71 ? 1.1812 0.9531 0.8670 -0.1543 0.0325  0.1630  385 GLU A CG  
514 C CD  . GLU A 71 ? 1.3302 1.1582 1.0189 -0.1896 0.0390  0.1641  385 GLU A CD  
515 O OE1 . GLU A 71 ? 1.1764 1.0761 0.8752 -0.1991 0.0463  0.1473  385 GLU A OE1 
516 O OE2 . GLU A 71 ? 1.4074 1.2103 1.0864 -0.2095 0.0360  0.1811  385 GLU A OE2 
517 N N   . GLU A 72 ? 0.8026 0.6446 0.5430 -0.1605 0.0593  0.0689  386 GLU A N   
518 C CA  . GLU A 72 ? 0.7768 0.6301 0.5275 -0.1536 0.0626  0.0543  386 GLU A CA  
519 C C   . GLU A 72 ? 0.8134 0.6151 0.5714 -0.1582 0.0681  0.0370  386 GLU A C   
520 O O   . GLU A 72 ? 1.0059 0.7933 0.7695 -0.1421 0.0676  0.0328  386 GLU A O   
521 C CB  . GLU A 72 ? 0.7885 0.7046 0.5437 -0.1777 0.0679  0.0421  386 GLU A CB  
522 C CG  . GLU A 72 ? 0.9277 0.9163 0.6775 -0.1735 0.0627  0.0579  386 GLU A CG  
523 C CD  . GLU A 72 ? 1.0412 1.0858 0.7901 -0.2091 0.0675  0.0427  386 GLU A CD  
524 O OE1 . GLU A 72 ? 1.0801 1.1022 0.8264 -0.2301 0.0726  0.0271  386 GLU A OE1 
525 O OE2 . GLU A 72 ? 0.9632 1.0786 0.7127 -0.2161 0.0656  0.0443  386 GLU A OE2 
526 N N   . ALA A 73 ? 0.7712 0.5549 0.5290 -0.1775 0.0732  0.0278  387 ALA A N   
527 C CA  . ALA A 73 ? 0.7763 0.5208 0.5402 -0.1794 0.0788  0.0125  387 ALA A CA  
528 C C   . ALA A 73 ? 0.8590 0.5585 0.6209 -0.1629 0.0727  0.0204  387 ALA A C   
529 O O   . ALA A 73 ? 0.9455 0.6224 0.7137 -0.1530 0.0745  0.0110  387 ALA A O   
530 C CB  . ALA A 73 ? 0.7477 0.4974 0.5097 -0.1986 0.0852  0.0006  387 ALA A CB  
531 N N   . VAL A 74 ? 0.9449 0.6297 0.6954 -0.1622 0.0649  0.0382  388 VAL A N   
532 C CA  . VAL A 74 ? 0.8738 0.5045 0.6162 -0.1526 0.0572  0.0446  388 VAL A CA  
533 C C   . VAL A 74 ? 0.9639 0.5743 0.7041 -0.1204 0.0510  0.0432  388 VAL A C   
534 O O   . VAL A 74 ? 1.0185 0.5941 0.7589 -0.1115 0.0490  0.0327  388 VAL A O   
535 C CB  . VAL A 74 ? 0.8678 0.4768 0.5928 -0.1624 0.0483  0.0682  388 VAL A CB  
536 C CG1 . VAL A 74 ? 0.9435 0.4814 0.6538 -0.1527 0.0374  0.0733  388 VAL A CG1 
537 C CG2 . VAL A 74 ? 0.8482 0.4834 0.5751 -0.1945 0.0539  0.0688  388 VAL A CG2 
538 N N   . THR A 75 ? 0.8325 0.4744 0.5700 -0.1014 0.0478  0.0523  389 THR A N   
539 C CA  . THR A 75 ? 1.0427 0.6819 0.7779 -0.0659 0.0424  0.0494  389 THR A CA  
540 C C   . THR A 75 ? 0.9116 0.5789 0.6644 -0.0663 0.0507  0.0311  389 THR A C   
541 O O   . THR A 75 ? 0.9653 0.6193 0.7177 -0.0428 0.0476  0.0228  389 THR A O   
542 C CB  . THR A 75 ? 1.0342 0.7174 0.7625 -0.0418 0.0371  0.0648  389 THR A CB  
543 O OG1 . THR A 75 ? 1.1803 0.9388 0.9241 -0.0559 0.0454  0.0595  389 THR A OG1 
544 C CG2 . THR A 75 ? 0.8903 0.5624 0.6036 -0.0484 0.0315  0.0868  389 THR A CG2 
545 N N   . ALA A 76 ? 0.7989 0.5019 0.5641 -0.0930 0.0606  0.0251  390 ALA A N   
546 C CA  . ALA A 76 ? 0.7457 0.4667 0.5238 -0.0983 0.0682  0.0129  390 ALA A CA  
547 C C   . ALA A 76 ? 0.8380 0.5171 0.6194 -0.0960 0.0705  0.0018  390 ALA A C   
548 O O   . ALA A 76 ? 0.9306 0.6176 0.7185 -0.0835 0.0720  -0.0039 390 ALA A O   
549 C CB  . ALA A 76 ? 0.7297 0.4766 0.5129 -0.1289 0.0765  0.0081  390 ALA A CB  
550 N N   . LEU A 77 ? 0.8585 0.5042 0.6356 -0.1093 0.0705  0.0001  391 LEU A N   
551 C CA  . LEU A 77 ? 0.7631 0.3818 0.5433 -0.1110 0.0727  -0.0104 391 LEU A CA  
552 C C   . LEU A 77 ? 0.7993 0.3831 0.5703 -0.0931 0.0628  -0.0122 391 LEU A C   
553 O O   . LEU A 77 ? 1.0774 0.6501 0.8516 -0.0897 0.0635  -0.0233 391 LEU A O   
554 C CB  . LEU A 77 ? 0.7596 0.3719 0.5380 -0.1345 0.0765  -0.0115 391 LEU A CB  
555 C CG  . LEU A 77 ? 0.7835 0.4201 0.5682 -0.1468 0.0869  -0.0189 391 LEU A CG  
556 C CD1 . LEU A 77 ? 1.0407 0.6870 0.8206 -0.1649 0.0891  -0.0191 391 LEU A CD1 
557 C CD2 . LEU A 77 ? 0.7149 0.3475 0.5072 -0.1397 0.0937  -0.0295 391 LEU A CD2 
558 N N   . LYS A 78 ? 0.8124 0.3773 0.5694 -0.0803 0.0530  -0.0021 392 LYS A N   
559 C CA  . LYS A 78 ? 0.8816 0.3968 0.6225 -0.0612 0.0415  -0.0063 392 LYS A CA  
560 C C   . LYS A 78 ? 0.9636 0.4954 0.7029 -0.0222 0.0374  -0.0130 392 LYS A C   
561 O O   . LYS A 78 ? 1.0803 0.5760 0.8070 -0.0009 0.0290  -0.0250 392 LYS A O   
562 C CB  . LYS A 78 ? 0.9399 0.4078 0.6595 -0.0675 0.0312  0.0099  392 LYS A CB  
563 C CG  . LYS A 78 ? 1.0567 0.5121 0.7755 -0.1078 0.0335  0.0158  392 LYS A CG  
564 C CD  . LYS A 78 ? 1.1456 0.5283 0.8389 -0.1188 0.0201  0.0235  392 LYS A CD  
565 C CE  . LYS A 78 ? 1.3456 0.6877 1.0318 -0.1086 0.0140  0.0016  392 LYS A CE  
566 N NZ  . LYS A 78 ? 1.5883 0.8402 1.2407 -0.1054 -0.0031 0.0057  392 LYS A NZ  
567 N N   . ASN A 79 ? 0.9122 0.5040 0.6628 -0.0146 0.0430  -0.0068 393 ASN A N   
568 C CA  . ASN A 79 ? 0.8952 0.5257 0.6460 0.0211  0.0401  -0.0112 393 ASN A CA  
569 C C   . ASN A 79 ? 0.8953 0.5672 0.6634 0.0181  0.0485  -0.0214 393 ASN A C   
570 O O   . ASN A 79 ? 1.0931 0.8231 0.8671 0.0364  0.0495  -0.0205 393 ASN A O   
571 C CB  . ASN A 79 ? 0.8637 0.5514 0.6156 0.0298  0.0402  0.0039  393 ASN A CB  
572 C CG  . ASN A 79 ? 1.1481 0.8032 0.8781 0.0541  0.0289  0.0156  393 ASN A CG  
573 O OD1 . ASN A 79 ? 1.2520 0.8297 0.9636 0.0604  0.0203  0.0133  393 ASN A OD1 
574 N ND2 . ASN A 79 ? 1.1641 0.8781 0.8937 0.0666  0.0280  0.0297  393 ASN A ND2 
575 N N   . THR A 80 ? 0.8817 0.5305 0.6571 -0.0051 0.0543  -0.0283 394 THR A N   
576 C CA  . THR A 80 ? 0.9777 0.6574 0.7662 -0.0052 0.0612  -0.0354 394 THR A CA  
577 C C   . THR A 80 ? 1.1994 0.8714 0.9802 0.0249  0.0538  -0.0516 394 THR A C   
578 O O   . THR A 80 ? 1.4318 1.0662 1.1947 0.0464  0.0428  -0.0589 394 THR A O   
579 C CB  . THR A 80 ? 0.9567 0.6163 0.7526 -0.0327 0.0691  -0.0374 394 THR A CB  
580 O OG1 . THR A 80 ? 1.0854 0.6955 0.8707 -0.0402 0.0631  -0.0440 394 THR A OG1 
581 C CG2 . THR A 80 ? 0.8949 0.5651 0.6965 -0.0584 0.0769  -0.0267 394 THR A CG2 
582 N N   . SER A 81 ? 1.1755 0.8796 0.9669 0.0273  0.0591  -0.0579 395 SER A N   
583 C CA  . SER A 81 ? 1.1601 0.8649 0.9441 0.0542  0.0525  -0.0776 395 SER A CA  
584 C C   . SER A 81 ? 1.1433 0.8806 0.9401 0.0471  0.0599  -0.0814 395 SER A C   
585 O O   . SER A 81 ? 1.2525 1.0486 1.0618 0.0490  0.0671  -0.0700 395 SER A O   
586 C CB  . SER A 81 ? 1.3504 1.1007 1.1286 0.0926  0.0469  -0.0808 395 SER A CB  
587 O OG  . SER A 81 ? 1.4584 1.2888 1.2535 0.0887  0.0557  -0.0659 395 SER A OG  
588 N N   . ASP A 82 ? 1.0045 0.7070 0.7968 0.0369  0.0578  -0.0951 396 ASP A N   
589 C CA  . ASP A 82 ? 0.8544 0.5905 0.6563 0.0342  0.0634  -0.1005 396 ASP A CA  
590 C C   . ASP A 82 ? 0.7930 0.5503 0.6104 0.0141  0.0761  -0.0800 396 ASP A C   
591 O O   . ASP A 82 ? 0.8588 0.6030 0.6784 -0.0013 0.0798  -0.0814 396 ASP A O   
592 C CB  . ASP A 82 ? 1.0726 0.8640 0.8749 0.0645  0.0609  -0.1109 396 ASP A CB  
593 C CG  . ASP A 82 ? 1.2729 1.0337 1.0547 0.0884  0.0472  -0.1404 396 ASP A CG  
594 O OD1 . ASP A 82 ? 1.3636 1.0642 1.1323 0.0731  0.0403  -0.1551 396 ASP A OD1 
595 O OD2 . ASP A 82 ? 1.3165 1.1129 1.0926 0.1219  0.0426  -0.1494 396 ASP A OD2 
596 N N   . PHE A 83 ? 0.7097 0.4987 0.5349 0.0143  0.0822  -0.0613 397 PHE A N   
597 C CA  . PHE A 83 ? 0.7031 0.5009 0.5368 -0.0019 0.0929  -0.0420 397 PHE A CA  
598 C C   . PHE A 83 ? 0.8550 0.6245 0.6871 -0.0228 0.0961  -0.0301 397 PHE A C   
599 O O   . PHE A 83 ? 0.9542 0.7349 0.7844 -0.0233 0.0928  -0.0258 397 PHE A O   
600 C CB  . PHE A 83 ? 0.7518 0.6067 0.5922 0.0070  0.0971  -0.0274 397 PHE A CB  
601 C CG  . PHE A 83 ? 0.6633 0.5578 0.5059 0.0271  0.0955  -0.0378 397 PHE A CG  
602 C CD1 . PHE A 83 ? 0.8948 0.7778 0.7377 0.0265  0.0973  -0.0463 397 PHE A CD1 
603 C CD2 . PHE A 83 ? 0.7558 0.7094 0.5996 0.0472  0.0922  -0.0402 397 PHE A CD2 
604 C CE1 . PHE A 83 ? 0.7709 0.6993 0.6156 0.0430  0.0956  -0.0573 397 PHE A CE1 
605 C CE2 . PHE A 83 ? 0.8344 0.8319 0.6792 0.0660  0.0906  -0.0523 397 PHE A CE2 
606 C CZ  . PHE A 83 ? 0.7238 0.7070 0.5691 0.0625  0.0923  -0.0608 397 PHE A CZ  
607 N N   . VAL A 84 ? 0.8497 0.5899 0.6815 -0.0378 0.1024  -0.0264 398 VAL A N   
608 C CA  . VAL A 84 ? 0.7618 0.4722 0.5893 -0.0576 0.1050  -0.0215 398 VAL A CA  
609 C C   . VAL A 84 ? 0.7504 0.4419 0.5751 -0.0680 0.1136  -0.0118 398 VAL A C   
610 O O   . VAL A 84 ? 0.8327 0.5152 0.6568 -0.0598 0.1178  -0.0146 398 VAL A O   
611 C CB  . VAL A 84 ? 0.7522 0.4335 0.5751 -0.0639 0.1019  -0.0337 398 VAL A CB  
612 C CG1 . VAL A 84 ? 0.7082 0.3697 0.5262 -0.0825 0.1042  -0.0304 398 VAL A CG1 
613 C CG2 . VAL A 84 ? 0.7061 0.3848 0.5252 -0.0546 0.0919  -0.0427 398 VAL A CG2 
614 N N   . TYR A 85 ? 0.8773 0.5611 0.6974 -0.0856 0.1155  -0.0014 399 TYR A N   
615 C CA  . TYR A 85 ? 0.8025 0.4453 0.6122 -0.0986 0.1215  0.0027  399 TYR A CA  
616 C C   . TYR A 85 ? 0.8961 0.5133 0.6994 -0.1096 0.1213  -0.0115 399 TYR A C   
617 O O   . TYR A 85 ? 0.8802 0.5095 0.6839 -0.1232 0.1172  -0.0135 399 TYR A O   
618 C CB  . TYR A 85 ? 0.7655 0.4069 0.5688 -0.1206 0.1225  0.0196  399 TYR A CB  
619 C CG  . TYR A 85 ? 0.7797 0.4520 0.5874 -0.1143 0.1235  0.0390  399 TYR A CG  
620 C CD1 . TYR A 85 ? 0.8766 0.5199 0.6762 -0.1074 0.1284  0.0520  399 TYR A CD1 
621 C CD2 . TYR A 85 ? 0.8574 0.5929 0.6754 -0.1117 0.1194  0.0454  399 TYR A CD2 
622 C CE1 . TYR A 85 ? 0.9881 0.6664 0.7909 -0.1027 0.1294  0.0739  399 TYR A CE1 
623 C CE2 . TYR A 85 ? 0.9080 0.6852 0.7300 -0.1060 0.1204  0.0636  399 TYR A CE2 
624 C CZ  . TYR A 85 ? 0.9657 0.7149 0.7807 -0.1038 0.1255  0.0792  399 TYR A CZ  
625 O OH  . TYR A 85 ? 1.0447 0.8420 0.8632 -0.0993 0.1265  0.1011  399 TYR A OH  
626 N N   . LEU A 86 ? 0.9213 0.5129 0.7185 -0.1013 0.1256  -0.0206 400 LEU A N   
627 C CA  . LEU A 86 ? 0.9406 0.5183 0.7308 -0.1091 0.1262  -0.0348 400 LEU A CA  
628 C C   . LEU A 86 ? 0.9219 0.4551 0.6946 -0.1125 0.1312  -0.0397 400 LEU A C   
629 O O   . LEU A 86 ? 1.0156 0.5277 0.7815 -0.0931 0.1356  -0.0385 400 LEU A O   
630 C CB  . LEU A 86 ? 0.9824 0.5776 0.7773 -0.0944 0.1268  -0.0439 400 LEU A CB  
631 C CG  . LEU A 86 ? 0.9624 0.5799 0.7630 -0.1027 0.1209  -0.0484 400 LEU A CG  
632 C CD1 . LEU A 86 ? 0.8281 0.4576 0.6251 -0.1010 0.1240  -0.0585 400 LEU A CD1 
633 C CD2 . LEU A 86 ? 1.0092 0.6255 0.8075 -0.1202 0.1164  -0.0457 400 LEU A CD2 
634 N N   . LYS A 87 ? 0.8159 0.3330 0.5787 -0.1354 0.1298  -0.0460 401 LYS A N   
635 C CA  . LYS A 87 ? 0.8978 0.3618 0.6383 -0.1392 0.1330  -0.0571 401 LYS A CA  
636 C C   . LYS A 87 ? 1.0137 0.4836 0.7474 -0.1327 0.1345  -0.0792 401 LYS A C   
637 O O   . LYS A 87 ? 1.0364 0.5396 0.7758 -0.1486 0.1315  -0.0843 401 LYS A O   
638 C CB  . LYS A 87 ? 1.0145 0.4570 0.7438 -0.1737 0.1299  -0.0535 401 LYS A CB  
639 C CG  . LYS A 87 ? 1.0333 0.4904 0.7704 -0.1854 0.1279  -0.0292 401 LYS A CG  
640 C CD  . LYS A 87 ? 1.1231 0.5282 0.8384 -0.2144 0.1271  -0.0225 401 LYS A CD  
641 C CE  . LYS A 87 ? 1.2334 0.6647 0.9570 -0.2258 0.1257  0.0063  401 LYS A CE  
642 N NZ  . LYS A 87 ? 1.3274 0.7079 1.0277 -0.2630 0.1239  0.0192  401 LYS A NZ  
643 N N   . VAL A 88 ? 1.0023 0.4477 0.7232 -0.1063 0.1393  -0.0906 402 VAL A N   
644 C CA  . VAL A 88 ? 0.9463 0.4112 0.6602 -0.0957 0.1414  -0.1124 402 VAL A CA  
645 C C   . VAL A 88 ? 1.2111 0.6169 0.8956 -0.0775 0.1446  -0.1320 402 VAL A C   
646 O O   . VAL A 88 ? 1.2063 0.5512 0.8760 -0.0677 0.1454  -0.1245 402 VAL A O   
647 C CB  . VAL A 88 ? 1.0800 0.6009 0.8087 -0.0730 0.1437  -0.1105 402 VAL A CB  
648 C CG1 . VAL A 88 ? 1.0457 0.6034 0.7976 -0.0859 0.1395  -0.0920 402 VAL A CG1 
649 C CG2 . VAL A 88 ? 1.0561 0.5607 0.7763 -0.0357 0.1488  -0.1108 402 VAL A CG2 
650 N N   . ALA A 89 ? 1.2356 0.6580 0.9087 -0.0720 0.1459  -0.1566 403 ALA A N   
651 C CA  . ALA A 89 ? 1.2185 0.5899 0.8600 -0.0446 0.1486  -0.1822 403 ALA A CA  
652 C C   . ALA A 89 ? 1.2089 0.6478 0.8535 -0.0128 0.1530  -0.1971 403 ALA A C   
653 O O   . ALA A 89 ? 1.0970 0.6093 0.7580 -0.0296 0.1522  -0.1978 403 ALA A O   
654 C CB  . ALA A 89 ? 1.1166 0.4477 0.7359 -0.0716 0.1450  -0.2043 403 ALA A CB  
655 N N   . LYS A 90 ? 1.4137 0.8318 1.0413 0.0335  0.1572  -0.2061 404 LYS A N   
656 C CA  . LYS A 90 ? 1.3711 0.8676 1.0014 0.0691  0.1619  -0.2182 404 LYS A CA  
657 C C   . LYS A 90 ? 1.2552 0.7618 0.8625 0.0795  0.1626  -0.2538 404 LYS A C   
658 O O   . LYS A 90 ? 1.3876 0.8121 0.9662 0.0763  0.1600  -0.2740 404 LYS A O   
659 C CB  . LYS A 90 ? 1.4032 0.8834 1.0234 0.1213  0.1661  -0.2131 404 LYS A CB  
660 C CG  . LYS A 90 ? 1.2237 0.7031 0.8655 0.1142  0.1655  -0.1791 404 LYS A CG  
661 C CD  . LYS A 90 ? 1.1464 0.7304 0.8222 0.0976  0.1657  -0.1653 404 LYS A CD  
662 C CE  . LYS A 90 ? 1.1770 0.7653 0.8712 0.0954  0.1650  -0.1379 404 LYS A CE  
663 N NZ  . LYS A 90 ? 1.0210 0.7072 0.7414 0.0848  0.1646  -0.1297 404 LYS A NZ  
664 N N   . PRO A 91 ? 1.2959 0.9070 0.9139 0.0885  0.1655  -0.2620 405 PRO A N   
665 C CA  . PRO A 91 ? 1.4059 1.0511 1.0038 0.0994  0.1666  -0.2961 405 PRO A CA  
666 C C   . PRO A 91 ? 1.7006 1.2774 1.2574 0.1533  0.1684  -0.3301 405 PRO A C   
667 O O   . PRO A 91 ? 1.6627 1.1927 1.2087 0.1933  0.1705  -0.3239 405 PRO A O   
668 C CB  . PRO A 91 ? 1.2942 1.0737 0.9122 0.1069  0.1703  -0.2901 405 PRO A CB  
669 C CG  . PRO A 91 ? 1.1355 0.9426 0.7865 0.0777  0.1686  -0.2521 405 PRO A CG  
670 C CD  . PRO A 91 ? 1.1895 0.8974 0.8373 0.0854  0.1674  -0.2391 405 PRO A CD  
674 O O   . THR A 92 ? 2.2040 1.8535 1.6989 0.3037  0.1781  -0.4023 406 THR A O   
678 N N   . ASN B 1  ? 1.1045 1.6479 0.7753 -0.4592 0.0785  0.2081  14  ASN B N   
679 C CA  . ASN B 1  ? 1.1235 1.5400 0.7892 -0.4625 0.0720  0.2297  14  ASN B CA  
680 C C   . ASN B 1  ? 1.1714 1.5083 0.8480 -0.4238 0.0754  0.1891  14  ASN B C   
681 O O   . ASN B 1  ? 1.2676 1.6134 0.9451 -0.4033 0.0772  0.1736  14  ASN B O   
682 C CB  . ASN B 1  ? 0.9845 1.3526 0.6397 -0.4710 0.0556  0.2818  14  ASN B CB  
683 C CG  . ASN B 1  ? 1.2136 1.5503 0.8673 -0.4983 0.0411  0.3151  14  ASN B CG  
684 O OD1 . ASN B 1  ? 1.3635 1.6775 1.0223 -0.5105 0.0417  0.3018  14  ASN B OD1 
685 N ND2 . ASN B 1  ? 1.0932 1.4303 0.7383 -0.5091 0.0280  0.3582  14  ASN B ND2 
686 N N   . GLU B 2  ? 1.0672 1.3332 0.7513 -0.4176 0.0759  0.1732  15  GLU B N   
687 C CA  . GLU B 2  ? 1.1283 1.3207 0.8223 -0.3850 0.0788  0.1399  15  GLU B CA  
688 C C   . GLU B 2  ? 0.9816 1.0695 0.6738 -0.3863 0.0702  0.1569  15  GLU B C   
689 O O   . GLU B 2  ? 1.0601 1.1343 0.7454 -0.4136 0.0643  0.1814  15  GLU B O   
690 C CB  . GLU B 2  ? 1.2182 1.4409 0.9233 -0.3670 0.0907  0.0909  15  GLU B CB  
691 C CG  . GLU B 2  ? 1.2157 1.4417 0.9254 -0.3777 0.0925  0.0891  15  GLU B CG  
692 C CD  . GLU B 2  ? 1.2034 1.4362 0.9224 -0.3484 0.1030  0.0426  15  GLU B CD  
693 O OE1 . GLU B 2  ? 1.2699 1.5049 0.9886 -0.3242 0.1088  0.0111  15  GLU B OE1 
694 O OE2 . GLU B 2  ? 1.1507 1.3849 0.8749 -0.3503 0.1048  0.0382  15  GLU B OE2 
695 N N   . LYS B 3  ? 1.0654 1.0841 0.7623 -0.3590 0.0689  0.1431  16  LYS B N   
696 C CA  . LYS B 3  ? 1.0869 1.0096 0.7805 -0.3540 0.0606  0.1535  16  LYS B CA  
697 C C   . LYS B 3  ? 0.9427 0.8412 0.6504 -0.3416 0.0673  0.1187  16  LYS B C   
698 O O   . LYS B 3  ? 0.8861 0.8016 0.6053 -0.3203 0.0764  0.0860  16  LYS B O   
699 C CB  . LYS B 3  ? 1.1433 1.0131 0.8314 -0.3283 0.0537  0.1642  16  LYS B CB  
700 C CG  . LYS B 3  ? 1.2451 1.0424 0.9125 -0.3340 0.0391  0.2042  16  LYS B CG  
701 C CD  . LYS B 3  ? 1.2735 1.0235 0.9350 -0.2979 0.0326  0.2104  16  LYS B CD  
702 C CE  . LYS B 3  ? 1.3478 0.9913 0.9901 -0.2898 0.0193  0.2277  16  LYS B CE  
703 N NZ  . LYS B 3  ? 1.0743 0.6780 0.7093 -0.2463 0.0127  0.2313  16  LYS B NZ  
704 N N   . VAL B 4  ? 0.9815 0.8402 0.6858 -0.3574 0.0620  0.1271  17  VAL B N   
705 C CA  . VAL B 4  ? 0.8751 0.7090 0.5909 -0.3448 0.0666  0.0991  17  VAL B CA  
706 C C   . VAL B 4  ? 1.0550 0.7951 0.7634 -0.3370 0.0560  0.1070  17  VAL B C   
707 O O   . VAL B 4  ? 1.0690 0.7629 0.7591 -0.3557 0.0440  0.1356  17  VAL B O   
708 C CB  . VAL B 4  ? 0.9544 0.8394 0.6728 -0.3705 0.0698  0.0964  17  VAL B CB  
709 C CG1 . VAL B 4  ? 0.8460 0.7167 0.5769 -0.3520 0.0753  0.0674  17  VAL B CG1 
710 C CG2 . VAL B 4  ? 0.9604 0.9475 0.6821 -0.3761 0.0789  0.0903  17  VAL B CG2 
711 N N   . SER B 5  ? 1.0539 0.7634 0.7734 -0.3083 0.0598  0.0820  18  SER B N   
712 C CA  . SER B 5  ? 1.0473 0.6768 0.7592 -0.2942 0.0503  0.0841  18  SER B CA  
713 C C   . SER B 5  ? 0.9368 0.5520 0.6587 -0.2874 0.0532  0.0601  18  SER B C   
714 O O   . SER B 5  ? 0.8868 0.5440 0.6246 -0.2760 0.0644  0.0386  18  SER B O   
715 C CB  . SER B 5  ? 1.0101 0.6196 0.7224 -0.2617 0.0489  0.0842  18  SER B CB  
716 O OG  . SER B 5  ? 1.0466 0.6507 0.7429 -0.2666 0.0412  0.1135  18  SER B OG  
717 N N   . CYS B 6  ? 0.9704 0.5239 0.6794 -0.2943 0.0423  0.0641  19  CYS B N   
718 C CA  . CYS B 6  ? 1.0446 0.5891 0.7607 -0.2903 0.0435  0.0421  19  CYS B CA  
719 C C   . CYS B 6  ? 1.1367 0.6565 0.8606 -0.2491 0.0455  0.0264  19  CYS B C   
720 O O   . CYS B 6  ? 1.2513 0.7430 0.9681 -0.2294 0.0408  0.0356  19  CYS B O   
721 C CB  . CYS B 6  ? 1.1203 0.6067 0.8156 -0.3181 0.0296  0.0493  19  CYS B CB  
722 S SG  . CYS B 6  ? 1.5293 0.9058 1.1962 -0.2995 0.0125  0.0619  19  CYS B SG  
723 N N   . VAL B 7  ? 0.9998 0.5385 0.7378 -0.2357 0.0521  0.0050  20  VAL B N   
724 C CA  . VAL B 7  ? 1.0929 0.6273 0.8409 -0.2005 0.0561  -0.0073 20  VAL B CA  
725 C C   . VAL B 7  ? 1.3601 0.8985 1.1156 -0.1906 0.0579  -0.0262 20  VAL B C   
726 O O   . VAL B 7  ? 1.3628 0.9269 1.1214 -0.2086 0.0602  -0.0322 20  VAL B O   
727 C CB  . VAL B 7  ? 1.0415 0.6209 0.8025 -0.1918 0.0678  -0.0082 20  VAL B CB  
728 C CG1 . VAL B 7  ? 0.8948 0.4950 0.6704 -0.1726 0.0774  -0.0244 20  VAL B CG1 
729 C CG2 . VAL B 7  ? 1.0051 0.5750 0.7604 -0.1816 0.0642  0.0042  20  VAL B CG2 
730 O OXT . VAL B 7  ? 1.5436 1.0688 1.3020 -0.1644 0.0567  -0.0353 20  VAL B OXT 
# 
